data_6O09
#
_entry.id   6O09
#
_cell.length_a   72.902
_cell.length_b   90.549
_cell.length_c   90.510
_cell.angle_alpha   60.05
_cell.angle_beta   73.46
_cell.angle_gamma   73.59
#
_symmetry.space_group_name_H-M   'P 1'
#
loop_
_entity.id
_entity.type
_entity.pdbx_description
1 polymer 'Proliferating cellular nuclear antigen 1'
2 polymer 'Uncharacterized protein'
3 water water
#
loop_
_entity_poly.entity_id
_entity_poly.type
_entity_poly.pdbx_seq_one_letter_code
_entity_poly.pdbx_strand_id
1 'polypeptide(L)'
;MGSSHHHHHHSSGLVPRGSHMASMTGGQQMGRGSMGHHHHHHENLYFQGMLELRLVQGSLLKKVLESIKDLVNDANFDCS
STGFSLQAMDSSHVALVSLLLRSEGFEHYRCDRNLSMGMNLGNMSKMLKCAGNDDIITIKADDGGDTVTFMFESPTQDKI
ADFEMKLMDIDSEHLGIPDAEYHSIVRMPSNEFSRICKDLSSIGDTVVISVTKEGVKFSTAGDIGTANIVLRQNTTVDKP
EDAIVIEMKEPVSLSFALRYMNSFTKATPLSDTVTISLSSELPVVVEYKVAEMGYIRYYLAPKIEEEEDTNP
;
C,A,D,F,H,K
2 'polypeptide(L)' YPLVQTKIIDFFRIQRSPEA I,B,E,G,J,L
#
# COMPACT_ATOMS: atom_id res chain seq x y z
N ASN A 44 7.38 21.96 -11.91
CA ASN A 44 8.82 21.98 -12.17
C ASN A 44 9.33 20.55 -12.43
N LEU A 45 10.27 20.42 -13.37
CA LEU A 45 11.00 19.18 -13.60
C LEU A 45 12.50 19.37 -13.51
N TYR A 46 13.02 20.51 -13.96
CA TYR A 46 14.46 20.75 -13.95
C TYR A 46 14.91 21.34 -12.62
N PHE A 47 14.20 20.99 -11.53
CA PHE A 47 14.50 21.52 -10.21
C PHE A 47 15.84 21.00 -9.69
N GLN A 48 16.49 21.83 -8.90
CA GLN A 48 17.66 21.38 -8.17
C GLN A 48 17.18 20.67 -6.91
N GLY A 49 17.71 19.49 -6.67
CA GLY A 49 17.33 18.75 -5.47
C GLY A 49 17.47 19.60 -4.23
N MET A 50 16.62 19.32 -3.25
CA MET A 50 16.51 20.12 -2.04
C MET A 50 16.06 19.23 -0.88
N LEU A 51 16.62 19.50 0.29
CA LEU A 51 16.28 18.79 1.51
C LEU A 51 15.87 19.81 2.55
N GLU A 52 14.76 19.56 3.22
CA GLU A 52 14.33 20.39 4.34
C GLU A 52 13.63 19.51 5.34
N LEU A 53 14.21 19.39 6.54
CA LEU A 53 13.71 18.53 7.60
C LEU A 53 13.51 19.34 8.86
N ARG A 54 12.31 19.27 9.43
CA ARG A 54 11.99 19.92 10.69
C ARG A 54 11.72 18.84 11.72
N LEU A 55 12.56 18.76 12.74
CA LEU A 55 12.48 17.73 13.77
C LEU A 55 12.15 18.40 15.09
N VAL A 56 10.97 18.15 15.63
CA VAL A 56 10.54 18.87 16.83
C VAL A 56 11.38 18.48 18.02
N GLN A 57 11.74 17.20 18.12
CA GLN A 57 12.58 16.69 19.21
C GLN A 57 14.05 16.69 18.77
N GLY A 58 14.61 17.90 18.68
CA GLY A 58 16.02 18.03 18.28
C GLY A 58 16.98 17.13 19.05
N SER A 59 16.72 16.91 20.34
CA SER A 59 17.60 16.07 21.14
C SER A 59 17.85 14.72 20.50
N LEU A 60 16.87 14.22 19.73
CA LEU A 60 17.05 12.94 19.05
C LEU A 60 18.23 13.00 18.11
N LEU A 61 18.33 14.08 17.34
CA LEU A 61 19.38 14.18 16.34
C LEU A 61 20.73 14.34 17.01
N LYS A 62 20.77 15.08 18.11
CA LYS A 62 22.01 15.18 18.87
C LYS A 62 22.48 13.82 19.35
N LYS A 63 21.56 13.00 19.89
CA LYS A 63 21.97 11.69 20.36
C LYS A 63 22.39 10.80 19.19
N VAL A 64 21.76 10.97 18.03
CA VAL A 64 22.13 10.15 16.88
C VAL A 64 23.57 10.43 16.47
N LEU A 65 23.94 11.71 16.37
CA LEU A 65 25.31 12.04 16.01
C LEU A 65 26.31 11.51 17.04
N GLU A 66 26.01 11.67 18.34
CA GLU A 66 26.90 11.12 19.37
C GLU A 66 27.03 9.60 19.24
N SER A 67 26.06 8.93 18.63
CA SER A 67 26.10 7.48 18.49
C SER A 67 27.01 7.01 17.36
N ILE A 68 27.35 7.88 16.41
CA ILE A 68 28.10 7.46 15.23
C ILE A 68 29.40 8.24 15.03
N LYS A 69 29.54 9.43 15.64
CA LYS A 69 30.64 10.32 15.26
C LYS A 69 32.00 9.75 15.64
N ASP A 70 32.07 8.90 16.67
CA ASP A 70 33.34 8.34 17.09
C ASP A 70 33.69 7.07 16.32
N LEU A 71 32.74 6.51 15.60
CA LEU A 71 32.96 5.32 14.79
C LEU A 71 33.26 5.65 13.35
N VAL A 72 32.64 6.72 12.83
CA VAL A 72 32.72 7.11 11.43
C VAL A 72 33.07 8.59 11.36
N ASN A 73 34.05 8.94 10.52
CA ASN A 73 34.55 10.31 10.47
C ASN A 73 33.74 11.18 9.50
N ASP A 74 33.66 10.76 8.24
CA ASP A 74 32.92 11.48 7.21
C ASP A 74 31.96 10.48 6.56
N ALA A 75 30.74 10.91 6.27
CA ALA A 75 29.81 10.00 5.63
C ALA A 75 28.72 10.78 4.93
N ASN A 76 28.05 10.12 3.98
CA ASN A 76 26.88 10.69 3.34
C ASN A 76 25.64 10.41 4.18
N PHE A 77 24.83 11.43 4.39
CA PHE A 77 23.45 11.23 4.80
C PHE A 77 22.61 11.15 3.54
N ASP A 78 21.86 10.06 3.40
CA ASP A 78 21.08 9.83 2.21
C ASP A 78 19.63 10.20 2.48
N CYS A 79 18.99 10.65 1.42
CA CYS A 79 17.64 11.19 1.45
C CYS A 79 16.78 10.34 0.53
N SER A 80 15.67 9.82 1.06
CA SER A 80 14.75 9.04 0.24
C SER A 80 13.35 9.18 0.79
N SER A 81 12.39 8.59 0.05
CA SER A 81 10.99 8.59 0.48
C SER A 81 10.86 8.00 1.88
N THR A 82 11.46 6.83 2.11
CA THR A 82 11.40 6.20 3.42
C THR A 82 11.88 7.14 4.52
N GLY A 83 12.97 7.85 4.28
CA GLY A 83 13.42 8.77 5.31
C GLY A 83 14.86 9.19 5.08
N PHE A 84 15.44 9.66 6.18
CA PHE A 84 16.78 10.23 6.24
C PHE A 84 17.69 9.16 6.82
N SER A 85 18.67 8.69 6.04
CA SER A 85 19.44 7.52 6.41
C SER A 85 20.92 7.76 6.18
N LEU A 86 21.73 6.87 6.77
CA LEU A 86 23.17 6.88 6.63
C LEU A 86 23.66 5.43 6.69
N GLN A 87 24.62 5.09 5.83
CA GLN A 87 25.34 3.83 5.96
C GLN A 87 26.82 4.11 5.74
N ALA A 88 27.67 3.60 6.65
CA ALA A 88 29.10 3.83 6.52
C ALA A 88 29.86 2.81 7.36
N MET A 89 31.07 2.48 6.93
CA MET A 89 31.96 1.66 7.73
C MET A 89 32.92 2.52 8.54
N ASP A 90 33.48 1.92 9.59
CA ASP A 90 34.59 2.58 10.27
C ASP A 90 35.82 2.53 9.37
N SER A 91 36.84 3.31 9.73
CA SER A 91 37.99 3.45 8.83
C SER A 91 38.76 2.16 8.66
N SER A 92 38.72 1.25 9.63
CA SER A 92 39.37 -0.05 9.46
C SER A 92 38.48 -1.08 8.79
N HIS A 93 37.22 -0.75 8.46
CA HIS A 93 36.33 -1.64 7.74
C HIS A 93 35.97 -2.90 8.55
N VAL A 94 35.98 -2.78 9.87
CA VAL A 94 35.65 -3.88 10.77
C VAL A 94 34.19 -3.76 11.21
N ALA A 95 33.69 -2.54 11.24
CA ALA A 95 32.34 -2.28 11.71
C ALA A 95 31.60 -1.45 10.67
N LEU A 96 30.28 -1.62 10.65
CA LEU A 96 29.41 -0.90 9.72
C LEU A 96 28.23 -0.34 10.51
N VAL A 97 27.89 0.92 10.28
CA VAL A 97 26.70 1.51 10.88
C VAL A 97 25.68 1.80 9.80
N SER A 98 24.44 1.40 10.08
CA SER A 98 23.31 1.66 9.19
C SER A 98 22.22 2.30 10.04
N LEU A 99 21.82 3.50 9.64
CA LEU A 99 20.96 4.36 10.44
C LEU A 99 19.77 4.77 9.61
N LEU A 100 18.58 4.84 10.22
CA LEU A 100 17.40 5.38 9.53
C LEU A 100 16.54 6.21 10.46
N LEU A 101 16.22 7.43 10.04
CA LEU A 101 15.19 8.27 10.65
C LEU A 101 14.04 8.37 9.68
N ARG A 102 12.89 7.78 10.03
CA ARG A 102 11.79 7.68 9.09
C ARG A 102 11.11 9.03 8.87
N SER A 103 10.54 9.21 7.68
CA SER A 103 9.97 10.51 7.35
C SER A 103 8.86 10.93 8.31
N GLU A 104 8.07 9.97 8.81
CA GLU A 104 6.92 10.32 9.65
C GLU A 104 7.35 10.87 11.01
N GLY A 105 8.61 10.72 11.40
CA GLY A 105 9.08 11.34 12.62
C GLY A 105 9.40 12.82 12.52
N PHE A 106 9.40 13.39 11.32
CA PHE A 106 9.70 14.80 11.17
C PHE A 106 8.39 15.57 11.02
N GLU A 107 8.33 16.77 11.61
CA GLU A 107 7.15 17.61 11.43
C GLU A 107 7.01 18.06 9.98
N HIS A 108 8.12 18.32 9.30
CA HIS A 108 8.14 18.64 7.87
C HIS A 108 9.23 17.82 7.23
N TYR A 109 8.92 17.21 6.09
CA TYR A 109 9.86 16.29 5.44
C TYR A 109 9.84 16.57 3.94
N ARG A 110 10.81 17.33 3.46
CA ARG A 110 10.99 17.52 2.03
C ARG A 110 12.29 16.84 1.64
N CYS A 111 12.21 15.98 0.66
CA CYS A 111 13.40 15.35 0.16
C CYS A 111 13.25 15.26 -1.35
N ASP A 112 13.45 16.40 -2.00
CA ASP A 112 13.34 16.45 -3.45
C ASP A 112 14.42 15.56 -4.06
N ARG A 113 14.00 14.44 -4.65
CA ARG A 113 14.88 13.43 -5.22
C ARG A 113 15.77 12.84 -4.15
N ASN A 114 16.86 12.18 -4.56
CA ASN A 114 17.74 11.46 -3.64
C ASN A 114 19.06 12.22 -3.51
N LEU A 115 19.00 13.30 -2.75
CA LEU A 115 20.16 13.96 -2.22
C LEU A 115 21.10 13.01 -1.48
N SER A 116 22.37 13.39 -1.44
CA SER A 116 23.30 12.95 -0.42
C SER A 116 24.01 14.19 0.10
N MET A 117 24.14 14.31 1.42
CA MET A 117 24.93 15.36 2.06
C MET A 117 26.21 14.72 2.59
N GLY A 118 27.34 15.04 1.98
CA GLY A 118 28.61 14.59 2.50
C GLY A 118 29.01 15.43 3.69
N MET A 119 29.14 14.78 4.84
CA MET A 119 29.21 15.44 6.14
C MET A 119 30.41 14.93 6.91
N ASN A 120 31.24 15.84 7.43
CA ASN A 120 32.17 15.52 8.51
C ASN A 120 31.37 15.39 9.82
N LEU A 121 31.26 14.16 10.34
CA LEU A 121 30.34 13.91 11.45
C LEU A 121 30.77 14.63 12.73
N GLY A 122 32.08 14.79 12.95
CA GLY A 122 32.52 15.54 14.11
C GLY A 122 32.12 17.01 14.03
N ASN A 123 32.25 17.61 12.86
CA ASN A 123 31.83 19.01 12.72
C ASN A 123 30.33 19.16 12.89
N MET A 124 29.55 18.25 12.28
CA MET A 124 28.11 18.24 12.48
C MET A 124 27.76 18.11 13.95
N SER A 125 28.39 17.15 14.64
CA SER A 125 28.19 16.98 16.07
C SER A 125 28.49 18.27 16.82
N LYS A 126 29.61 18.91 16.49
CA LYS A 126 29.98 20.14 17.17
C LYS A 126 28.90 21.20 17.02
N MET A 127 28.33 21.33 15.82
CA MET A 127 27.25 22.30 15.63
C MET A 127 25.98 21.90 16.37
N LEU A 128 25.63 20.60 16.37
CA LEU A 128 24.43 20.18 17.09
C LEU A 128 24.59 20.29 18.60
N LYS A 129 25.82 20.19 19.11
CA LYS A 129 26.06 20.40 20.54
C LYS A 129 25.65 21.79 20.99
N CYS A 130 25.52 22.73 20.05
CA CYS A 130 25.06 24.08 20.33
C CYS A 130 23.54 24.20 20.36
N ALA A 131 22.82 23.15 19.97
CA ALA A 131 21.37 23.15 20.11
C ALA A 131 20.97 22.79 21.55
N GLY A 132 19.95 23.46 22.06
CA GLY A 132 19.37 23.04 23.33
C GLY A 132 18.55 21.77 23.16
N ASN A 133 18.50 20.98 24.23
CA ASN A 133 17.87 19.66 24.12
C ASN A 133 16.41 19.75 23.72
N ASP A 134 15.75 20.88 23.99
CA ASP A 134 14.35 21.09 23.64
C ASP A 134 14.18 21.96 22.40
N ASP A 135 15.25 22.25 21.67
CA ASP A 135 15.13 23.06 20.46
C ASP A 135 14.49 22.24 19.34
N ILE A 136 13.68 22.92 18.54
CA ILE A 136 13.26 22.41 17.24
C ILE A 136 14.42 22.64 16.28
N ILE A 137 14.79 21.62 15.52
CA ILE A 137 15.95 21.68 14.65
C ILE A 137 15.49 21.50 13.20
N THR A 138 15.99 22.36 12.31
CA THR A 138 15.68 22.27 10.88
C THR A 138 16.97 22.13 10.08
N ILE A 139 17.07 21.08 9.26
CA ILE A 139 18.21 20.86 8.36
C ILE A 139 17.82 21.23 6.94
N LYS A 140 18.66 22.04 6.28
CA LYS A 140 18.42 22.54 4.93
C LYS A 140 19.67 22.38 4.06
N ALA A 141 19.52 21.79 2.88
CA ALA A 141 20.65 21.63 1.97
C ALA A 141 20.18 21.45 0.53
N ASP A 142 21.01 21.91 -0.41
CA ASP A 142 20.80 21.77 -1.85
C ASP A 142 21.50 20.52 -2.37
N ASP A 143 20.94 19.93 -3.44
CA ASP A 143 21.48 18.70 -4.02
C ASP A 143 23.01 18.62 -4.07
N GLY A 144 23.65 19.35 -4.96
CA GLY A 144 25.09 19.37 -4.95
C GLY A 144 25.59 20.64 -4.28
N GLY A 145 24.88 21.07 -3.25
CA GLY A 145 25.19 22.34 -2.62
C GLY A 145 26.51 22.25 -1.88
N ASP A 146 27.02 23.43 -1.55
CA ASP A 146 28.31 23.53 -0.88
C ASP A 146 28.20 23.60 0.64
N THR A 147 27.05 24.02 1.17
CA THR A 147 26.87 24.10 2.60
C THR A 147 25.56 23.44 3.01
N VAL A 148 25.45 23.13 4.30
CA VAL A 148 24.20 22.73 4.90
C VAL A 148 23.90 23.74 6.01
N THR A 149 22.64 24.07 6.18
CA THR A 149 22.23 25.01 7.20
C THR A 149 21.47 24.26 8.29
N PHE A 150 21.80 24.54 9.54
CA PHE A 150 21.03 24.03 10.69
C PHE A 150 20.36 25.21 11.39
N MET A 151 19.05 25.10 11.60
CA MET A 151 18.27 26.11 12.29
C MET A 151 17.83 25.53 13.64
N PHE A 152 18.14 26.22 14.73
CA PHE A 152 17.65 25.83 16.05
C PHE A 152 16.65 26.87 16.55
N GLU A 153 15.39 26.47 16.71
CA GLU A 153 14.35 27.36 17.22
C GLU A 153 13.88 26.87 18.58
N SER A 154 13.88 27.78 19.55
CA SER A 154 13.33 27.46 20.86
C SER A 154 11.81 27.46 20.81
N PRO A 155 11.14 26.54 21.55
CA PRO A 155 9.68 26.56 21.77
C PRO A 155 9.24 27.75 22.62
N GLN A 157 10.80 30.62 24.10
CA GLN A 157 11.64 31.79 23.93
C GLN A 157 11.65 32.26 22.46
N ASP A 158 11.97 33.52 22.24
CA ASP A 158 12.11 34.05 20.88
C ASP A 158 13.57 34.00 20.43
N LYS A 159 14.19 32.83 20.58
CA LYS A 159 15.58 32.61 20.24
C LYS A 159 15.66 31.71 19.02
N ILE A 160 16.39 32.17 18.00
CA ILE A 160 16.61 31.43 16.77
C ILE A 160 18.08 31.47 16.43
N ALA A 161 18.68 30.30 16.18
CA ALA A 161 20.09 30.18 15.84
C ALA A 161 20.24 29.53 14.47
N ASP A 162 21.13 30.09 13.64
CA ASP A 162 21.41 29.52 12.32
C ASP A 162 22.88 29.14 12.25
N PHE A 163 23.15 27.87 11.97
CA PHE A 163 24.51 27.36 11.85
C PHE A 163 24.69 26.85 10.43
N GLU A 164 25.79 27.27 9.78
CA GLU A 164 26.06 26.87 8.40
C GLU A 164 27.42 26.21 8.31
N MET A 165 27.43 24.99 7.80
CA MET A 165 28.61 24.14 7.75
C MET A 165 28.90 23.79 6.30
N LYS A 166 30.18 23.65 5.95
CA LYS A 166 30.51 23.21 4.61
C LYS A 166 30.22 21.72 4.45
N LEU A 167 29.79 21.33 3.26
CA LEU A 167 29.62 19.92 2.93
C LEU A 167 30.89 19.37 2.27
N MET A 168 30.95 18.05 2.12
CA MET A 168 32.02 17.39 1.39
C MET A 168 31.44 16.53 0.27
N ASP A 169 32.28 16.21 -0.70
CA ASP A 169 31.91 15.29 -1.78
C ASP A 169 32.38 13.90 -1.41
N ILE A 170 31.44 12.97 -1.26
CA ILE A 170 31.72 11.61 -0.85
C ILE A 170 30.98 10.66 -1.78
N SER A 172 28.95 7.70 -2.54
CA SER A 172 29.97 6.66 -2.50
C SER A 172 29.36 5.27 -2.73
N GLU A 173 30.13 4.24 -2.43
CA GLU A 173 29.72 2.85 -2.67
C GLU A 173 29.19 2.25 -1.38
N HIS A 174 27.96 1.75 -1.42
CA HIS A 174 27.32 1.14 -0.27
C HIS A 174 27.33 -0.38 -0.41
N LEU A 175 27.44 -1.05 0.71
CA LEU A 175 27.33 -2.50 0.75
C LEU A 175 25.88 -2.94 0.75
N GLY A 176 25.61 -4.08 0.12
CA GLY A 176 24.32 -4.74 0.26
C GLY A 176 24.23 -5.57 1.53
N ILE A 177 23.29 -5.23 2.40
CA ILE A 177 23.07 -5.97 3.64
C ILE A 177 22.09 -7.10 3.33
N PRO A 178 22.47 -8.36 3.55
CA PRO A 178 21.57 -9.46 3.21
C PRO A 178 20.47 -9.60 4.26
N ASP A 179 19.31 -10.05 3.81
CA ASP A 179 18.19 -10.31 4.73
C ASP A 179 18.27 -11.77 5.14
N ALA A 180 19.18 -12.04 6.06
CA ALA A 180 19.46 -13.41 6.47
C ALA A 180 18.61 -13.80 7.69
N GLU A 181 18.58 -15.08 7.98
CA GLU A 181 17.99 -15.57 9.22
C GLU A 181 19.13 -15.84 10.18
N TYR A 182 19.07 -15.23 11.36
CA TYR A 182 20.13 -15.41 12.33
C TYR A 182 19.90 -16.68 13.14
N HIS A 183 21.00 -17.21 13.72
CA HIS A 183 20.91 -18.40 14.54
C HIS A 183 20.45 -18.08 15.95
N SER A 184 20.68 -16.85 16.42
CA SER A 184 20.20 -16.50 17.74
C SER A 184 19.98 -15.00 17.81
N ILE A 185 18.96 -14.62 18.57
CA ILE A 185 18.64 -13.22 18.81
C ILE A 185 18.44 -13.03 20.30
N VAL A 186 19.16 -12.08 20.89
CA VAL A 186 19.02 -11.71 22.29
C VAL A 186 18.50 -10.28 22.35
N ARG A 187 17.40 -10.07 23.06
CA ARG A 187 16.97 -8.72 23.39
C ARG A 187 17.13 -8.50 24.88
N MET A 188 17.67 -7.35 25.26
CA MET A 188 17.98 -7.09 26.66
C MET A 188 17.99 -5.59 26.89
N PRO A 189 17.88 -5.14 28.15
CA PRO A 189 17.93 -3.69 28.40
C PRO A 189 19.28 -3.13 27.97
N SER A 190 19.24 -2.01 27.25
CA SER A 190 20.46 -1.45 26.69
C SER A 190 21.47 -1.10 27.77
N ASN A 191 20.99 -0.60 28.92
CA ASN A 191 21.90 -0.25 30.00
C ASN A 191 22.64 -1.47 30.54
N GLU A 192 21.97 -2.63 30.57
CA GLU A 192 22.62 -3.85 31.04
C GLU A 192 23.70 -4.31 30.06
N PHE A 193 23.44 -4.17 28.76
CA PHE A 193 24.44 -4.57 27.78
C PHE A 193 25.63 -3.63 27.83
N SER A 194 25.36 -2.33 27.95
CA SER A 194 26.42 -1.33 28.12
C SER A 194 27.29 -1.64 29.34
N ARG A 195 26.67 -1.92 30.48
CA ARG A 195 27.44 -2.28 31.66
C ARG A 195 28.29 -3.51 31.41
N ILE A 196 27.73 -4.52 30.76
CA ILE A 196 28.48 -5.76 30.53
C ILE A 196 29.73 -5.48 29.68
N CYS A 197 29.56 -4.72 28.60
CA CYS A 197 30.69 -4.42 27.71
C CYS A 197 31.77 -3.62 28.43
N LYS A 198 31.38 -2.59 29.19
CA LYS A 198 32.40 -1.82 29.90
C LYS A 198 33.10 -2.68 30.94
N ASP A 199 32.36 -3.57 31.63
CA ASP A 199 32.99 -4.40 32.66
C ASP A 199 34.02 -5.35 32.03
N LEU A 200 33.61 -6.11 31.01
CA LEU A 200 34.53 -7.07 30.41
C LEU A 200 35.73 -6.36 29.79
N SER A 201 35.50 -5.20 29.18
CA SER A 201 36.61 -4.51 28.56
C SER A 201 37.63 -4.05 29.58
N SER A 202 37.28 -3.99 30.87
CA SER A 202 38.30 -3.74 31.87
C SER A 202 39.15 -4.97 32.12
N ILE A 203 38.70 -6.16 31.72
CA ILE A 203 39.44 -7.39 31.97
C ILE A 203 40.23 -7.83 30.75
N GLY A 204 39.68 -7.62 29.54
CA GLY A 204 40.37 -8.05 28.34
C GLY A 204 39.84 -7.32 27.12
N ASP A 205 40.36 -7.72 25.96
CA ASP A 205 40.06 -7.02 24.70
C ASP A 205 39.04 -7.74 23.84
N THR A 206 38.85 -9.04 24.00
CA THR A 206 37.99 -9.83 23.14
C THR A 206 36.90 -10.50 23.96
N VAL A 207 35.65 -10.42 23.49
CA VAL A 207 34.55 -11.10 24.18
C VAL A 207 34.03 -12.23 23.29
N VAL A 208 33.89 -13.41 23.88
CA VAL A 208 33.18 -14.51 23.24
C VAL A 208 31.72 -14.40 23.65
N ILE A 209 30.84 -14.29 22.67
CA ILE A 209 29.40 -14.32 22.93
C ILE A 209 28.92 -15.67 22.43
N SER A 210 28.31 -16.46 23.32
CA SER A 210 27.73 -17.74 22.93
C SER A 210 26.30 -17.83 23.42
N VAL A 211 25.43 -18.36 22.57
CA VAL A 211 24.06 -18.68 22.93
C VAL A 211 23.93 -20.19 22.96
N THR A 212 23.47 -20.73 24.08
CA THR A 212 23.13 -22.14 24.24
C THR A 212 21.77 -22.24 24.93
N LYS A 213 21.29 -23.47 25.11
CA LYS A 213 20.10 -23.70 25.92
C LYS A 213 20.23 -23.07 27.31
N GLU A 214 21.46 -22.91 27.81
CA GLU A 214 21.70 -22.30 29.11
C GLU A 214 21.50 -20.79 29.11
N GLY A 215 21.57 -20.13 27.96
CA GLY A 215 21.37 -18.70 27.90
C GLY A 215 22.42 -18.04 27.04
N VAL A 216 22.61 -16.73 27.22
CA VAL A 216 23.68 -16.01 26.53
C VAL A 216 24.83 -15.81 27.50
N LYS A 217 26.03 -16.14 27.07
CA LYS A 217 27.23 -16.06 27.88
C LYS A 217 28.20 -15.12 27.20
N PHE A 218 28.72 -14.16 27.94
CA PHE A 218 29.78 -13.26 27.50
C PHE A 218 31.03 -13.61 28.29
N SER A 219 32.12 -13.95 27.59
CA SER A 219 33.35 -14.41 28.24
C SER A 219 34.53 -13.60 27.74
N THR A 220 35.46 -13.28 28.65
CA THR A 220 36.70 -12.62 28.28
C THR A 220 37.81 -13.12 29.20
N ALA A 221 39.03 -13.06 28.70
CA ALA A 221 40.20 -13.44 29.46
C ALA A 221 41.27 -12.41 29.18
N GLY A 222 42.04 -12.08 30.21
CA GLY A 222 43.05 -11.05 30.07
C GLY A 222 44.16 -11.32 31.05
N ASP A 223 45.04 -10.35 31.24
CA ASP A 223 46.22 -10.58 32.05
C ASP A 223 45.89 -10.86 33.51
N ILE A 224 44.82 -10.25 34.06
CA ILE A 224 44.54 -10.43 35.49
C ILE A 224 43.58 -11.55 35.80
N GLY A 225 42.99 -12.17 34.80
CA GLY A 225 42.10 -13.28 35.06
C GLY A 225 41.04 -13.33 33.99
N THR A 226 40.01 -14.10 34.29
CA THR A 226 38.95 -14.41 33.33
C THR A 226 37.60 -14.00 33.92
N ALA A 227 36.66 -13.75 33.03
CA ALA A 227 35.31 -13.36 33.41
C ALA A 227 34.31 -14.04 32.50
N ASN A 228 33.21 -14.49 33.09
CA ASN A 228 32.12 -15.13 32.38
C ASN A 228 30.83 -14.57 32.95
N ILE A 229 29.99 -14.01 32.10
CA ILE A 229 28.71 -13.46 32.51
C ILE A 229 27.62 -14.19 31.75
N VAL A 230 26.65 -14.74 32.47
CA VAL A 230 25.58 -15.54 31.90
C VAL A 230 24.26 -14.86 32.19
N LEU A 231 23.48 -14.59 31.15
CA LEU A 231 22.11 -14.11 31.27
C LEU A 231 21.18 -15.22 30.81
N ARG A 232 20.17 -15.52 31.61
CA ARG A 232 19.17 -16.44 31.10
C ARG A 232 17.92 -15.65 30.74
N GLN A 233 17.10 -16.26 29.88
CA GLN A 233 15.83 -15.66 29.54
C GLN A 233 15.06 -15.31 30.82
N ASN A 234 14.50 -14.10 30.84
CA ASN A 234 13.71 -13.67 31.99
C ASN A 234 12.65 -12.67 31.52
N THR A 235 11.39 -13.10 31.54
CA THR A 235 10.28 -12.22 31.25
C THR A 235 9.41 -12.00 32.49
N THR A 236 9.94 -12.23 33.67
CA THR A 236 9.20 -12.02 34.92
C THR A 236 9.32 -10.55 35.30
N VAL A 237 8.71 -9.69 34.47
CA VAL A 237 8.78 -8.24 34.64
C VAL A 237 7.46 -7.62 34.23
N ASP A 238 7.12 -6.51 34.86
CA ASP A 238 5.89 -5.82 34.51
C ASP A 238 6.05 -4.95 33.28
N LYS A 239 7.27 -4.48 33.00
CA LYS A 239 7.51 -3.71 31.78
C LYS A 239 8.34 -4.55 30.82
N PRO A 240 7.82 -4.84 29.63
CA PRO A 240 8.52 -5.75 28.70
C PRO A 240 9.91 -5.28 28.27
N GLU A 241 10.18 -3.99 28.26
CA GLU A 241 11.52 -3.53 27.92
C GLU A 241 12.55 -3.93 28.97
N ASP A 242 12.10 -4.37 30.15
CA ASP A 242 13.01 -4.88 31.17
C ASP A 242 13.37 -6.34 30.97
N ALA A 243 12.76 -7.00 30.00
CA ALA A 243 12.92 -8.43 29.86
C ALA A 243 14.28 -8.76 29.26
N ILE A 244 14.73 -9.99 29.53
CA ILE A 244 15.82 -10.61 28.78
C ILE A 244 15.19 -11.70 27.94
N VAL A 245 15.18 -11.54 26.62
CA VAL A 245 14.54 -12.52 25.73
C VAL A 245 15.61 -13.15 24.86
N ILE A 246 15.64 -14.48 24.83
CA ILE A 246 16.60 -15.22 24.00
C ILE A 246 15.82 -16.14 23.08
N GLU A 247 16.05 -16.00 21.77
CA GLU A 247 15.41 -16.86 20.78
C GLU A 247 16.54 -17.55 20.03
N MET A 248 16.77 -18.82 20.34
CA MET A 248 17.84 -19.55 19.69
C MET A 248 17.30 -20.56 18.70
N LYS A 249 17.70 -20.43 17.44
CA LYS A 249 17.37 -21.47 16.46
C LYS A 249 18.47 -22.51 16.38
N GLU A 250 19.73 -22.10 16.46
CA GLU A 250 20.86 -22.99 16.61
C GLU A 250 21.84 -22.33 17.55
N PRO A 251 22.57 -23.11 18.35
CA PRO A 251 23.62 -22.51 19.18
C PRO A 251 24.63 -21.79 18.33
N VAL A 252 25.22 -20.74 18.88
CA VAL A 252 26.22 -19.98 18.14
C VAL A 252 27.18 -19.33 19.11
N SER A 253 28.47 -19.35 18.76
CA SER A 253 29.50 -18.74 19.60
C SER A 253 30.51 -18.06 18.70
N LEU A 254 30.78 -16.77 18.96
CA LEU A 254 31.70 -16.00 18.13
C LEU A 254 32.45 -15.00 18.99
N SER A 255 33.62 -14.57 18.49
CA SER A 255 34.49 -13.65 19.21
C SER A 255 34.51 -12.27 18.55
N PHE A 256 34.56 -11.23 19.38
CA PHE A 256 34.47 -9.85 18.91
C PHE A 256 35.37 -8.93 19.71
N ALA A 257 35.82 -7.86 19.06
CA ALA A 257 36.61 -6.84 19.74
C ALA A 257 35.70 -6.01 20.65
N LEU A 258 36.06 -5.91 21.93
CA LEU A 258 35.23 -5.14 22.84
C LEU A 258 35.30 -3.65 22.54
N ARG A 259 36.42 -3.17 22.02
CA ARG A 259 36.54 -1.75 21.74
C ARG A 259 35.42 -1.27 20.82
N TYR A 260 35.07 -2.08 19.83
CA TYR A 260 33.97 -1.71 18.95
C TYR A 260 32.63 -1.82 19.66
N MET A 261 32.46 -2.88 20.45
CA MET A 261 31.21 -3.03 21.20
C MET A 261 30.97 -1.81 22.07
N ASN A 262 32.03 -1.31 22.74
CA ASN A 262 31.87 -0.14 23.60
C ASN A 262 31.54 1.12 22.79
N SER A 263 31.96 1.23 21.54
CA SER A 263 31.51 2.42 20.80
C SER A 263 30.04 2.29 20.43
N PHE A 264 29.57 1.07 20.14
CA PHE A 264 28.15 0.86 19.87
C PHE A 264 27.27 1.35 21.03
N THR A 265 27.72 1.14 22.27
CA THR A 265 26.89 1.48 23.43
C THR A 265 26.76 2.99 23.67
N LYS A 266 27.44 3.82 22.87
CA LYS A 266 27.14 5.26 22.84
C LYS A 266 25.70 5.55 22.41
N ALA A 267 25.02 4.60 21.76
CA ALA A 267 23.63 4.80 21.37
C ALA A 267 22.65 4.51 22.50
N THR A 268 23.13 4.11 23.67
CA THR A 268 22.24 3.72 24.76
C THR A 268 21.18 4.78 25.10
N PRO A 269 21.48 6.08 25.15
CA PRO A 269 20.42 7.03 25.52
C PRO A 269 19.26 7.10 24.52
N LEU A 270 19.38 6.48 23.35
CA LEU A 270 18.29 6.50 22.38
C LEU A 270 17.21 5.45 22.64
N SER A 271 17.51 4.39 23.39
CA SER A 271 16.71 3.17 23.32
C SER A 271 16.80 2.41 24.64
N ASP A 272 15.66 2.09 25.25
CA ASP A 272 15.63 1.30 26.47
C ASP A 272 16.07 -0.14 26.25
N THR A 273 16.20 -0.55 25.00
CA THR A 273 16.35 -1.93 24.60
C THR A 273 17.46 -2.05 23.55
N VAL A 274 18.12 -3.19 23.52
CA VAL A 274 19.09 -3.50 22.48
C VAL A 274 18.87 -4.94 22.04
N THR A 275 19.02 -5.18 20.74
CA THR A 275 18.83 -6.51 20.16
C THR A 275 20.13 -6.92 19.50
N ILE A 276 20.58 -8.13 19.80
CA ILE A 276 21.85 -8.66 19.33
C ILE A 276 21.53 -9.89 18.49
N SER A 277 21.85 -9.86 17.20
CA SER A 277 21.55 -10.97 16.30
C SER A 277 22.84 -11.66 15.89
N LEU A 278 22.89 -12.99 16.05
CA LEU A 278 24.09 -13.77 15.82
C LEU A 278 23.82 -14.91 14.85
N SER A 279 24.78 -15.12 13.94
CA SER A 279 24.89 -16.37 13.21
C SER A 279 26.36 -16.60 12.93
N SER A 280 26.75 -17.88 12.87
CA SER A 280 28.15 -18.22 12.71
C SER A 280 28.75 -17.78 11.38
N GLU A 281 27.94 -17.34 10.42
CA GLU A 281 28.43 -16.96 9.09
C GLU A 281 28.31 -15.46 8.82
N LEU A 282 28.08 -14.65 9.84
CA LEU A 282 27.82 -13.25 9.57
C LEU A 282 28.44 -12.40 10.67
N PRO A 283 28.65 -11.11 10.40
CA PRO A 283 28.86 -10.16 11.49
C PRO A 283 27.74 -10.29 12.50
N VAL A 284 28.01 -9.89 13.76
CA VAL A 284 26.93 -9.66 14.71
C VAL A 284 26.24 -8.34 14.39
N VAL A 285 24.94 -8.28 14.67
CA VAL A 285 24.16 -7.06 14.53
C VAL A 285 23.71 -6.62 15.91
N VAL A 286 23.87 -5.35 16.20
CA VAL A 286 23.51 -4.77 17.49
C VAL A 286 22.60 -3.60 17.16
N GLU A 287 21.32 -3.71 17.49
CA GLU A 287 20.33 -2.75 17.02
C GLU A 287 19.73 -1.96 18.18
N TYR A 288 19.69 -0.64 18.03
CA TYR A 288 19.05 0.29 18.94
C TYR A 288 17.88 0.96 18.22
N LYS A 289 16.80 1.22 18.95
CA LYS A 289 15.72 2.02 18.41
C LYS A 289 16.02 3.52 18.56
N VAL A 290 15.53 4.32 17.62
CA VAL A 290 15.69 5.78 17.70
C VAL A 290 14.33 6.35 18.06
N ALA A 291 14.11 6.57 19.36
CA ALA A 291 12.78 6.95 19.85
C ALA A 291 11.81 5.95 19.23
N GLU A 292 10.70 6.40 18.62
CA GLU A 292 9.79 5.54 17.89
C GLU A 292 9.82 5.83 16.39
N MET A 293 10.95 6.32 15.87
CA MET A 293 10.98 6.82 14.50
C MET A 293 12.15 6.28 13.70
N GLY A 294 12.75 5.17 14.10
CA GLY A 294 13.82 4.61 13.28
C GLY A 294 14.73 3.73 14.11
N TYR A 295 15.96 3.58 13.61
CA TYR A 295 16.90 2.66 14.25
C TYR A 295 18.32 3.08 13.92
N ILE A 296 19.25 2.54 14.72
CA ILE A 296 20.67 2.49 14.42
C ILE A 296 21.07 1.04 14.57
N ARG A 297 21.59 0.45 13.50
CA ARG A 297 22.13 -0.90 13.54
C ARG A 297 23.63 -0.84 13.35
N TYR A 298 24.35 -1.52 14.23
CA TYR A 298 25.79 -1.68 14.11
C TYR A 298 26.10 -3.11 13.73
N TYR A 299 26.94 -3.30 12.73
CA TYR A 299 27.40 -4.62 12.32
C TYR A 299 28.88 -4.73 12.62
N LEU A 300 29.30 -5.86 13.19
CA LEU A 300 30.68 -6.01 13.59
C LEU A 300 31.20 -7.35 13.08
N ALA A 301 32.31 -7.33 12.35
CA ALA A 301 32.88 -8.56 11.82
C ALA A 301 33.58 -9.32 12.95
N PRO A 302 33.51 -10.66 12.95
CA PRO A 302 34.08 -11.43 14.06
C PRO A 302 35.58 -11.61 13.94
N LYS A 303 36.19 -12.04 15.05
CA LYS A 303 37.54 -12.55 15.05
C LYS A 303 37.48 -14.06 14.98
N ILE A 304 38.28 -14.65 14.07
CA ILE A 304 38.22 -16.07 13.79
C ILE A 304 39.62 -16.65 13.84
N GLU A 305 39.72 -17.96 14.02
CA GLU A 305 41.02 -18.61 14.02
C GLU A 305 41.63 -18.55 12.63
N GLU A 306 42.95 -18.36 12.58
CA GLU A 306 43.67 -18.13 11.33
C GLU A 306 43.37 -19.20 10.27
N PRO B 2 46.11 -18.27 17.08
CA PRO B 2 45.81 -16.84 17.15
C PRO B 2 44.52 -16.48 16.42
N LEU B 3 43.85 -15.41 16.86
CA LEU B 3 42.65 -14.91 16.21
C LEU B 3 43.02 -13.78 15.24
N VAL B 4 42.25 -13.69 14.16
CA VAL B 4 42.42 -12.65 13.15
C VAL B 4 41.13 -11.85 13.07
N GLN B 5 41.24 -10.53 13.02
CA GLN B 5 40.07 -9.67 12.85
C GLN B 5 39.62 -9.71 11.39
N THR B 6 38.45 -10.30 11.11
CA THR B 6 37.91 -10.26 9.75
C THR B 6 37.38 -8.85 9.46
N LYS B 7 36.97 -8.63 8.21
CA LYS B 7 36.42 -7.34 7.78
C LYS B 7 34.97 -7.51 7.32
N ILE B 8 34.20 -6.43 7.44
CA ILE B 8 32.83 -6.41 6.92
C ILE B 8 32.81 -6.79 5.45
N ILE B 9 33.78 -6.28 4.68
CA ILE B 9 33.91 -6.52 3.24
C ILE B 9 34.06 -8.00 2.93
N ASP B 10 34.54 -8.79 3.88
CA ASP B 10 34.57 -10.24 3.68
C ASP B 10 33.19 -10.86 3.66
N PHE B 11 32.15 -10.14 4.08
CA PHE B 11 30.80 -10.67 4.24
C PHE B 11 29.77 -10.02 3.34
N PHE B 12 29.85 -8.72 3.11
CA PHE B 12 28.83 -8.00 2.36
C PHE B 12 29.39 -7.52 1.03
N ARG B 13 28.57 -7.65 -0.03
CA ARG B 13 28.93 -7.22 -1.39
C ARG B 13 28.64 -5.73 -1.58
N ILE B 14 29.10 -5.21 -2.71
CA ILE B 14 29.16 -3.77 -2.93
C ILE B 14 27.85 -3.24 -3.53
N GLN B 15 26.85 -4.10 -3.64
CA GLN B 15 25.48 -3.70 -4.03
C GLN B 15 25.42 -3.23 -5.48
N ASN C 44 -2.82 -11.83 23.03
CA ASN C 44 -4.05 -11.40 23.70
C ASN C 44 -5.16 -11.13 22.68
N LEU C 45 -6.37 -11.58 22.99
CA LEU C 45 -7.53 -11.31 22.16
C LEU C 45 -8.68 -10.69 22.94
N TYR C 46 -8.88 -11.10 24.20
CA TYR C 46 -9.98 -10.58 24.99
C TYR C 46 -9.60 -9.30 25.73
N PHE C 47 -8.72 -8.50 25.16
CA PHE C 47 -8.25 -7.32 25.87
C PHE C 47 -9.32 -6.22 25.89
N GLN C 48 -9.22 -5.35 26.89
CA GLN C 48 -10.01 -4.13 26.88
C GLN C 48 -9.29 -3.11 26.02
N GLY C 49 -10.03 -2.47 25.12
CA GLY C 49 -9.43 -1.46 24.27
C GLY C 49 -8.80 -0.35 25.10
N MET C 50 -7.71 0.18 24.57
CA MET C 50 -6.93 1.22 25.22
C MET C 50 -6.47 2.24 24.20
N LEU C 51 -6.35 3.48 24.65
CA LEU C 51 -5.93 4.61 23.83
C LEU C 51 -4.76 5.23 24.56
N GLU C 52 -3.65 5.40 23.88
CA GLU C 52 -2.52 6.13 24.45
C GLU C 52 -1.84 6.92 23.35
N LEU C 53 -1.94 8.25 23.42
CA LEU C 53 -1.38 9.16 22.43
C LEU C 53 -0.38 10.09 23.10
N ARG C 54 0.79 10.21 22.51
CA ARG C 54 1.84 11.13 22.96
C ARG C 54 2.08 12.14 21.86
N LEU C 55 1.80 13.41 22.15
CA LEU C 55 1.93 14.49 21.18
C LEU C 55 3.00 15.44 21.69
N VAL C 56 4.11 15.55 20.97
CA VAL C 56 5.21 16.37 21.45
C VAL C 56 4.85 17.85 21.40
N GLN C 57 4.10 18.26 20.37
CA GLN C 57 3.62 19.63 20.22
C GLN C 57 2.22 19.76 20.83
N GLY C 58 2.17 19.65 22.16
CA GLY C 58 0.89 19.80 22.87
C GLY C 58 0.06 21.00 22.45
N SER C 59 0.70 22.13 22.13
CA SER C 59 -0.05 23.31 21.74
C SER C 59 -0.98 23.06 20.55
N LEU C 60 -0.69 22.04 19.73
CA LEU C 60 -1.62 21.73 18.65
C LEU C 60 -2.96 21.32 19.22
N LEU C 61 -2.94 20.49 20.25
CA LEU C 61 -4.19 19.99 20.82
C LEU C 61 -4.96 21.11 21.49
N LYS C 62 -4.26 22.00 22.20
CA LYS C 62 -4.92 23.17 22.76
C LYS C 62 -5.64 23.95 21.68
N LYS C 63 -4.93 24.24 20.58
CA LYS C 63 -5.55 25.01 19.50
C LYS C 63 -6.73 24.27 18.89
N VAL C 64 -6.64 22.95 18.78
CA VAL C 64 -7.73 22.18 18.18
C VAL C 64 -8.97 22.32 19.05
N LEU C 65 -8.84 22.09 20.35
CA LEU C 65 -10.00 22.22 21.24
C LEU C 65 -10.60 23.61 21.16
N GLU C 66 -9.75 24.64 21.14
CA GLU C 66 -10.26 26.00 21.01
C GLU C 66 -10.99 26.22 19.69
N SER C 67 -10.70 25.42 18.67
CA SER C 67 -11.38 25.58 17.38
C SER C 67 -12.78 24.98 17.35
N ILE C 68 -13.11 24.11 18.30
CA ILE C 68 -14.36 23.35 18.22
C ILE C 68 -15.23 23.50 19.45
N LYS C 69 -14.69 23.94 20.58
CA LYS C 69 -15.42 23.89 21.84
C LYS C 69 -16.61 24.85 21.84
N ASP C 70 -16.54 25.95 21.11
CA ASP C 70 -17.66 26.89 21.11
C ASP C 70 -18.73 26.49 20.11
N LEU C 71 -18.41 25.61 19.20
CA LEU C 71 -19.36 25.12 18.22
C LEU C 71 -20.07 23.87 18.71
N VAL C 72 -19.33 22.97 19.37
CA VAL C 72 -19.83 21.67 19.78
C VAL C 72 -19.58 21.52 21.29
N ASN C 73 -20.61 21.10 22.02
CA ASN C 73 -20.53 21.00 23.47
C ASN C 73 -19.95 19.66 23.92
N ASP C 74 -20.57 18.56 23.47
CA ASP C 74 -20.16 17.22 23.83
C ASP C 74 -20.01 16.41 22.55
N ALA C 75 -18.95 15.63 22.47
CA ALA C 75 -18.77 14.82 21.27
C ALA C 75 -17.85 13.65 21.58
N ASN C 76 -17.90 12.66 20.70
CA ASN C 76 -16.99 11.53 20.73
C ASN C 76 -15.72 11.86 19.98
N PHE C 77 -14.57 11.55 20.58
CA PHE C 77 -13.34 11.45 19.82
C PHE C 77 -13.20 10.00 19.42
N ASP C 78 -12.86 9.77 18.16
CA ASP C 78 -12.84 8.43 17.62
C ASP C 78 -11.40 8.00 17.35
N CYS C 79 -11.22 6.70 17.39
CA CYS C 79 -9.94 6.03 17.37
C CYS C 79 -9.92 5.10 16.18
N SER C 80 -8.95 5.27 15.29
CA SER C 80 -8.83 4.38 14.15
C SER C 80 -7.38 4.32 13.71
N SER C 81 -7.09 3.39 12.80
CA SER C 81 -5.74 3.25 12.26
C SER C 81 -5.24 4.56 11.66
N THR C 82 -6.10 5.21 10.85
CA THR C 82 -5.75 6.50 10.27
C THR C 82 -5.37 7.51 11.35
N GLY C 83 -6.11 7.56 12.44
CA GLY C 83 -5.73 8.51 13.47
C GLY C 83 -6.86 8.77 14.44
N PHE C 84 -6.75 9.93 15.08
CA PHE C 84 -7.59 10.39 16.16
C PHE C 84 -8.53 11.44 15.56
N SER C 85 -9.83 11.17 15.54
CA SER C 85 -10.76 12.00 14.78
C SER C 85 -12.00 12.32 15.60
N LEU C 86 -12.79 13.24 15.06
CA LEU C 86 -14.05 13.67 15.67
C LEU C 86 -14.96 14.18 14.56
N GLN C 87 -16.25 13.82 14.65
CA GLN C 87 -17.26 14.44 13.81
C GLN C 87 -18.48 14.76 14.66
N ALA C 88 -18.98 16.00 14.56
CA ALA C 88 -20.17 16.34 15.35
C ALA C 88 -20.81 17.58 14.74
N MET C 89 -22.10 17.72 14.98
CA MET C 89 -22.83 18.91 14.55
C MET C 89 -22.96 19.89 15.71
N ASP C 90 -23.23 21.15 15.37
CA ASP C 90 -23.61 22.07 16.44
C ASP C 90 -25.01 21.71 16.92
N SER C 91 -25.40 22.29 18.06
CA SER C 91 -26.67 21.87 18.67
C SER C 91 -27.87 22.21 17.81
N SER C 92 -27.77 23.20 16.91
CA SER C 92 -28.90 23.50 16.03
C SER C 92 -28.85 22.72 14.72
N HIS C 93 -27.82 21.90 14.50
CA HIS C 93 -27.71 21.05 13.31
C HIS C 93 -27.52 21.87 12.03
N VAL C 94 -26.92 23.04 12.13
CA VAL C 94 -26.70 23.90 10.98
C VAL C 94 -25.27 23.71 10.48
N ALA C 95 -24.38 23.27 11.35
CA ALA C 95 -22.97 23.17 11.03
C ALA C 95 -22.44 21.83 11.50
N LEU C 96 -21.43 21.34 10.80
CA LEU C 96 -20.80 20.07 11.12
C LEU C 96 -19.29 20.29 11.17
N VAL C 97 -18.63 19.76 12.19
CA VAL C 97 -17.16 19.81 12.26
C VAL C 97 -16.64 18.40 12.08
N SER C 98 -15.61 18.25 11.26
CA SER C 98 -15.01 16.96 10.98
C SER C 98 -13.51 17.15 11.08
N LEU C 99 -12.88 16.44 12.01
CA LEU C 99 -11.52 16.71 12.43
C LEU C 99 -10.71 15.44 12.35
N LEU C 100 -9.45 15.54 11.93
CA LEU C 100 -8.56 14.38 11.94
C LEU C 100 -7.16 14.79 12.36
N LEU C 101 -6.60 14.06 13.34
CA LEU C 101 -5.19 14.15 13.72
C LEU C 101 -4.54 12.82 13.36
N ARG C 102 -3.74 12.84 12.29
CA ARG C 102 -3.18 11.61 11.76
C ARG C 102 -2.20 10.97 12.74
N SER C 103 -2.13 9.64 12.72
CA SER C 103 -1.34 8.93 13.71
C SER C 103 0.14 9.26 13.60
N GLU C 104 0.63 9.49 12.37
CA GLU C 104 2.05 9.79 12.19
C GLU C 104 2.47 11.08 12.87
N GLY C 105 1.53 11.97 13.16
CA GLY C 105 1.91 13.13 13.92
C GLY C 105 2.12 12.91 15.40
N PHE C 106 1.87 11.70 15.93
CA PHE C 106 2.10 11.43 17.34
C PHE C 106 3.45 10.73 17.51
N GLU C 107 4.17 11.08 18.58
CA GLU C 107 5.40 10.35 18.89
C GLU C 107 5.09 8.91 19.28
N HIS C 108 4.00 8.70 19.99
CA HIS C 108 3.49 7.37 20.34
C HIS C 108 2.00 7.34 20.03
N TYR C 109 1.55 6.29 19.38
CA TYR C 109 0.16 6.21 18.95
C TYR C 109 -0.35 4.81 19.21
N ARG C 110 -1.11 4.64 20.29
CA ARG C 110 -1.74 3.37 20.57
C ARG C 110 -3.25 3.53 20.47
N CYS C 111 -3.88 2.67 19.72
CA CYS C 111 -5.33 2.66 19.61
C CYS C 111 -5.74 1.21 19.46
N ASP C 112 -5.91 0.54 20.60
CA ASP C 112 -5.99 -0.91 20.61
C ASP C 112 -7.16 -1.42 19.77
N ARG C 113 -8.37 -0.90 20.01
CA ARG C 113 -9.54 -1.25 19.23
C ARG C 113 -10.03 -0.01 18.48
N ASN C 114 -11.25 -0.08 17.93
CA ASN C 114 -11.91 1.12 17.40
C ASN C 114 -12.73 1.70 18.54
N LEU C 115 -12.06 2.49 19.35
CA LEU C 115 -12.55 3.06 20.60
C LEU C 115 -13.15 4.45 20.37
N SER C 116 -14.02 4.86 21.29
CA SER C 116 -14.56 6.21 21.34
C SER C 116 -14.49 6.75 22.77
N MET C 117 -14.13 8.03 22.90
CA MET C 117 -14.17 8.74 24.17
C MET C 117 -15.22 9.84 24.09
N GLY C 118 -16.24 9.74 24.94
CA GLY C 118 -17.26 10.76 25.03
C GLY C 118 -16.84 11.89 25.96
N MET C 119 -16.73 13.08 25.40
CA MET C 119 -16.04 14.19 26.03
C MET C 119 -16.94 15.40 26.07
N ASN C 120 -16.96 16.09 27.21
CA ASN C 120 -17.44 17.46 27.29
C ASN C 120 -16.31 18.38 26.82
N LEU C 121 -16.50 19.03 25.67
CA LEU C 121 -15.38 19.74 25.04
C LEU C 121 -14.91 20.93 25.88
N GLY C 122 -15.84 21.64 26.52
CA GLY C 122 -15.45 22.73 27.40
C GLY C 122 -14.59 22.28 28.56
N ASN C 123 -14.95 21.15 29.18
CA ASN C 123 -14.15 20.62 30.29
C ASN C 123 -12.77 20.20 29.82
N MET C 124 -12.70 19.50 28.69
CA MET C 124 -11.42 19.12 28.11
C MET C 124 -10.56 20.35 27.83
N SER C 125 -11.19 21.38 27.29
CA SER C 125 -10.50 22.62 26.99
C SER C 125 -9.97 23.27 28.26
N LYS C 126 -10.79 23.29 29.31
CA LYS C 126 -10.33 23.86 30.59
C LYS C 126 -9.09 23.15 31.07
N MET C 127 -9.04 21.81 30.95
CA MET C 127 -7.87 21.07 31.41
C MET C 127 -6.66 21.36 30.52
N LEU C 128 -6.84 21.40 29.20
CA LEU C 128 -5.72 21.67 28.31
C LEU C 128 -5.24 23.11 28.40
N LYS C 129 -6.11 24.04 28.84
CA LYS C 129 -5.64 25.38 29.14
C LYS C 129 -4.58 25.36 30.22
N CYS C 130 -4.54 24.31 31.04
CA CYS C 130 -3.54 24.19 32.09
C CYS C 130 -2.21 23.64 31.57
N ALA C 131 -2.12 23.27 30.30
CA ALA C 131 -0.87 22.80 29.74
C ALA C 131 -0.07 23.98 29.19
N GLY C 132 1.25 23.95 29.40
CA GLY C 132 2.10 24.95 28.81
C GLY C 132 2.22 24.75 27.30
N ASN C 133 2.43 25.84 26.58
CA ASN C 133 2.42 25.76 25.13
C ASN C 133 3.50 24.82 24.61
N ASP C 134 4.59 24.65 25.37
CA ASP C 134 5.68 23.76 24.98
C ASP C 134 5.58 22.37 25.61
N ASP C 135 4.51 22.08 26.34
CA ASP C 135 4.42 20.80 27.04
C ASP C 135 4.18 19.65 26.07
N ILE C 136 4.67 18.48 26.44
CA ILE C 136 4.33 17.23 25.78
C ILE C 136 3.07 16.69 26.43
N ILE C 137 2.08 16.35 25.63
CA ILE C 137 0.78 15.93 26.14
C ILE C 137 0.59 14.45 25.84
N THR C 138 0.15 13.69 26.84
CA THR C 138 -0.22 12.30 26.65
C THR C 138 -1.68 12.11 27.05
N ILE C 139 -2.47 11.53 26.15
CA ILE C 139 -3.87 11.21 26.41
C ILE C 139 -3.98 9.70 26.58
N LYS C 140 -4.64 9.27 27.67
CA LYS C 140 -4.77 7.86 27.97
C LYS C 140 -6.19 7.56 28.45
N ALA C 141 -6.80 6.56 27.86
CA ALA C 141 -8.16 6.18 28.22
C ALA C 141 -8.39 4.73 27.85
N ASP C 142 -9.26 4.09 28.61
CA ASP C 142 -9.71 2.72 28.38
C ASP C 142 -11.05 2.77 27.66
N ASP C 143 -11.29 1.77 26.80
CA ASP C 143 -12.45 1.77 25.91
C ASP C 143 -13.73 2.24 26.59
N GLY C 144 -14.32 1.42 27.43
CA GLY C 144 -15.53 1.85 28.11
C GLY C 144 -15.24 2.48 29.46
N GLY C 145 -14.08 3.12 29.59
CA GLY C 145 -13.64 3.61 30.88
C GLY C 145 -14.47 4.76 31.37
N ASP C 146 -14.32 5.03 32.66
CA ASP C 146 -15.03 6.14 33.30
C ASP C 146 -14.33 7.48 33.16
N THR C 147 -13.01 7.47 32.99
CA THR C 147 -12.24 8.70 32.96
C THR C 147 -11.25 8.67 31.79
N VAL C 148 -10.70 9.83 31.48
CA VAL C 148 -9.56 9.96 30.60
C VAL C 148 -8.49 10.70 31.37
N THR C 149 -7.24 10.34 31.15
CA THR C 149 -6.14 10.99 31.84
C THR C 149 -5.35 11.84 30.86
N PHE C 150 -5.05 13.07 31.24
CA PHE C 150 -4.13 13.93 30.49
C PHE C 150 -2.87 14.13 31.30
N MET C 151 -1.73 13.83 30.70
CA MET C 151 -0.43 14.07 31.33
C MET C 151 0.31 15.12 30.53
N PHE C 152 0.77 16.16 31.21
CA PHE C 152 1.56 17.20 30.59
C PHE C 152 2.98 17.11 31.16
N GLU C 153 3.98 16.92 30.30
CA GLU C 153 5.38 16.91 30.72
C GLU C 153 6.11 18.08 30.09
N SER C 154 6.86 18.81 30.92
CA SER C 154 7.70 19.89 30.40
C SER C 154 8.93 19.30 29.72
N PRO C 155 9.28 19.75 28.50
CA PRO C 155 10.49 19.29 27.81
C PRO C 155 11.75 19.53 28.61
N ASP C 158 11.20 18.67 34.40
CA ASP C 158 11.02 19.12 35.78
C ASP C 158 9.60 18.90 36.28
N LYS C 159 8.62 19.46 35.56
CA LYS C 159 7.21 19.39 35.92
C LYS C 159 6.54 18.23 35.21
N ILE C 160 5.68 17.52 35.94
CA ILE C 160 4.77 16.54 35.37
C ILE C 160 3.41 16.78 36.00
N ALA C 161 2.43 17.15 35.18
CA ALA C 161 1.07 17.38 35.62
C ALA C 161 0.19 16.25 35.12
N ASP C 162 -0.74 15.81 35.96
CA ASP C 162 -1.68 14.77 35.56
C ASP C 162 -3.09 15.26 35.86
N PHE C 163 -3.94 15.28 34.84
CA PHE C 163 -5.30 15.73 34.95
C PHE C 163 -6.22 14.59 34.58
N GLU C 164 -7.22 14.33 35.41
CA GLU C 164 -8.19 13.26 35.18
C GLU C 164 -9.59 13.83 35.12
N MET C 165 -10.31 13.48 34.06
CA MET C 165 -11.62 14.03 33.77
C MET C 165 -12.58 12.86 33.58
N LYS C 166 -13.82 13.05 33.97
CA LYS C 166 -14.83 12.04 33.69
C LYS C 166 -15.17 12.04 32.20
N LEU C 167 -15.47 10.85 31.68
CA LEU C 167 -16.00 10.74 30.32
C LEU C 167 -17.53 10.74 30.37
N MET C 168 -18.16 10.60 29.22
CA MET C 168 -19.61 10.40 29.15
C MET C 168 -19.93 9.39 28.06
N ASP C 169 -21.08 8.74 28.22
CA ASP C 169 -21.59 7.84 27.19
C ASP C 169 -22.36 8.68 26.18
N ILE C 170 -21.87 8.71 24.94
CA ILE C 170 -22.45 9.52 23.88
C ILE C 170 -22.73 8.59 22.72
N ASP C 171 -23.98 8.58 22.27
CA ASP C 171 -24.32 7.77 21.11
C ASP C 171 -23.81 8.46 19.85
N SER C 172 -23.10 7.69 19.02
CA SER C 172 -22.46 8.21 17.82
C SER C 172 -23.20 7.65 16.61
N GLU C 173 -23.99 8.49 15.95
CA GLU C 173 -24.63 8.09 14.70
C GLU C 173 -23.70 8.37 13.52
N HIS C 174 -23.30 9.64 13.35
CA HIS C 174 -22.38 10.09 12.30
C HIS C 174 -23.03 10.06 10.93
N LEU C 175 -22.92 11.17 10.22
CA LEU C 175 -23.39 11.30 8.85
C LEU C 175 -22.31 10.87 7.87
N GLY C 176 -22.73 10.37 6.73
CA GLY C 176 -21.82 10.15 5.62
C GLY C 176 -21.53 11.41 4.84
N ILE C 177 -20.26 11.83 4.80
CA ILE C 177 -19.84 12.97 3.98
C ILE C 177 -19.66 12.48 2.55
N PRO C 178 -20.38 13.04 1.60
CA PRO C 178 -20.25 12.57 0.21
C PRO C 178 -18.96 13.10 -0.41
N ASP C 179 -18.32 12.28 -1.24
CA ASP C 179 -17.14 12.72 -1.97
C ASP C 179 -17.63 13.43 -3.21
N ALA C 180 -17.91 14.72 -3.07
CA ALA C 180 -18.53 15.52 -4.11
C ALA C 180 -17.48 16.32 -4.87
N GLU C 181 -17.84 16.72 -6.08
CA GLU C 181 -17.06 17.69 -6.84
C GLU C 181 -17.71 19.06 -6.66
N TYR C 182 -16.96 20.01 -6.14
CA TYR C 182 -17.54 21.32 -5.89
C TYR C 182 -17.49 22.15 -7.16
N HIS C 183 -18.37 23.16 -7.22
CA HIS C 183 -18.40 24.05 -8.39
C HIS C 183 -17.29 25.09 -8.32
N SER C 184 -16.92 25.51 -7.11
CA SER C 184 -15.81 26.45 -7.01
C SER C 184 -15.06 26.20 -5.72
N ILE C 185 -13.76 26.45 -5.77
CA ILE C 185 -12.87 26.30 -4.61
C ILE C 185 -12.01 27.55 -4.53
N VAL C 186 -11.97 28.17 -3.35
CA VAL C 186 -11.14 29.35 -3.11
C VAL C 186 -10.15 29.00 -2.02
N ARG C 187 -8.86 29.21 -2.29
CA ARG C 187 -7.84 29.14 -1.25
C ARG C 187 -7.29 30.53 -0.97
N MET C 188 -7.13 30.86 0.31
CA MET C 188 -6.73 32.22 0.66
C MET C 188 -6.06 32.20 2.03
N PRO C 189 -5.31 33.25 2.38
CA PRO C 189 -4.71 33.30 3.72
C PRO C 189 -5.80 33.30 4.78
N SER C 190 -5.59 32.48 5.82
CA SER C 190 -6.64 32.33 6.83
C SER C 190 -6.95 33.65 7.52
N ASN C 191 -5.91 34.46 7.80
CA ASN C 191 -6.20 35.71 8.52
C ASN C 191 -6.97 36.69 7.63
N GLU C 192 -6.79 36.63 6.31
CA GLU C 192 -7.59 37.48 5.44
C GLU C 192 -9.05 37.08 5.50
N PHE C 193 -9.33 35.76 5.49
CA PHE C 193 -10.71 35.30 5.60
C PHE C 193 -11.29 35.67 6.95
N SER C 194 -10.53 35.44 8.03
CA SER C 194 -11.01 35.81 9.35
C SER C 194 -11.36 37.30 9.42
N ARG C 195 -10.51 38.15 8.83
CA ARG C 195 -10.78 39.58 8.88
C ARG C 195 -12.04 39.92 8.08
N ILE C 196 -12.24 39.25 6.95
CA ILE C 196 -13.41 39.54 6.13
C ILE C 196 -14.70 39.15 6.87
N CYS C 197 -14.71 37.98 7.52
CA CYS C 197 -15.93 37.58 8.24
C CYS C 197 -16.21 38.50 9.43
N LYS C 198 -15.17 38.90 10.17
CA LYS C 198 -15.41 39.79 11.31
C LYS C 198 -15.93 41.15 10.84
N ASP C 199 -15.37 41.68 9.75
CA ASP C 199 -15.80 42.98 9.23
C ASP C 199 -17.27 42.94 8.78
N LEU C 200 -17.61 41.96 7.95
CA LEU C 200 -18.97 41.90 7.45
C LEU C 200 -19.96 41.63 8.56
N SER C 201 -19.56 40.86 9.57
CA SER C 201 -20.54 40.61 10.62
C SER C 201 -20.83 41.85 11.43
N SER C 202 -20.00 42.90 11.32
CA SER C 202 -20.35 44.17 11.96
C SER C 202 -21.41 44.92 11.18
N ILE C 203 -21.68 44.51 9.96
CA ILE C 203 -22.64 45.21 9.10
C ILE C 203 -23.98 44.49 9.06
N GLY C 204 -23.96 43.16 8.95
CA GLY C 204 -25.17 42.39 8.88
C GLY C 204 -24.93 40.97 9.35
N ASP C 205 -25.98 40.16 9.28
CA ASP C 205 -25.92 38.80 9.82
C ASP C 205 -25.67 37.73 8.78
N THR C 206 -25.91 38.02 7.49
CA THR C 206 -25.85 37.02 6.43
C THR C 206 -24.84 37.45 5.37
N VAL C 207 -23.99 36.52 4.92
CA VAL C 207 -23.02 36.82 3.86
C VAL C 207 -23.40 36.02 2.62
N VAL C 208 -23.46 36.69 1.48
CA VAL C 208 -23.59 36.01 0.19
C VAL C 208 -22.18 35.79 -0.36
N ILE C 209 -21.84 34.55 -0.64
CA ILE C 209 -20.54 34.25 -1.23
C ILE C 209 -20.78 33.85 -2.67
N SER C 210 -20.24 34.63 -3.63
CA SER C 210 -20.38 34.28 -5.03
C SER C 210 -19.03 34.18 -5.70
N VAL C 211 -18.88 33.16 -6.55
CA VAL C 211 -17.69 32.97 -7.36
C VAL C 211 -18.11 33.11 -8.82
N THR C 212 -17.42 33.98 -9.55
CA THR C 212 -17.62 34.17 -10.98
C THR C 212 -16.25 34.35 -11.62
N LYS C 213 -16.26 34.50 -12.95
CA LYS C 213 -15.05 34.88 -13.68
C LYS C 213 -14.38 36.11 -13.08
N GLU C 214 -15.16 36.99 -12.44
CA GLU C 214 -14.59 38.19 -11.84
C GLU C 214 -13.76 37.87 -10.60
N GLY C 215 -14.12 36.84 -9.86
CA GLY C 215 -13.44 36.50 -8.61
C GLY C 215 -14.44 36.03 -7.58
N VAL C 216 -14.03 36.01 -6.32
CA VAL C 216 -14.94 35.66 -5.22
C VAL C 216 -15.39 36.94 -4.55
N LYS C 217 -16.70 37.07 -4.34
CA LYS C 217 -17.29 38.26 -3.75
C LYS C 217 -18.03 37.86 -2.48
N PHE C 218 -17.81 38.62 -1.42
CA PHE C 218 -18.55 38.45 -0.16
C PHE C 218 -19.40 39.69 0.03
N SER C 219 -20.71 39.51 0.21
CA SER C 219 -21.65 40.63 0.27
C SER C 219 -22.56 40.52 1.48
N THR C 220 -22.84 41.66 2.12
CA THR C 220 -23.78 41.68 3.23
C THR C 220 -24.48 43.02 3.25
N ALA C 221 -25.68 43.01 3.81
CA ALA C 221 -26.49 44.21 3.95
C ALA C 221 -27.11 44.20 5.33
N GLY C 222 -27.13 45.34 5.98
CA GLY C 222 -27.69 45.45 7.30
C GLY C 222 -28.32 46.81 7.52
N ASP C 223 -28.58 47.15 8.78
CA ASP C 223 -29.28 48.38 9.10
C ASP C 223 -28.56 49.62 8.57
N ILE C 224 -27.22 49.64 8.64
CA ILE C 224 -26.52 50.89 8.35
C ILE C 224 -26.03 50.99 6.91
N GLY C 225 -26.14 49.94 6.13
CA GLY C 225 -25.72 50.01 4.76
C GLY C 225 -25.33 48.65 4.26
N THR C 226 -24.62 48.64 3.13
CA THR C 226 -24.23 47.42 2.45
C THR C 226 -22.71 47.39 2.28
N ALA C 227 -22.19 46.18 2.17
CA ALA C 227 -20.76 45.96 1.95
C ALA C 227 -20.58 44.83 0.95
N ASN C 228 -19.61 45.02 0.06
CA ASN C 228 -19.21 44.01 -0.92
C ASN C 228 -17.70 43.99 -0.93
N ILE C 229 -17.12 42.81 -0.74
CA ILE C 229 -15.67 42.63 -0.80
C ILE C 229 -15.40 41.67 -1.93
N VAL C 230 -14.55 42.08 -2.88
CA VAL C 230 -14.22 41.28 -4.05
C VAL C 230 -12.75 40.91 -3.99
N LEU C 231 -12.45 39.62 -4.11
CA LEU C 231 -11.07 39.14 -4.20
C LEU C 231 -10.85 38.53 -5.57
N ARG C 232 -9.72 38.84 -6.18
CA ARG C 232 -9.37 38.22 -7.45
C ARG C 232 -8.20 37.29 -7.26
N GLN C 233 -8.12 36.28 -8.12
CA GLN C 233 -6.96 35.40 -8.12
C GLN C 233 -5.69 36.21 -8.11
N ASN C 234 -4.78 35.85 -7.22
CA ASN C 234 -3.49 36.53 -7.16
C ASN C 234 -2.42 35.54 -6.71
N THR C 235 -1.54 35.17 -7.62
CA THR C 235 -0.39 34.33 -7.28
C THR C 235 0.92 35.09 -7.43
N THR C 236 0.86 36.42 -7.44
CA THR C 236 2.05 37.26 -7.52
C THR C 236 2.62 37.42 -6.12
N VAL C 237 3.13 36.31 -5.59
CA VAL C 237 3.69 36.26 -4.24
C VAL C 237 4.84 35.26 -4.24
N ASP C 238 5.84 35.52 -3.40
CA ASP C 238 6.97 34.62 -3.29
C ASP C 238 6.65 33.42 -2.41
N LYS C 239 5.69 33.57 -1.50
CA LYS C 239 5.29 32.47 -0.64
C LYS C 239 3.90 32.03 -1.04
N PRO C 240 3.73 30.76 -1.44
CA PRO C 240 2.43 30.34 -2.01
C PRO C 240 1.27 30.41 -1.04
N GLU C 241 1.52 30.31 0.25
CA GLU C 241 0.41 30.41 1.20
C GLU C 241 -0.13 31.82 1.29
N ASP C 242 0.56 32.80 0.71
CA ASP C 242 0.03 34.15 0.59
C ASP C 242 -0.91 34.31 -0.59
N ALA C 243 -1.02 33.30 -1.44
CA ALA C 243 -1.75 33.50 -2.69
C ALA C 243 -3.24 33.47 -2.44
N ILE C 244 -3.98 34.08 -3.36
CA ILE C 244 -5.41 33.84 -3.48
C ILE C 244 -5.61 33.04 -4.75
N VAL C 245 -6.11 31.81 -4.61
CA VAL C 245 -6.30 30.93 -5.76
C VAL C 245 -7.78 30.65 -5.90
N ILE C 246 -8.31 30.86 -7.10
CA ILE C 246 -9.74 30.67 -7.36
C ILE C 246 -9.89 29.65 -8.47
N GLU C 247 -10.57 28.55 -8.17
CA GLU C 247 -10.73 27.45 -9.12
C GLU C 247 -12.23 27.30 -9.37
N MET C 248 -12.71 27.86 -10.48
CA MET C 248 -14.13 27.88 -10.78
C MET C 248 -14.46 26.89 -11.88
N LYS C 249 -15.22 25.84 -11.55
CA LYS C 249 -15.76 24.98 -12.61
C LYS C 249 -17.11 25.47 -13.10
N GLU C 250 -17.93 26.05 -12.22
CA GLU C 250 -19.14 26.77 -12.59
C GLU C 250 -19.35 27.86 -11.56
N PRO C 251 -19.90 29.01 -11.95
CA PRO C 251 -20.21 30.05 -10.96
C PRO C 251 -21.15 29.51 -9.90
N VAL C 252 -21.04 30.04 -8.70
CA VAL C 252 -21.90 29.60 -7.60
C VAL C 252 -22.09 30.76 -6.64
N SER C 253 -23.31 30.89 -6.12
CA SER C 253 -23.64 31.95 -5.17
C SER C 253 -24.56 31.38 -4.11
N LEU C 254 -24.19 31.55 -2.83
CA LEU C 254 -24.91 30.98 -1.70
C LEU C 254 -24.86 31.95 -0.52
N SER C 255 -25.91 31.91 0.31
CA SER C 255 -26.00 32.74 1.51
C SER C 255 -25.74 31.92 2.78
N PHE C 256 -25.06 32.52 3.75
CA PHE C 256 -24.66 31.84 4.97
C PHE C 256 -24.72 32.76 6.18
N ALA C 257 -24.93 32.17 7.34
CA ALA C 257 -24.96 32.91 8.60
C ALA C 257 -23.55 33.27 9.02
N LEU C 258 -23.27 34.57 9.16
CA LEU C 258 -21.93 34.98 9.55
C LEU C 258 -21.57 34.49 10.94
N ARG C 259 -22.56 34.35 11.82
CA ARG C 259 -22.26 33.87 13.16
C ARG C 259 -21.49 32.56 13.12
N TYR C 260 -21.88 31.66 12.24
CA TYR C 260 -21.16 30.39 12.18
C TYR C 260 -19.80 30.57 11.53
N MET C 261 -19.74 31.38 10.47
CA MET C 261 -18.44 31.61 9.85
C MET C 261 -17.44 32.12 10.87
N ASN C 262 -17.85 33.05 11.73
CA ASN C 262 -16.93 33.59 12.72
C ASN C 262 -16.51 32.52 13.74
N SER C 263 -17.34 31.54 14.05
CA SER C 263 -16.84 30.50 14.95
C SER C 263 -15.82 29.63 14.23
N PHE C 264 -16.03 29.37 12.92
CA PHE C 264 -15.04 28.62 12.14
C PHE C 264 -13.65 29.26 12.22
N THR C 265 -13.60 30.61 12.20
CA THR C 265 -12.30 31.25 12.12
C THR C 265 -11.53 31.19 13.43
N LYS C 266 -12.10 30.60 14.48
CA LYS C 266 -11.31 30.28 15.69
C LYS C 266 -10.20 29.27 15.39
N ALA C 267 -10.26 28.59 14.26
CA ALA C 267 -9.20 27.68 13.86
C ALA C 267 -8.03 28.39 13.20
N THR C 268 -8.07 29.73 13.05
CA THR C 268 -7.03 30.44 12.31
C THR C 268 -5.61 30.17 12.80
N PRO C 269 -5.30 30.15 14.09
CA PRO C 269 -3.89 29.96 14.50
C PRO C 269 -3.31 28.58 14.14
N LEU C 270 -4.11 27.67 13.62
CA LEU C 270 -3.65 26.35 13.23
C LEU C 270 -3.07 26.28 11.81
N SER C 271 -3.41 27.23 10.94
CA SER C 271 -3.23 27.09 9.51
C SER C 271 -3.03 28.48 8.88
N ASP C 272 -1.98 28.65 8.08
CA ASP C 272 -1.75 29.89 7.37
C ASP C 272 -2.73 30.08 6.22
N THR C 273 -3.48 29.04 5.88
CA THR C 273 -4.29 28.95 4.69
C THR C 273 -5.68 28.44 5.05
N VAL C 274 -6.69 28.87 4.30
CA VAL C 274 -8.03 28.30 4.43
C VAL C 274 -8.56 28.02 3.02
N THR C 275 -9.27 26.91 2.86
CA THR C 275 -9.87 26.54 1.59
C THR C 275 -11.38 26.53 1.76
N ILE C 276 -12.08 27.16 0.84
CA ILE C 276 -13.53 27.28 0.88
C ILE C 276 -14.07 26.58 -0.36
N SER C 277 -14.83 25.50 -0.17
CA SER C 277 -15.38 24.75 -1.29
C SER C 277 -16.90 24.95 -1.36
N LEU C 278 -17.37 25.30 -2.56
CA LEU C 278 -18.75 25.71 -2.79
C LEU C 278 -19.37 24.90 -3.93
N SER C 279 -20.59 24.43 -3.71
CA SER C 279 -21.44 24.01 -4.80
C SER C 279 -22.86 24.40 -4.44
N SER C 280 -23.68 24.62 -5.46
CA SER C 280 -25.04 25.07 -5.21
C SER C 280 -25.91 24.00 -4.55
N GLU C 281 -25.47 22.74 -4.48
CA GLU C 281 -26.26 21.65 -3.90
C GLU C 281 -25.72 21.17 -2.54
N LEU C 282 -24.86 21.94 -1.90
CA LEU C 282 -24.20 21.38 -0.73
C LEU C 282 -23.96 22.47 0.30
N PRO C 283 -23.75 22.10 1.55
CA PRO C 283 -23.11 23.00 2.49
C PRO C 283 -21.81 23.52 1.89
N VAL C 284 -21.40 24.71 2.32
CA VAL C 284 -20.03 25.15 2.09
C VAL C 284 -19.09 24.38 3.01
N VAL C 285 -17.91 24.08 2.51
CA VAL C 285 -16.84 23.47 3.30
C VAL C 285 -15.74 24.50 3.50
N VAL C 286 -15.29 24.64 4.75
CA VAL C 286 -14.23 25.59 5.12
C VAL C 286 -13.17 24.75 5.82
N GLU C 287 -12.00 24.64 5.23
CA GLU C 287 -11.02 23.67 5.70
C GLU C 287 -9.74 24.36 6.15
N TYR C 288 -9.26 23.99 7.33
CA TYR C 288 -8.01 24.44 7.89
C TYR C 288 -7.09 23.24 8.06
N LYS C 289 -5.79 23.45 7.91
CA LYS C 289 -4.81 22.42 8.19
C LYS C 289 -4.43 22.43 9.67
N VAL C 290 -4.19 21.25 10.24
CA VAL C 290 -3.70 21.14 11.60
C VAL C 290 -2.21 20.88 11.49
N ALA C 291 -1.41 21.95 11.56
CA ALA C 291 0.05 21.82 11.36
C ALA C 291 0.25 21.06 10.06
N GLU C 292 1.09 20.03 10.03
CA GLU C 292 1.21 19.14 8.88
C GLU C 292 0.72 17.74 9.22
N MET C 293 -0.26 17.64 10.14
CA MET C 293 -0.66 16.32 10.64
C MET C 293 -2.16 16.11 10.61
N GLY C 294 -2.91 16.90 9.84
CA GLY C 294 -4.34 16.64 9.79
C GLY C 294 -5.10 17.88 9.37
N TYR C 295 -6.39 17.88 9.67
CA TYR C 295 -7.24 18.97 9.22
C TYR C 295 -8.39 19.16 10.19
N ILE C 296 -9.01 20.33 10.11
CA ILE C 296 -10.36 20.56 10.60
C ILE C 296 -11.17 21.09 9.43
N ARG C 297 -12.27 20.42 9.13
CA ARG C 297 -13.21 20.85 8.11
C ARG C 297 -14.53 21.22 8.77
N TYR C 298 -15.01 22.41 8.45
CA TYR C 298 -16.32 22.85 8.89
C TYR C 298 -17.28 22.87 7.71
N TYR C 299 -18.48 22.36 7.92
CA TYR C 299 -19.51 22.37 6.89
C TYR C 299 -20.65 23.24 7.41
N LEU C 300 -21.17 24.11 6.56
CA LEU C 300 -22.22 25.02 6.97
C LEU C 300 -23.34 24.95 5.95
N ALA C 301 -24.56 24.68 6.41
CA ALA C 301 -25.73 24.61 5.56
C ALA C 301 -26.17 26.02 5.14
N PRO C 302 -26.57 26.21 3.90
CA PRO C 302 -26.91 27.55 3.42
C PRO C 302 -28.27 28.02 3.89
N LYS C 303 -28.47 29.32 3.76
CA LYS C 303 -29.80 29.91 3.83
C LYS C 303 -30.31 30.03 2.42
N ILE C 304 -31.55 29.57 2.20
CA ILE C 304 -32.15 29.55 0.86
C ILE C 304 -33.51 30.24 0.92
N GLU C 305 -34.05 30.54 -0.25
CA GLU C 305 -35.37 31.18 -0.32
C GLU C 305 -36.45 30.18 0.03
N GLU C 306 -37.45 30.65 0.78
CA GLU C 306 -38.51 29.80 1.31
C GLU C 306 -39.33 29.17 0.18
N PRO D 2 -37.98 36.17 2.06
CA PRO D 2 -37.28 35.79 3.29
C PRO D 2 -36.44 34.53 3.09
N LEU D 3 -35.30 34.44 3.79
CA LEU D 3 -34.43 33.27 3.74
C LEU D 3 -34.74 32.34 4.90
N VAL D 4 -34.45 31.06 4.72
CA VAL D 4 -34.61 30.05 5.76
C VAL D 4 -33.27 29.35 5.93
N GLN D 5 -32.90 29.10 7.18
CA GLN D 5 -31.67 28.38 7.50
C GLN D 5 -31.90 26.89 7.29
N THR D 6 -31.24 26.29 6.29
CA THR D 6 -31.33 24.85 6.14
C THR D 6 -30.50 24.15 7.23
N LYS D 7 -30.65 22.83 7.32
CA LYS D 7 -29.91 22.02 8.28
C LYS D 7 -28.95 21.11 7.53
N ILE D 8 -27.81 20.80 8.17
CA ILE D 8 -26.89 19.80 7.63
C ILE D 8 -27.61 18.49 7.32
N ILE D 9 -28.59 18.13 8.15
CA ILE D 9 -29.34 16.89 8.01
C ILE D 9 -30.09 16.84 6.68
N ASP D 10 -30.38 18.00 6.08
CA ASP D 10 -31.07 18.03 4.78
C ASP D 10 -30.17 17.59 3.63
N PHE D 11 -28.86 17.42 3.84
CA PHE D 11 -27.89 17.14 2.78
C PHE D 11 -27.12 15.84 2.99
N PHE D 12 -26.80 15.48 4.22
CA PHE D 12 -25.98 14.32 4.52
C PHE D 12 -26.83 13.32 5.28
N ARG D 13 -26.68 12.04 4.93
CA ARG D 13 -27.42 10.94 5.56
C ARG D 13 -26.53 10.20 6.55
N ILE D 14 -27.14 9.33 7.33
CA ILE D 14 -26.41 8.48 8.27
C ILE D 14 -25.59 7.43 7.52
N LEU E 45 6.55 -5.54 -21.59
CA LEU E 45 7.36 -4.86 -20.58
C LEU E 45 8.69 -4.38 -21.16
N TYR E 46 9.15 -5.06 -22.21
CA TYR E 46 10.33 -4.59 -22.95
C TYR E 46 9.90 -3.66 -24.09
N PHE E 47 9.10 -2.66 -23.74
CA PHE E 47 8.45 -1.80 -24.72
C PHE E 47 9.44 -0.85 -25.40
N GLN E 48 9.16 -0.57 -26.68
CA GLN E 48 9.78 0.56 -27.34
C GLN E 48 9.17 1.84 -26.81
N GLY E 49 10.00 2.77 -26.37
CA GLY E 49 9.50 4.04 -25.91
C GLY E 49 8.79 4.78 -27.03
N MET E 50 7.57 5.22 -26.77
CA MET E 50 6.78 5.97 -27.74
C MET E 50 6.41 7.32 -27.11
N LEU E 51 6.20 8.29 -27.99
CA LEU E 51 5.64 9.59 -27.65
C LEU E 51 4.44 9.82 -28.55
N GLU E 52 3.30 10.16 -27.96
CA GLU E 52 2.12 10.49 -28.74
C GLU E 52 1.32 11.50 -27.93
N LEU E 53 1.27 12.74 -28.40
CA LEU E 53 0.61 13.83 -27.71
C LEU E 53 -0.41 14.46 -28.64
N ARG E 54 -1.66 14.53 -28.20
CA ARG E 54 -2.72 15.19 -28.95
C ARG E 54 -3.09 16.47 -28.21
N LEU E 55 -2.99 17.60 -28.89
CA LEU E 55 -3.28 18.91 -28.31
C LEU E 55 -4.41 19.56 -29.11
N VAL E 56 -5.55 19.78 -28.47
CA VAL E 56 -6.70 20.32 -29.18
C VAL E 56 -6.43 21.76 -29.63
N GLN E 57 -5.88 22.59 -28.76
CA GLN E 57 -5.57 23.97 -29.12
C GLN E 57 -4.17 24.01 -29.72
N GLY E 58 -4.10 23.60 -30.99
CA GLY E 58 -2.81 23.54 -31.66
C GLY E 58 -2.04 24.85 -31.58
N SER E 59 -2.76 25.98 -31.63
CA SER E 59 -2.12 27.28 -31.64
C SER E 59 -1.17 27.49 -30.46
N LEU E 60 -1.45 26.87 -29.31
CA LEU E 60 -0.53 27.04 -28.19
C LEU E 60 0.87 26.57 -28.56
N LEU E 61 0.94 25.46 -29.27
CA LEU E 61 2.24 24.93 -29.68
C LEU E 61 2.88 25.81 -30.75
N LYS E 62 2.08 26.30 -31.70
CA LYS E 62 2.62 27.22 -32.70
C LYS E 62 3.25 28.44 -32.01
N LYS E 63 2.57 28.99 -31.00
CA LYS E 63 3.08 30.19 -30.36
C LYS E 63 4.30 29.86 -29.51
N VAL E 64 4.30 28.69 -28.88
CA VAL E 64 5.45 28.28 -28.06
C VAL E 64 6.71 28.24 -28.93
N LEU E 65 6.60 27.64 -30.12
CA LEU E 65 7.80 27.54 -30.96
C LEU E 65 8.27 28.90 -31.43
N GLU E 66 7.34 29.76 -31.87
CA GLU E 66 7.69 31.15 -32.18
C GLU E 66 8.35 31.85 -31.01
N SER E 67 8.02 31.44 -29.78
CA SER E 67 8.60 32.06 -28.60
C SER E 67 10.06 31.70 -28.37
N ILE E 68 10.54 30.58 -28.92
CA ILE E 68 11.88 30.13 -28.55
C ILE E 68 12.80 29.89 -29.73
N LYS E 69 12.29 29.79 -30.96
CA LYS E 69 13.13 29.42 -32.10
C LYS E 69 14.22 30.42 -32.39
N ASP E 70 14.08 31.67 -31.97
CA ASP E 70 15.14 32.64 -32.27
C ASP E 70 16.16 32.73 -31.16
N LEU E 71 15.73 32.40 -29.94
CA LEU E 71 16.64 32.36 -28.81
C LEU E 71 17.54 31.13 -28.88
N VAL E 72 16.99 29.99 -29.28
CA VAL E 72 17.68 28.69 -29.25
C VAL E 72 17.55 28.02 -30.60
N ASN E 73 18.64 27.46 -31.10
CA ASN E 73 18.57 26.85 -32.43
C ASN E 73 18.17 25.39 -32.36
N ASP E 74 18.88 24.59 -31.56
CA ASP E 74 18.64 23.16 -31.42
C ASP E 74 18.39 22.85 -29.96
N ALA E 75 17.39 22.02 -29.68
CA ALA E 75 17.13 21.66 -28.29
C ALA E 75 16.39 20.34 -28.22
N ASN E 76 16.43 19.73 -27.04
CA ASN E 76 15.69 18.51 -26.75
C ASN E 76 14.32 18.87 -26.17
N PHE E 77 13.28 18.22 -26.68
CA PHE E 77 12.03 18.17 -25.94
C PHE E 77 12.06 16.92 -25.09
N ASP E 78 11.73 17.08 -23.81
CA ASP E 78 11.77 15.98 -22.85
C ASP E 78 10.36 15.58 -22.48
N CYS E 79 10.20 14.29 -22.20
CA CYS E 79 8.90 13.67 -22.05
C CYS E 79 8.85 12.96 -20.69
N SER E 80 8.07 13.51 -19.76
CA SER E 80 7.92 12.95 -18.41
C SER E 80 6.45 12.75 -18.08
N SER E 81 6.19 12.19 -16.89
CA SER E 81 4.82 12.07 -16.40
C SER E 81 4.21 13.44 -16.10
N THR E 82 5.04 14.42 -15.73
CA THR E 82 4.54 15.77 -15.47
C THR E 82 4.07 16.47 -16.75
N GLY E 83 4.80 16.29 -17.84
CA GLY E 83 4.38 16.86 -19.11
C GLY E 83 5.52 16.88 -20.10
N PHE E 84 5.27 17.63 -21.18
CA PHE E 84 6.18 17.82 -22.30
C PHE E 84 7.01 19.06 -22.01
N SER E 85 8.32 18.93 -21.93
CA SER E 85 9.12 20.05 -21.43
C SER E 85 10.37 20.27 -22.29
N LEU E 86 10.99 21.43 -22.07
CA LEU E 86 12.23 21.78 -22.73
C LEU E 86 13.01 22.75 -21.85
N GLN E 87 14.33 22.56 -21.81
CA GLN E 87 15.23 23.52 -21.19
C GLN E 87 16.48 23.66 -22.06
N ALA E 88 16.87 24.90 -22.32
CA ALA E 88 18.06 25.16 -23.14
C ALA E 88 18.51 26.59 -22.94
N MET E 89 19.82 26.79 -23.09
CA MET E 89 20.44 28.10 -23.04
C MET E 89 20.63 28.61 -24.46
N ASP E 90 20.62 29.93 -24.61
CA ASP E 90 21.04 30.52 -25.88
C ASP E 90 22.53 30.27 -26.09
N SER E 91 23.00 30.54 -27.30
CA SER E 91 24.38 30.16 -27.62
C SER E 91 25.42 30.98 -26.86
N SER E 92 25.05 32.13 -26.29
CA SER E 92 26.01 32.86 -25.48
C SER E 92 25.97 32.47 -24.00
N HIS E 93 25.01 31.64 -23.58
CA HIS E 93 24.94 31.11 -22.22
C HIS E 93 24.55 32.17 -21.20
N VAL E 94 23.86 33.21 -21.68
CA VAL E 94 23.43 34.34 -20.88
C VAL E 94 21.96 34.22 -20.52
N ALA E 95 21.20 33.45 -21.30
CA ALA E 95 19.77 33.30 -21.14
C ALA E 95 19.43 31.83 -21.17
N LEU E 96 18.40 31.45 -20.44
CA LEU E 96 17.96 30.07 -20.38
C LEU E 96 16.45 30.05 -20.50
N VAL E 97 15.92 29.14 -21.29
CA VAL E 97 14.47 29.00 -21.41
C VAL E 97 14.07 27.66 -20.83
N SER E 98 12.97 27.65 -20.10
CA SER E 98 12.42 26.45 -19.49
C SER E 98 10.94 26.47 -19.78
N LEU E 99 10.45 25.45 -20.49
CA LEU E 99 9.03 25.41 -20.77
C LEU E 99 8.42 24.11 -20.29
N LEU E 100 7.12 24.17 -20.01
CA LEU E 100 6.37 23.01 -19.55
C LEU E 100 4.97 23.09 -20.13
N LEU E 101 4.57 22.06 -20.86
CA LEU E 101 3.18 21.81 -21.22
C LEU E 101 2.75 20.60 -20.41
N ARG E 102 1.87 20.81 -19.42
CA ARG E 102 1.47 19.75 -18.51
C ARG E 102 0.61 18.70 -19.19
N SER E 103 0.70 17.46 -18.69
CA SER E 103 0.02 16.35 -19.35
C SER E 103 -1.49 16.56 -19.39
N GLU E 104 -2.06 17.23 -18.39
CA GLU E 104 -3.51 17.43 -18.34
C GLU E 104 -4.02 18.33 -19.46
N GLY E 105 -3.18 19.18 -20.02
CA GLY E 105 -3.62 20.00 -21.13
C GLY E 105 -3.75 19.28 -22.45
N PHE E 106 -3.41 18.00 -22.49
CA PHE E 106 -3.42 17.21 -23.70
C PHE E 106 -4.62 16.27 -23.68
N GLU E 107 -5.39 16.26 -24.77
CA GLU E 107 -6.51 15.34 -24.87
C GLU E 107 -6.05 13.89 -24.81
N HIS E 108 -4.89 13.60 -25.38
CA HIS E 108 -4.27 12.29 -25.26
C HIS E 108 -2.80 12.50 -24.96
N TYR E 109 -2.31 11.88 -23.90
CA TYR E 109 -0.95 12.07 -23.44
C TYR E 109 -0.31 10.69 -23.31
N ARG E 110 0.48 10.32 -24.30
CA ARG E 110 1.23 9.07 -24.24
C ARG E 110 2.71 9.45 -24.23
N CYS E 111 3.37 9.14 -23.14
CA CYS E 111 4.80 9.38 -23.01
C CYS E 111 5.36 8.15 -22.30
N ASP E 112 5.77 7.15 -23.08
CA ASP E 112 5.97 5.81 -22.54
C ASP E 112 7.15 5.77 -21.57
N ARG E 113 8.28 6.40 -21.91
CA ARG E 113 9.49 6.32 -21.09
C ARG E 113 10.05 7.72 -20.87
N ASN E 114 11.32 7.79 -20.41
CA ASN E 114 12.03 9.07 -20.26
C ASN E 114 12.66 9.47 -21.60
N LEU E 115 11.79 9.79 -22.54
CA LEU E 115 12.14 9.98 -23.93
C LEU E 115 12.55 11.42 -24.20
N SER E 116 13.50 11.60 -25.11
CA SER E 116 13.93 12.93 -25.56
C SER E 116 13.94 12.99 -27.09
N MET E 117 13.49 14.13 -27.63
CA MET E 117 13.46 14.39 -29.06
C MET E 117 14.38 15.57 -29.34
N GLY E 118 15.50 15.34 -30.03
CA GLY E 118 16.41 16.41 -30.38
C GLY E 118 15.99 17.05 -31.68
N MET E 119 15.89 18.37 -31.67
CA MET E 119 15.23 18.98 -32.82
C MET E 119 15.73 20.38 -33.13
N ASN E 120 15.82 20.66 -34.43
CA ASN E 120 16.04 21.99 -34.97
C ASN E 120 14.76 22.80 -34.82
N LEU E 121 14.78 23.81 -33.94
CA LEU E 121 13.54 24.47 -33.58
C LEU E 121 12.99 25.30 -34.75
N GLY E 122 13.86 25.86 -35.58
CA GLY E 122 13.39 26.61 -36.74
C GLY E 122 12.68 25.73 -37.74
N ASN E 123 13.20 24.52 -37.96
CA ASN E 123 12.51 23.58 -38.83
C ASN E 123 11.16 23.21 -38.24
N MET E 124 11.13 22.91 -36.94
CA MET E 124 9.86 22.58 -36.32
C MET E 124 8.87 23.72 -36.47
N SER E 125 9.33 24.95 -36.22
CA SER E 125 8.45 26.10 -36.36
C SER E 125 7.90 26.20 -37.77
N LYS E 126 8.76 26.00 -38.78
CA LYS E 126 8.31 26.07 -40.16
C LYS E 126 7.21 25.05 -40.44
N MET E 127 7.29 23.87 -39.82
CA MET E 127 6.21 22.90 -40.02
C MET E 127 4.94 23.33 -39.29
N LEU E 128 5.07 23.80 -38.06
CA LEU E 128 3.89 24.19 -37.30
C LEU E 128 3.19 25.42 -37.89
N LYS E 129 3.91 26.24 -38.66
CA LYS E 129 3.26 27.37 -39.29
C LYS E 129 2.22 26.92 -40.30
N CYS E 130 2.36 25.72 -40.84
CA CYS E 130 1.39 25.12 -41.76
C CYS E 130 0.17 24.56 -41.05
N ALA E 131 0.10 24.63 -39.74
CA ALA E 131 -1.11 24.23 -39.02
C ALA E 131 -2.02 25.44 -38.89
N GLY E 132 -3.31 25.25 -39.18
CA GLY E 132 -4.29 26.29 -38.90
C GLY E 132 -4.39 26.56 -37.40
N ASN E 133 -4.89 27.74 -37.04
CA ASN E 133 -4.84 28.14 -35.64
C ASN E 133 -5.80 27.34 -34.77
N ASP E 134 -6.85 26.78 -35.35
CA ASP E 134 -7.76 25.93 -34.62
C ASP E 134 -7.54 24.46 -34.89
N ASP E 135 -6.43 24.10 -35.55
CA ASP E 135 -6.16 22.69 -35.83
C ASP E 135 -5.79 21.94 -34.55
N ILE E 136 -6.14 20.68 -34.52
CA ILE E 136 -5.68 19.75 -33.48
C ILE E 136 -4.33 19.19 -33.92
N ILE E 137 -3.32 19.31 -33.07
CA ILE E 137 -1.96 18.91 -33.40
C ILE E 137 -1.55 17.68 -32.60
N THR E 138 -1.08 16.66 -33.30
CA THR E 138 -0.57 15.44 -32.70
C THR E 138 0.91 15.29 -33.05
N ILE E 139 1.73 15.07 -32.03
CA ILE E 139 3.15 14.75 -32.22
C ILE E 139 3.34 13.27 -31.92
N LYS E 140 4.00 12.55 -32.82
CA LYS E 140 4.33 11.15 -32.59
C LYS E 140 5.81 10.94 -32.90
N ALA E 141 6.48 10.17 -32.04
CA ALA E 141 7.88 9.83 -32.28
C ALA E 141 8.25 8.60 -31.46
N ASP E 142 9.35 7.98 -31.87
CA ASP E 142 9.96 6.83 -31.20
C ASP E 142 11.22 7.25 -30.46
N ASP E 143 11.52 6.55 -29.36
CA ASP E 143 12.60 6.98 -28.45
C ASP E 143 13.90 7.22 -29.20
N GLY E 144 14.40 6.22 -29.91
CA GLY E 144 15.63 6.45 -30.64
C GLY E 144 15.39 6.70 -32.11
N GLY E 145 14.20 7.21 -32.44
CA GLY E 145 13.78 7.24 -33.82
C GLY E 145 14.54 8.26 -34.64
N ASP E 146 14.39 8.14 -35.95
CA ASP E 146 15.09 9.04 -36.84
C ASP E 146 14.25 10.26 -37.19
N THR E 147 12.93 10.19 -37.00
CA THR E 147 12.03 11.25 -37.42
C THR E 147 10.93 11.47 -36.39
N VAL E 148 10.30 12.65 -36.49
CA VAL E 148 9.12 12.98 -35.72
C VAL E 148 8.00 13.33 -36.70
N THR E 149 6.77 12.95 -36.37
CA THR E 149 5.61 13.21 -37.21
C THR E 149 4.68 14.19 -36.49
N PHE E 150 4.28 15.24 -37.19
CA PHE E 150 3.25 16.16 -36.72
C PHE E 150 2.01 15.94 -37.56
N MET E 151 0.88 15.68 -36.92
CA MET E 151 -0.40 15.53 -37.58
C MET E 151 -1.29 16.73 -37.24
N PHE E 152 -1.79 17.41 -38.25
CA PHE E 152 -2.70 18.53 -38.07
C PHE E 152 -4.09 18.09 -38.53
N GLU E 153 -5.05 18.09 -37.61
CA GLU E 153 -6.43 17.74 -37.90
C GLU E 153 -7.30 18.98 -37.84
N SER E 154 -8.07 19.22 -38.87
CA SER E 154 -9.02 20.31 -38.74
C SER E 154 -10.24 19.85 -37.96
N PRO E 155 -10.69 20.61 -36.95
CA PRO E 155 -11.90 20.23 -36.21
C PRO E 155 -13.19 20.46 -36.97
N THR E 156 -13.11 21.03 -38.17
CA THR E 156 -14.31 21.40 -38.90
C THR E 156 -14.23 21.14 -40.40
N GLN E 157 -13.24 20.39 -40.89
CA GLN E 157 -13.08 20.35 -42.33
C GLN E 157 -12.94 18.95 -42.93
N ASP E 158 -12.44 18.00 -42.16
CA ASP E 158 -11.98 16.71 -42.71
C ASP E 158 -10.81 16.94 -43.68
N LYS E 159 -9.80 17.60 -43.13
CA LYS E 159 -8.48 17.76 -43.73
C LYS E 159 -7.49 17.21 -42.72
N ILE E 160 -6.61 16.31 -43.15
CA ILE E 160 -5.60 15.73 -42.28
C ILE E 160 -4.25 15.91 -42.96
N ALA E 161 -3.32 16.57 -42.27
CA ALA E 161 -1.99 16.87 -42.79
C ALA E 161 -0.93 16.16 -41.94
N ASP E 162 -0.02 15.50 -42.61
CA ASP E 162 1.08 14.74 -42.01
C ASP E 162 2.37 15.42 -42.41
N PHE E 163 3.11 15.92 -41.43
CA PHE E 163 4.41 16.51 -41.66
C PHE E 163 5.42 15.68 -40.89
N GLU E 164 6.55 15.40 -41.53
CA GLU E 164 7.58 14.54 -40.95
C GLU E 164 8.95 15.21 -41.08
N MET E 165 9.74 15.13 -40.01
CA MET E 165 10.95 15.90 -39.85
C MET E 165 12.01 15.02 -39.20
N LYS E 166 13.29 15.24 -39.56
CA LYS E 166 14.36 14.45 -38.96
C LYS E 166 14.63 14.90 -37.54
N LEU E 167 14.88 13.94 -36.65
CA LEU E 167 15.38 14.25 -35.33
C LEU E 167 16.90 14.24 -35.35
N MET E 168 17.49 14.83 -34.32
CA MET E 168 18.95 14.85 -34.17
C MET E 168 19.33 14.47 -32.75
N ASP E 169 20.60 14.09 -32.57
CA ASP E 169 21.10 13.65 -31.28
C ASP E 169 21.70 14.85 -30.55
N ILE E 170 21.11 15.20 -29.41
CA ILE E 170 21.56 16.34 -28.63
C ILE E 170 21.82 15.88 -27.21
N ASP E 171 23.00 16.23 -26.67
CA ASP E 171 23.37 15.83 -25.32
C ASP E 171 22.57 16.60 -24.29
N SER E 172 21.78 15.89 -23.50
CA SER E 172 21.04 16.48 -22.39
C SER E 172 22.04 16.86 -21.29
N GLU E 173 22.39 18.14 -21.22
CA GLU E 173 23.25 18.68 -20.15
C GLU E 173 22.45 19.74 -19.40
N HIS E 174 21.53 19.30 -18.56
CA HIS E 174 20.55 20.21 -17.96
C HIS E 174 21.05 20.78 -16.64
N LEU E 175 20.68 22.05 -16.40
CA LEU E 175 20.97 22.75 -15.17
C LEU E 175 19.82 22.62 -14.17
N GLY E 176 20.16 22.38 -12.90
CA GLY E 176 19.17 22.43 -11.84
C GLY E 176 18.85 23.87 -11.46
N ILE E 177 17.57 24.20 -11.46
CA ILE E 177 17.09 25.52 -11.02
C ILE E 177 16.65 25.39 -9.55
N PRO E 178 17.30 26.09 -8.63
CA PRO E 178 16.88 26.01 -7.23
C PRO E 178 15.59 26.80 -7.00
N ASP E 179 14.82 26.34 -6.00
CA ASP E 179 13.51 26.90 -5.69
C ASP E 179 13.69 28.10 -4.77
N ALA E 180 14.11 29.22 -5.34
CA ALA E 180 14.63 30.30 -4.52
C ALA E 180 13.56 31.34 -4.15
N GLU E 181 14.00 32.37 -3.44
CA GLU E 181 13.14 33.37 -2.83
C GLU E 181 13.42 34.71 -3.50
N TYR E 182 12.41 35.26 -4.13
CA TYR E 182 12.58 36.48 -4.90
C TYR E 182 12.41 37.71 -4.01
N HIS E 183 13.18 38.75 -4.30
CA HIS E 183 13.05 39.96 -3.49
C HIS E 183 11.87 40.79 -3.93
N SER E 184 11.49 40.71 -5.20
CA SER E 184 10.33 41.43 -5.69
C SER E 184 9.77 40.68 -6.87
N ILE E 185 8.45 40.67 -6.99
CA ILE E 185 7.75 40.07 -8.11
C ILE E 185 6.79 41.10 -8.68
N VAL E 186 6.75 41.19 -10.01
CA VAL E 186 5.88 42.12 -10.71
C VAL E 186 5.10 41.36 -11.78
N ARG E 187 3.77 41.49 -11.76
CA ARG E 187 2.90 41.00 -12.82
C ARG E 187 2.28 42.20 -13.52
N MET E 188 2.23 42.18 -14.85
CA MET E 188 1.75 43.34 -15.62
C MET E 188 1.29 42.85 -16.99
N PRO E 189 0.53 43.67 -17.73
CA PRO E 189 0.09 43.24 -19.07
C PRO E 189 1.30 42.95 -19.95
N SER E 190 1.24 41.83 -20.68
CA SER E 190 2.37 41.48 -21.54
C SER E 190 2.62 42.54 -22.61
N ASN E 191 1.55 43.12 -23.16
CA ASN E 191 1.75 44.10 -24.20
C ASN E 191 2.41 45.36 -23.66
N GLU E 192 2.15 45.69 -22.39
CA GLU E 192 2.83 46.82 -21.78
C GLU E 192 4.31 46.53 -21.64
N PHE E 193 4.65 45.35 -21.12
CA PHE E 193 6.06 44.98 -20.98
C PHE E 193 6.75 44.96 -22.33
N SER E 194 6.10 44.41 -23.34
CA SER E 194 6.70 44.38 -24.66
C SER E 194 6.91 45.79 -25.21
N ARG E 195 5.92 46.66 -25.03
CA ARG E 195 6.09 48.04 -25.48
C ARG E 195 7.28 48.69 -24.80
N ILE E 196 7.44 48.45 -23.51
CA ILE E 196 8.53 49.07 -22.75
C ILE E 196 9.88 48.58 -23.27
N CYS E 197 10.01 47.28 -23.51
CA CYS E 197 11.28 46.76 -23.98
C CYS E 197 11.64 47.32 -25.36
N LYS E 198 10.64 47.42 -26.25
CA LYS E 198 10.92 47.96 -27.58
C LYS E 198 11.29 49.45 -27.50
N ASP E 199 10.51 50.24 -26.76
CA ASP E 199 10.77 51.68 -26.66
C ASP E 199 12.16 51.95 -26.05
N LEU E 200 12.48 51.27 -24.94
CA LEU E 200 13.80 51.45 -24.34
C LEU E 200 14.90 51.02 -25.28
N SER E 201 14.70 49.93 -26.01
CA SER E 201 15.81 49.45 -26.81
C SER E 201 16.09 50.38 -28.00
N SER E 202 15.13 51.22 -28.38
CA SER E 202 15.40 52.25 -29.39
C SER E 202 16.22 53.41 -28.84
N ILE E 203 16.33 53.50 -27.52
CA ILE E 203 17.17 54.51 -26.85
C ILE E 203 18.54 53.97 -26.49
N GLY E 204 18.62 52.75 -25.95
CA GLY E 204 19.91 52.22 -25.51
C GLY E 204 19.90 50.70 -25.43
N ASP E 205 21.04 50.15 -25.00
CA ASP E 205 21.25 48.71 -25.00
C ASP E 205 20.95 48.03 -23.67
N THR E 206 20.92 48.76 -22.56
CA THR E 206 20.86 48.18 -21.23
C THR E 206 19.72 48.79 -20.45
N VAL E 207 18.92 47.96 -19.80
CA VAL E 207 17.81 48.42 -18.97
C VAL E 207 18.13 48.12 -17.52
N VAL E 208 17.96 49.12 -16.65
CA VAL E 208 18.01 48.92 -15.22
C VAL E 208 16.57 48.71 -14.76
N ILE E 209 16.31 47.58 -14.12
CA ILE E 209 15.00 47.31 -13.51
C ILE E 209 15.17 47.44 -12.01
N SER E 210 14.32 48.24 -11.40
CA SER E 210 14.34 48.50 -9.97
C SER E 210 12.91 48.39 -9.46
N VAL E 211 12.77 47.83 -8.26
CA VAL E 211 11.51 47.87 -7.54
C VAL E 211 11.79 48.53 -6.20
N THR E 212 10.93 49.48 -5.84
CA THR E 212 10.96 50.14 -4.55
C THR E 212 9.52 50.31 -4.11
N LYS E 213 9.35 50.90 -2.92
CA LYS E 213 8.02 51.20 -2.43
C LYS E 213 7.23 52.07 -3.41
N GLU E 214 7.93 52.82 -4.27
CA GLU E 214 7.28 53.68 -5.26
C GLU E 214 6.71 52.87 -6.43
N GLY E 215 7.38 51.80 -6.82
CA GLY E 215 6.90 50.96 -7.90
C GLY E 215 8.08 50.30 -8.59
N VAL E 216 7.83 49.83 -9.81
CA VAL E 216 8.91 49.25 -10.62
C VAL E 216 9.31 50.28 -11.66
N LYS E 217 10.62 50.50 -11.79
CA LYS E 217 11.16 51.48 -12.73
C LYS E 217 12.08 50.79 -13.73
N PHE E 218 11.93 51.13 -15.01
CA PHE E 218 12.80 50.69 -16.08
C PHE E 218 13.56 51.90 -16.63
N SER E 219 14.88 51.81 -16.72
CA SER E 219 15.69 52.96 -17.12
C SER E 219 16.79 52.56 -18.11
N THR E 220 17.01 53.42 -19.10
CA THR E 220 18.07 53.22 -20.08
C THR E 220 18.64 54.58 -20.48
N ALA E 221 19.86 54.54 -21.04
CA ALA E 221 20.55 55.71 -21.55
C ALA E 221 21.30 55.29 -22.80
N GLY E 222 21.39 56.20 -23.74
CA GLY E 222 22.09 55.95 -24.97
C GLY E 222 22.57 57.25 -25.58
N ASP E 223 22.86 57.19 -26.87
CA ASP E 223 23.42 58.35 -27.56
C ASP E 223 22.46 59.52 -27.54
N ILE E 224 21.18 59.23 -27.79
CA ILE E 224 20.15 60.24 -28.00
C ILE E 224 19.58 60.80 -26.71
N GLY E 225 19.76 60.12 -25.59
CA GLY E 225 19.27 60.63 -24.32
C GLY E 225 18.96 59.50 -23.35
N THR E 226 18.14 59.84 -22.37
CA THR E 226 17.84 58.94 -21.27
C THR E 226 16.32 58.80 -21.17
N ALA E 227 15.92 57.68 -20.56
CA ALA E 227 14.51 57.34 -20.43
C ALA E 227 14.31 56.56 -19.14
N ASN E 228 13.26 56.91 -18.42
CA ASN E 228 12.84 56.19 -17.21
C ASN E 228 11.34 56.01 -17.33
N ILE E 229 10.87 54.79 -17.08
CA ILE E 229 9.44 54.48 -17.08
C ILE E 229 9.13 53.86 -15.73
N VAL E 230 8.20 54.47 -15.00
CA VAL E 230 7.82 54.00 -13.67
C VAL E 230 6.40 53.45 -13.72
N LEU E 231 6.22 52.23 -13.21
CA LEU E 231 4.91 51.62 -13.07
C LEU E 231 4.60 51.39 -11.60
N ARG E 232 3.38 51.70 -11.18
CA ARG E 232 2.93 51.55 -9.81
C ARG E 232 1.77 50.55 -9.77
N GLN E 233 1.59 49.91 -8.61
CA GLN E 233 0.55 48.90 -8.48
C GLN E 233 -0.80 49.52 -8.84
N ASN E 234 -1.62 48.75 -9.56
CA ASN E 234 -2.94 49.24 -9.97
C ASN E 234 -3.85 48.03 -10.14
N THR E 235 -4.70 47.79 -9.14
CA THR E 235 -5.61 46.66 -9.21
C THR E 235 -7.03 47.10 -9.49
N THR E 236 -7.29 48.40 -9.55
CA THR E 236 -8.64 48.91 -9.75
C THR E 236 -8.92 49.10 -11.25
N VAL E 237 -8.83 48.01 -11.99
CA VAL E 237 -9.12 48.03 -13.43
C VAL E 237 -10.37 47.21 -13.75
N PRO E 240 -8.75 43.18 -15.53
CA PRO E 240 -8.04 42.21 -14.68
C PRO E 240 -6.68 41.83 -15.25
N GLU E 241 -6.62 41.49 -16.54
CA GLU E 241 -5.31 41.33 -17.16
C GLU E 241 -4.59 42.65 -17.36
N ASP E 242 -5.26 43.77 -17.12
CA ASP E 242 -4.62 45.08 -17.18
C ASP E 242 -4.03 45.51 -15.84
N ALA E 243 -4.16 44.70 -14.81
CA ALA E 243 -3.63 45.05 -13.51
C ALA E 243 -2.11 45.08 -13.55
N ILE E 244 -1.53 45.89 -12.67
CA ILE E 244 -0.12 45.81 -12.29
C ILE E 244 -0.11 45.35 -10.84
N VAL E 245 0.56 44.24 -10.55
CA VAL E 245 0.63 43.74 -9.18
C VAL E 245 2.09 43.56 -8.81
N ILE E 246 2.50 44.13 -7.69
CA ILE E 246 3.88 44.19 -7.26
C ILE E 246 3.94 43.71 -5.82
N GLU E 247 4.64 42.61 -5.58
CA GLU E 247 5.04 42.23 -4.23
C GLU E 247 6.50 42.61 -4.04
N MET E 248 6.76 43.50 -3.09
CA MET E 248 8.14 43.89 -2.80
C MET E 248 8.49 43.41 -1.38
N LYS E 249 9.30 42.36 -1.31
CA LYS E 249 9.85 41.93 -0.03
C LYS E 249 11.04 42.80 0.38
N GLU E 250 11.95 43.07 -0.55
CA GLU E 250 13.03 44.05 -0.38
C GLU E 250 13.24 44.76 -1.70
N PRO E 251 13.70 46.01 -1.68
CA PRO E 251 14.07 46.68 -2.93
C PRO E 251 15.12 45.86 -3.68
N VAL E 252 15.01 45.88 -5.00
CA VAL E 252 15.95 45.18 -5.89
C VAL E 252 16.26 46.13 -7.03
N SER E 253 17.47 46.04 -7.56
CA SER E 253 17.80 46.77 -8.77
C SER E 253 18.89 45.99 -9.52
N LEU E 254 18.66 45.72 -10.80
CA LEU E 254 19.60 44.93 -11.60
C LEU E 254 19.55 45.42 -13.05
N SER E 255 20.66 45.21 -13.78
CA SER E 255 20.79 45.60 -15.17
C SER E 255 20.79 44.39 -16.09
N PHE E 256 20.20 44.55 -17.28
CA PHE E 256 20.08 43.47 -18.24
C PHE E 256 20.28 44.01 -19.65
N ALA E 257 20.75 43.15 -20.53
CA ALA E 257 20.83 43.48 -21.94
C ALA E 257 19.43 43.49 -22.57
N LEU E 258 19.05 44.59 -23.19
CA LEU E 258 17.70 44.64 -23.76
C LEU E 258 17.53 43.66 -24.93
N ARG E 259 18.62 43.37 -25.65
CA ARG E 259 18.55 42.44 -26.77
C ARG E 259 17.87 41.13 -26.37
N TYR E 260 18.22 40.60 -25.21
CA TYR E 260 17.60 39.35 -24.75
C TYR E 260 16.17 39.56 -24.30
N MET E 261 15.90 40.64 -23.56
CA MET E 261 14.52 40.93 -23.15
C MET E 261 13.59 40.99 -24.36
N ASN E 262 14.05 41.61 -25.45
CA ASN E 262 13.21 41.73 -26.65
C ASN E 262 12.96 40.37 -27.32
N SER E 263 13.89 39.42 -27.22
CA SER E 263 13.55 38.09 -27.72
C SER E 263 12.50 37.41 -26.83
N PHE E 264 12.53 37.67 -25.50
CA PHE E 264 11.53 37.11 -24.60
C PHE E 264 10.13 37.54 -24.96
N THR E 265 9.95 38.80 -25.39
CA THR E 265 8.63 39.29 -25.70
C THR E 265 8.02 38.68 -26.95
N LYS E 266 8.74 37.80 -27.66
CA LYS E 266 8.10 37.03 -28.71
C LYS E 266 7.08 36.03 -28.16
N ALA E 267 7.07 35.83 -26.85
CA ALA E 267 6.04 34.98 -26.25
C ALA E 267 4.75 35.75 -25.97
N THR E 268 4.75 37.06 -26.19
CA THR E 268 3.60 37.91 -25.87
C THR E 268 2.25 37.35 -26.34
N PRO E 269 2.09 36.85 -27.57
CA PRO E 269 0.76 36.32 -27.96
C PRO E 269 0.33 35.08 -27.15
N LEU E 270 1.21 34.49 -26.35
CA LEU E 270 0.79 33.37 -25.51
C LEU E 270 -0.14 33.81 -24.38
N SER E 271 0.14 34.96 -23.77
CA SER E 271 -0.51 35.32 -22.52
C SER E 271 -0.80 36.80 -22.51
N ASP E 272 -1.97 37.18 -21.98
CA ASP E 272 -2.26 38.60 -21.81
C ASP E 272 -1.48 39.23 -20.66
N THR E 273 -0.78 38.42 -19.84
CA THR E 273 0.00 38.94 -18.74
C THR E 273 1.37 38.28 -18.74
N VAL E 274 2.29 38.91 -18.00
CA VAL E 274 3.66 38.46 -17.84
C VAL E 274 4.04 38.74 -16.40
N THR E 275 4.93 37.90 -15.86
CA THR E 275 5.43 38.04 -14.49
C THR E 275 6.95 38.13 -14.50
N ILE E 276 7.49 39.09 -13.75
CA ILE E 276 8.93 39.32 -13.69
C ILE E 276 9.36 39.16 -12.24
N SER E 277 10.25 38.20 -11.97
CA SER E 277 10.73 37.93 -10.61
C SER E 277 12.21 38.26 -10.49
N LEU E 278 12.56 39.06 -9.48
CA LEU E 278 13.89 39.62 -9.29
C LEU E 278 14.44 39.29 -7.91
N SER E 279 15.71 38.95 -7.84
CA SER E 279 16.41 38.93 -6.57
C SER E 279 17.84 39.34 -6.87
N SER E 280 18.47 40.02 -5.91
CA SER E 280 19.82 40.50 -6.15
C SER E 280 20.79 39.37 -6.43
N GLU E 281 20.43 38.14 -6.12
CA GLU E 281 21.33 37.00 -6.17
C GLU E 281 21.05 36.05 -7.33
N LEU E 282 20.14 36.40 -8.23
CA LEU E 282 19.66 35.46 -9.23
C LEU E 282 19.52 36.16 -10.57
N PRO E 283 19.49 35.40 -11.66
CA PRO E 283 18.95 35.93 -12.92
C PRO E 283 17.53 36.43 -12.74
N VAL E 284 17.13 37.41 -13.57
CA VAL E 284 15.73 37.77 -13.61
C VAL E 284 14.97 36.62 -14.25
N VAL E 285 13.72 36.47 -13.86
CA VAL E 285 12.86 35.42 -14.41
C VAL E 285 11.66 36.10 -15.03
N VAL E 286 11.42 35.84 -16.31
CA VAL E 286 10.28 36.40 -17.03
C VAL E 286 9.40 35.24 -17.45
N GLU E 287 8.16 35.21 -16.97
CA GLU E 287 7.28 34.07 -17.15
C GLU E 287 6.01 34.47 -17.90
N TYR E 288 5.70 33.70 -18.95
CA TYR E 288 4.41 33.75 -19.63
C TYR E 288 3.67 32.43 -19.42
N LYS E 289 2.36 32.51 -19.12
CA LYS E 289 1.54 31.31 -18.97
C LYS E 289 1.16 30.74 -20.35
N VAL E 290 1.16 29.42 -20.46
CA VAL E 290 0.67 28.75 -21.66
C VAL E 290 -0.73 28.26 -21.32
N ALA E 291 -1.73 29.04 -21.77
CA ALA E 291 -3.12 28.93 -21.34
C ALA E 291 -3.14 28.72 -19.84
N GLU E 292 -3.79 27.67 -19.39
CA GLU E 292 -3.69 27.22 -18.01
C GLU E 292 -3.11 25.81 -17.95
N MET E 293 -2.17 25.51 -18.85
CA MET E 293 -1.57 24.18 -18.90
C MET E 293 -0.05 24.22 -18.81
N GLY E 294 0.54 25.33 -18.41
CA GLY E 294 1.97 25.36 -18.22
C GLY E 294 2.52 26.76 -18.42
N TYR E 295 3.79 26.84 -18.81
CA TYR E 295 4.46 28.13 -18.84
C TYR E 295 5.66 28.06 -19.78
N ILE E 296 6.14 29.24 -20.16
CA ILE E 296 7.52 29.44 -20.60
C ILE E 296 8.15 30.41 -19.62
N ARG E 297 9.29 30.03 -19.06
CA ARG E 297 10.06 30.90 -18.18
C ARG E 297 11.39 31.21 -18.83
N TYR E 298 11.69 32.49 -18.96
CA TYR E 298 12.98 32.95 -19.47
C TYR E 298 13.80 33.45 -18.29
N TYR E 299 15.05 33.01 -18.22
CA TYR E 299 15.99 33.40 -17.17
C TYR E 299 17.12 34.14 -17.86
N LEU E 300 17.50 35.29 -17.31
CA LEU E 300 18.49 36.13 -17.96
C LEU E 300 19.50 36.60 -16.93
N ALA E 301 20.76 36.27 -17.13
CA ALA E 301 21.78 36.66 -16.18
C ALA E 301 22.00 38.18 -16.26
N PRO E 302 22.24 38.82 -15.12
CA PRO E 302 22.37 40.28 -15.10
C PRO E 302 23.76 40.75 -15.54
N LYS E 303 23.82 42.03 -15.89
CA LYS E 303 25.07 42.77 -16.03
C LYS E 303 25.35 43.49 -14.72
N ILE E 304 26.56 43.29 -14.18
CA ILE E 304 26.89 43.76 -12.85
C ILE E 304 28.14 44.64 -12.94
N GLU E 305 28.35 45.42 -11.88
CA GLU E 305 29.57 46.21 -11.76
C GLU E 305 30.76 45.30 -11.46
N GLU E 306 31.87 45.55 -12.16
CA GLU E 306 33.11 44.86 -11.85
C GLU E 306 33.56 45.19 -10.43
N GLU E 307 34.28 44.26 -9.83
CA GLU E 307 34.74 44.44 -8.45
C GLU E 307 36.21 44.84 -8.40
N PRO F 2 31.43 50.54 -18.38
CA PRO F 2 30.76 49.36 -18.96
C PRO F 2 30.61 48.20 -17.96
N LEU F 3 29.37 47.76 -17.77
CA LEU F 3 29.05 46.67 -16.87
C LEU F 3 29.48 45.33 -17.47
N VAL F 4 29.52 44.30 -16.62
CA VAL F 4 30.02 42.98 -16.99
C VAL F 4 28.84 42.00 -17.06
N GLN F 5 28.68 41.38 -18.21
CA GLN F 5 27.61 40.41 -18.43
C GLN F 5 27.94 39.09 -17.74
N THR F 6 27.10 38.68 -16.77
CA THR F 6 27.32 37.39 -16.13
C THR F 6 26.68 36.27 -16.97
N LYS F 7 26.96 35.02 -16.61
CA LYS F 7 26.47 33.87 -17.36
C LYS F 7 25.52 33.04 -16.48
N ILE F 8 24.59 32.33 -17.13
CA ILE F 8 23.66 31.49 -16.36
C ILE F 8 24.42 30.48 -15.49
N ILE F 9 25.55 29.99 -15.99
CA ILE F 9 26.37 29.00 -15.29
C ILE F 9 26.92 29.54 -13.98
N ASP F 10 26.99 30.86 -13.81
CA ASP F 10 27.41 31.43 -12.53
C ASP F 10 26.36 31.31 -11.44
N PHE F 11 25.15 30.87 -11.76
CA PHE F 11 24.04 30.84 -10.81
C PHE F 11 23.46 29.45 -10.61
N PHE F 12 23.34 28.67 -11.68
CA PHE F 12 22.77 27.34 -11.62
C PHE F 12 23.83 26.30 -11.93
N ARG F 13 23.77 25.15 -11.26
CA ARG F 13 24.70 24.06 -11.46
C ARG F 13 24.11 23.00 -12.37
N ILE F 14 24.98 22.22 -13.01
CA ILE F 14 24.51 21.09 -13.81
C ILE F 14 23.83 20.03 -12.94
N LEU G 45 -16.24 -16.84 -2.05
CA LEU G 45 -16.26 -15.60 -1.28
C LEU G 45 -17.42 -15.57 -0.29
N TYR G 46 -18.54 -16.19 -0.68
CA TYR G 46 -19.64 -16.43 0.25
C TYR G 46 -19.48 -17.80 0.92
N PHE G 47 -18.26 -18.08 1.38
CA PHE G 47 -17.88 -19.38 1.92
C PHE G 47 -18.50 -19.65 3.28
N GLN G 48 -18.79 -20.93 3.54
CA GLN G 48 -19.11 -21.37 4.89
C GLN G 48 -17.85 -21.30 5.75
N GLY G 49 -17.95 -20.64 6.89
CA GLY G 49 -16.82 -20.59 7.80
C GLY G 49 -16.47 -21.99 8.27
N MET G 50 -15.18 -22.31 8.26
CA MET G 50 -14.70 -23.62 8.64
C MET G 50 -13.56 -23.43 9.64
N LEU G 51 -13.36 -24.46 10.44
CA LEU G 51 -12.25 -24.57 11.35
C LEU G 51 -11.60 -25.93 11.10
N GLU G 52 -10.30 -25.93 10.89
CA GLU G 52 -9.53 -27.17 10.74
C GLU G 52 -8.16 -26.88 11.32
N LEU G 53 -7.87 -27.46 12.47
CA LEU G 53 -6.61 -27.24 13.16
C LEU G 53 -5.91 -28.57 13.34
N ARG G 54 -4.65 -28.65 12.93
CA ARG G 54 -3.84 -29.84 13.09
C ARG G 54 -2.71 -29.54 14.07
N LEU G 55 -2.64 -30.33 15.13
CA LEU G 55 -1.69 -30.11 16.22
C LEU G 55 -0.84 -31.36 16.38
N VAL G 56 0.45 -31.26 16.05
CA VAL G 56 1.32 -32.44 16.11
C VAL G 56 1.46 -32.94 17.55
N GLN G 57 1.61 -32.03 18.51
CA GLN G 57 1.77 -32.42 19.90
C GLN G 57 0.38 -32.50 20.55
N GLY G 58 -0.34 -33.57 20.21
CA GLY G 58 -1.69 -33.72 20.72
C GLY G 58 -1.78 -33.60 22.22
N SER G 59 -0.75 -34.09 22.93
CA SER G 59 -0.76 -34.07 24.38
C SER G 59 -1.00 -32.68 24.95
N LEU G 60 -0.57 -31.62 24.25
CA LEU G 60 -0.82 -30.28 24.77
C LEU G 60 -2.30 -30.03 24.91
N LEU G 61 -3.09 -30.49 23.94
CA LEU G 61 -4.53 -30.28 23.99
C LEU G 61 -5.19 -31.13 25.08
N LYS G 62 -4.80 -32.40 25.20
CA LYS G 62 -5.29 -33.22 26.31
C LYS G 62 -5.09 -32.50 27.65
N LYS G 63 -3.88 -31.99 27.88
CA LYS G 63 -3.57 -31.36 29.17
C LYS G 63 -4.33 -30.05 29.33
N VAL G 64 -4.53 -29.31 28.24
CA VAL G 64 -5.31 -28.07 28.33
C VAL G 64 -6.74 -28.38 28.81
N LEU G 65 -7.36 -29.40 28.25
CA LEU G 65 -8.75 -29.66 28.64
C LEU G 65 -8.81 -30.12 30.09
N GLU G 66 -7.86 -30.97 30.51
CA GLU G 66 -7.80 -31.37 31.92
C GLU G 66 -7.64 -30.16 32.85
N SER G 67 -6.96 -29.12 32.39
CA SER G 67 -6.73 -27.94 33.21
C SER G 67 -7.99 -27.13 33.48
N ILE G 68 -9.01 -27.21 32.62
CA ILE G 68 -10.15 -26.32 32.74
C ILE G 68 -11.48 -27.03 32.91
N LYS G 69 -11.57 -28.34 32.67
CA LYS G 69 -12.89 -28.98 32.65
C LYS G 69 -13.57 -28.93 34.00
N ASP G 70 -12.82 -28.93 35.10
CA ASP G 70 -13.47 -28.97 36.41
C ASP G 70 -13.85 -27.59 36.91
N LEU G 71 -13.21 -26.56 36.34
CA LEU G 71 -13.49 -25.18 36.68
C LEU G 71 -14.69 -24.64 35.90
N VAL G 72 -14.81 -25.01 34.64
CA VAL G 72 -15.84 -24.51 33.72
C VAL G 72 -16.54 -25.69 33.08
N ASN G 73 -17.86 -25.68 33.05
CA ASN G 73 -18.59 -26.81 32.49
C ASN G 73 -18.74 -26.71 30.99
N ASP G 74 -19.34 -25.62 30.51
CA ASP G 74 -19.57 -25.37 29.09
C ASP G 74 -18.98 -24.02 28.74
N ALA G 75 -18.35 -23.93 27.56
CA ALA G 75 -17.73 -22.70 27.10
C ALA G 75 -17.50 -22.75 25.60
N ASN G 76 -17.33 -21.57 25.01
CA ASN G 76 -17.00 -21.45 23.60
C ASN G 76 -15.48 -21.49 23.41
N PHE G 77 -15.04 -22.23 22.39
CA PHE G 77 -13.71 -22.01 21.84
C PHE G 77 -13.85 -21.03 20.69
N ASP G 78 -13.01 -20.00 20.67
CA ASP G 78 -13.11 -18.95 19.66
C ASP G 78 -11.96 -19.04 18.69
N CYS G 79 -12.25 -18.61 17.48
CA CYS G 79 -11.36 -18.68 16.34
C CYS G 79 -10.96 -17.26 15.94
N SER G 80 -9.67 -17.04 15.71
CA SER G 80 -9.18 -15.76 15.22
C SER G 80 -7.92 -16.02 14.40
N SER G 81 -7.35 -14.95 13.84
CA SER G 81 -6.07 -15.10 13.15
C SER G 81 -4.93 -15.25 14.14
N THR G 82 -5.08 -14.69 15.35
CA THR G 82 -4.05 -14.86 16.38
C THR G 82 -3.96 -16.32 16.84
N GLY G 83 -5.10 -16.99 17.02
CA GLY G 83 -5.07 -18.38 17.37
C GLY G 83 -6.41 -18.88 17.85
N PHE G 84 -6.36 -20.01 18.54
CA PHE G 84 -7.51 -20.74 19.04
C PHE G 84 -7.60 -20.45 20.52
N SER G 85 -8.72 -19.85 20.97
CA SER G 85 -8.77 -19.30 22.32
C SER G 85 -10.06 -19.66 23.03
N LEU G 86 -10.09 -19.33 24.32
CA LEU G 86 -11.26 -19.52 25.15
C LEU G 86 -11.18 -18.60 26.34
N GLN G 87 -12.33 -18.06 26.74
CA GLN G 87 -12.47 -17.31 27.97
C GLN G 87 -13.80 -17.67 28.61
N ALA G 88 -13.78 -18.00 29.91
CA ALA G 88 -15.00 -18.29 30.62
C ALA G 88 -14.75 -18.11 32.11
N MET G 89 -15.83 -17.84 32.83
CA MET G 89 -15.85 -17.79 34.29
C MET G 89 -16.40 -19.10 34.85
N ASP G 90 -15.94 -19.47 36.04
CA ASP G 90 -16.59 -20.56 36.73
C ASP G 90 -18.00 -20.14 37.13
N SER G 91 -18.80 -21.09 37.61
CA SER G 91 -20.21 -20.75 37.83
C SER G 91 -20.42 -19.78 38.99
N SER G 92 -19.42 -19.59 39.86
CA SER G 92 -19.51 -18.62 40.94
C SER G 92 -19.15 -17.20 40.51
N HIS G 93 -18.52 -17.02 39.35
CA HIS G 93 -18.09 -15.70 38.87
C HIS G 93 -16.96 -15.12 39.71
N VAL G 94 -16.21 -16.01 40.39
CA VAL G 94 -15.08 -15.62 41.21
C VAL G 94 -13.77 -15.86 40.48
N ALA G 95 -13.75 -16.78 39.53
CA ALA G 95 -12.56 -17.14 38.76
C ALA G 95 -12.87 -17.03 37.28
N LEU G 96 -11.83 -16.76 36.49
CA LEU G 96 -11.94 -16.61 35.05
C LEU G 96 -10.75 -17.29 34.42
N VAL G 97 -10.96 -18.07 33.37
CA VAL G 97 -9.84 -18.71 32.67
C VAL G 97 -9.74 -18.10 31.29
N SER G 98 -8.52 -17.78 30.88
CA SER G 98 -8.25 -17.28 29.53
C SER G 98 -7.14 -18.13 28.94
N LEU G 99 -7.44 -18.75 27.81
CA LEU G 99 -6.57 -19.69 27.14
C LEU G 99 -6.25 -19.18 25.74
N LEU G 100 -5.00 -19.36 25.31
CA LEU G 100 -4.65 -19.07 23.91
C LEU G 100 -3.70 -20.14 23.39
N LEU G 101 -4.08 -20.79 22.29
CA LEU G 101 -3.17 -21.61 21.49
C LEU G 101 -2.89 -20.84 20.21
N ARG G 102 -1.65 -20.39 20.04
CA ARG G 102 -1.30 -19.53 18.91
C ARG G 102 -1.27 -20.33 17.61
N SER G 103 -1.59 -19.63 16.51
CA SER G 103 -1.73 -20.31 15.22
C SER G 103 -0.43 -20.94 14.74
N GLU G 104 0.71 -20.31 15.02
CA GLU G 104 2.00 -20.86 14.59
C GLU G 104 2.29 -22.22 15.22
N GLY G 105 1.68 -22.53 16.36
CA GLY G 105 1.88 -23.81 16.99
C GLY G 105 1.20 -24.95 16.29
N PHE G 106 0.39 -24.68 15.27
CA PHE G 106 -0.35 -25.70 14.54
C PHE G 106 0.34 -25.98 13.21
N GLU G 107 0.50 -27.26 12.88
CA GLU G 107 1.05 -27.62 11.59
C GLU G 107 0.17 -27.10 10.46
N HIS G 108 -1.14 -27.23 10.61
CA HIS G 108 -2.09 -26.63 9.69
C HIS G 108 -3.08 -25.86 10.52
N TYR G 109 -3.34 -24.62 10.13
CA TYR G 109 -4.21 -23.72 10.88
C TYR G 109 -5.19 -23.11 9.89
N ARG G 110 -6.42 -23.59 9.92
CA ARG G 110 -7.48 -23.02 9.10
C ARG G 110 -8.55 -22.52 10.04
N CYS G 111 -8.91 -21.25 9.89
CA CYS G 111 -9.96 -20.69 10.71
C CYS G 111 -10.67 -19.67 9.83
N ASP G 112 -11.65 -20.17 9.06
CA ASP G 112 -12.12 -19.41 7.91
C ASP G 112 -12.74 -18.08 8.34
N ARG G 113 -13.70 -18.11 9.25
CA ARG G 113 -14.36 -16.92 9.73
C ARG G 113 -13.96 -16.66 11.18
N ASN G 114 -14.82 -15.98 11.93
CA ASN G 114 -14.69 -15.92 13.39
C ASN G 114 -15.66 -16.92 14.02
N LEU G 115 -15.37 -18.19 13.74
CA LEU G 115 -16.21 -19.27 14.23
C LEU G 115 -16.10 -19.38 15.74
N SER G 116 -17.17 -19.86 16.35
CA SER G 116 -17.21 -20.20 17.77
C SER G 116 -17.78 -21.61 17.91
N MET G 117 -17.16 -22.42 18.76
CA MET G 117 -17.59 -23.78 19.03
C MET G 117 -18.02 -23.86 20.49
N GLY G 118 -19.32 -23.99 20.73
CA GLY G 118 -19.82 -24.21 22.07
C GLY G 118 -19.69 -25.66 22.48
N MET G 119 -19.02 -25.88 23.60
CA MET G 119 -18.47 -27.18 23.94
C MET G 119 -18.77 -27.53 25.39
N ASN G 120 -19.21 -28.76 25.60
CA ASN G 120 -19.23 -29.37 26.92
C ASN G 120 -17.81 -29.85 27.23
N LEU G 121 -17.12 -29.18 28.14
CA LEU G 121 -15.70 -29.44 28.28
C LEU G 121 -15.42 -30.82 28.84
N GLY G 122 -16.29 -31.34 29.71
CA GLY G 122 -16.11 -32.70 30.21
C GLY G 122 -16.24 -33.74 29.13
N ASN G 123 -17.19 -33.55 28.21
CA ASN G 123 -17.31 -34.49 27.09
C ASN G 123 -16.12 -34.37 26.16
N MET G 124 -15.67 -33.15 25.91
CA MET G 124 -14.47 -32.98 25.09
C MET G 124 -13.28 -33.69 25.73
N SER G 125 -13.09 -33.51 27.03
CA SER G 125 -11.94 -34.15 27.69
C SER G 125 -12.06 -35.66 27.61
N LYS G 126 -13.26 -36.20 27.78
CA LYS G 126 -13.44 -37.65 27.68
C LYS G 126 -13.01 -38.15 26.31
N MET G 127 -13.24 -37.36 25.26
CA MET G 127 -12.84 -37.82 23.94
C MET G 127 -11.33 -37.67 23.74
N LEU G 128 -10.77 -36.55 24.16
CA LEU G 128 -9.32 -36.37 24.05
C LEU G 128 -8.56 -37.39 24.89
N LYS G 129 -9.16 -37.95 25.94
CA LYS G 129 -8.43 -38.92 26.74
C LYS G 129 -8.13 -40.19 25.93
N CYS G 130 -8.92 -40.46 24.89
CA CYS G 130 -8.72 -41.59 23.97
C CYS G 130 -7.64 -41.34 22.93
N ALA G 131 -7.03 -40.16 22.91
CA ALA G 131 -5.88 -39.94 22.05
C ALA G 131 -4.61 -40.29 22.82
N GLY G 132 -3.69 -40.97 22.14
CA GLY G 132 -2.40 -41.23 22.74
C GLY G 132 -1.59 -39.96 22.88
N ASN G 133 -0.58 -40.00 23.75
CA ASN G 133 0.12 -38.77 24.11
C ASN G 133 1.02 -38.24 23.00
N ASP G 134 1.42 -39.10 22.06
CA ASP G 134 2.14 -38.67 20.88
C ASP G 134 1.25 -38.59 19.65
N ASP G 135 -0.06 -38.73 19.82
CA ASP G 135 -0.97 -38.61 18.68
C ASP G 135 -0.98 -37.20 18.12
N ILE G 136 -1.18 -37.11 16.81
CA ILE G 136 -1.49 -35.86 16.12
C ILE G 136 -3.00 -35.68 16.13
N ILE G 137 -3.47 -34.52 16.63
CA ILE G 137 -4.90 -34.27 16.80
C ILE G 137 -5.36 -33.20 15.83
N THR G 138 -6.43 -33.49 15.11
CA THR G 138 -7.06 -32.54 14.21
C THR G 138 -8.45 -32.27 14.71
N ILE G 139 -8.82 -30.99 14.77
CA ILE G 139 -10.17 -30.57 15.12
C ILE G 139 -10.80 -30.00 13.87
N LYS G 140 -12.03 -30.39 13.58
CA LYS G 140 -12.71 -29.87 12.40
C LYS G 140 -14.16 -29.54 12.75
N ALA G 141 -14.64 -28.39 12.27
CA ALA G 141 -16.01 -27.97 12.57
C ALA G 141 -16.43 -26.90 11.58
N ASP G 142 -17.74 -26.82 11.37
CA ASP G 142 -18.38 -25.79 10.57
C ASP G 142 -18.96 -24.68 11.45
N ASP G 143 -19.04 -23.47 10.88
CA ASP G 143 -19.41 -22.25 11.60
C ASP G 143 -20.59 -22.47 12.55
N GLY G 144 -21.77 -22.75 12.00
CA GLY G 144 -22.89 -23.05 12.87
C GLY G 144 -23.27 -24.51 12.84
N GLY G 145 -22.27 -25.40 12.85
CA GLY G 145 -22.52 -26.81 12.62
C GLY G 145 -23.07 -27.49 13.84
N ASP G 146 -23.54 -28.72 13.64
CA ASP G 146 -24.14 -29.43 14.75
C ASP G 146 -23.12 -30.21 15.56
N THR G 147 -21.99 -30.60 14.96
CA THR G 147 -21.00 -31.43 15.63
C THR G 147 -19.60 -30.92 15.37
N VAL G 148 -18.66 -31.47 16.13
CA VAL G 148 -17.24 -31.23 15.94
C VAL G 148 -16.57 -32.59 15.83
N THR G 149 -15.55 -32.70 14.99
CA THR G 149 -14.83 -33.95 14.79
C THR G 149 -13.40 -33.81 15.32
N PHE G 150 -12.98 -34.77 16.12
CA PHE G 150 -11.58 -34.88 16.54
C PHE G 150 -11.00 -36.08 15.81
N MET G 151 -9.94 -35.85 15.05
CA MET G 151 -9.19 -36.91 14.39
C MET G 151 -7.87 -37.08 15.14
N PHE G 152 -7.61 -38.29 15.59
CA PHE G 152 -6.38 -38.65 16.27
C PHE G 152 -5.59 -39.55 15.35
N GLU G 153 -4.40 -39.11 14.96
CA GLU G 153 -3.57 -39.81 14.00
C GLU G 153 -2.26 -40.20 14.67
N SER G 154 -1.90 -41.48 14.55
CA SER G 154 -0.63 -41.89 15.15
C SER G 154 0.54 -41.61 14.21
N PRO G 155 1.66 -41.10 14.73
CA PRO G 155 2.83 -40.86 13.87
C PRO G 155 3.70 -42.09 13.68
N THR G 156 3.53 -43.10 14.54
CA THR G 156 4.34 -44.31 14.50
C THR G 156 3.52 -45.54 14.10
N GLN G 157 2.24 -45.36 13.77
CA GLN G 157 1.39 -46.47 13.42
C GLN G 157 0.46 -46.02 12.30
N ASP G 158 -0.18 -47.01 11.67
CA ASP G 158 -1.24 -46.73 10.72
C ASP G 158 -2.59 -46.92 11.42
N LYS G 159 -2.87 -45.97 12.32
CA LYS G 159 -4.12 -45.96 13.09
C LYS G 159 -4.69 -44.56 13.02
N ILE G 160 -5.95 -44.44 12.58
CA ILE G 160 -6.66 -43.16 12.57
C ILE G 160 -8.00 -43.36 13.28
N ALA G 161 -8.29 -42.47 14.23
CA ALA G 161 -9.51 -42.49 15.03
C ALA G 161 -10.30 -41.23 14.78
N ASP G 162 -11.59 -41.39 14.52
CA ASP G 162 -12.52 -40.29 14.30
C ASP G 162 -13.47 -40.25 15.48
N PHE G 163 -13.47 -39.16 16.23
CA PHE G 163 -14.42 -38.97 17.32
C PHE G 163 -15.26 -37.75 17.01
N GLU G 164 -16.57 -37.87 17.23
CA GLU G 164 -17.51 -36.84 16.85
C GLU G 164 -18.46 -36.56 18.01
N MET G 165 -18.68 -35.29 18.28
CA MET G 165 -19.36 -34.80 19.47
C MET G 165 -20.29 -33.65 19.08
N LYS G 166 -21.42 -33.53 19.75
CA LYS G 166 -22.35 -32.45 19.43
C LYS G 166 -21.86 -31.11 19.97
N LEU G 167 -22.17 -30.03 19.25
CA LEU G 167 -21.91 -28.68 19.72
C LEU G 167 -23.16 -28.11 20.37
N MET G 168 -22.98 -27.00 21.10
CA MET G 168 -24.09 -26.29 21.71
C MET G 168 -23.91 -24.79 21.50
N ASP G 169 -25.02 -24.06 21.56
CA ASP G 169 -25.01 -22.61 21.40
C ASP G 169 -24.86 -21.97 22.78
N ILE G 170 -23.87 -21.09 22.94
CA ILE G 170 -23.55 -20.56 24.26
C ILE G 170 -23.54 -19.03 24.32
N ASP G 171 -23.31 -18.33 23.22
CA ASP G 171 -23.41 -16.87 23.15
C ASP G 171 -22.22 -16.20 23.82
N SER G 172 -21.40 -15.54 23.00
CA SER G 172 -20.17 -14.90 23.45
C SER G 172 -20.51 -13.67 24.28
N GLU G 173 -20.23 -13.73 25.59
CA GLU G 173 -20.37 -12.54 26.44
C GLU G 173 -19.04 -11.79 26.49
N HIS G 174 -18.05 -12.37 27.15
CA HIS G 174 -16.66 -11.93 27.14
C HIS G 174 -16.39 -10.62 27.86
N LEU G 175 -15.51 -10.70 28.85
CA LEU G 175 -15.01 -9.55 29.59
C LEU G 175 -13.71 -9.04 28.97
N GLY G 176 -13.57 -7.72 28.87
CA GLY G 176 -12.29 -7.15 28.49
C GLY G 176 -11.33 -7.18 29.67
N ILE G 177 -10.14 -7.71 29.45
CA ILE G 177 -9.08 -7.68 30.46
C ILE G 177 -8.17 -6.50 30.15
N PRO G 178 -8.04 -5.53 31.05
CA PRO G 178 -7.16 -4.39 30.79
C PRO G 178 -5.69 -4.77 30.91
N ASP G 179 -4.85 -4.08 30.12
CA ASP G 179 -3.41 -4.18 30.23
C ASP G 179 -2.95 -3.47 31.49
N ALA G 180 -2.75 -4.19 32.58
CA ALA G 180 -2.54 -3.51 33.85
C ALA G 180 -1.10 -3.63 34.35
N GLU G 181 -0.83 -2.92 35.43
CA GLU G 181 0.50 -2.82 36.01
C GLU G 181 0.48 -3.58 37.32
N TYR G 182 1.28 -4.63 37.41
CA TYR G 182 1.26 -5.49 38.58
C TYR G 182 2.25 -4.97 39.60
N HIS G 183 1.88 -5.07 40.87
CA HIS G 183 2.81 -4.59 41.89
C HIS G 183 3.88 -5.63 42.19
N SER G 184 3.58 -6.91 41.99
CA SER G 184 4.61 -7.93 42.10
C SER G 184 4.27 -9.08 41.18
N ILE G 185 5.32 -9.71 40.66
CA ILE G 185 5.23 -10.89 39.83
C ILE G 185 6.21 -11.92 40.37
N VAL G 186 5.74 -13.16 40.51
CA VAL G 186 6.54 -14.25 41.05
C VAL G 186 6.49 -15.40 40.04
N ARG G 187 7.65 -15.85 39.59
CA ARG G 187 7.80 -17.06 38.81
C ARG G 187 8.47 -18.13 39.66
N MET G 188 7.97 -19.36 39.60
CA MET G 188 8.46 -20.43 40.48
C MET G 188 8.13 -21.77 39.85
N PRO G 189 8.74 -22.87 40.33
CA PRO G 189 8.41 -24.19 39.76
C PRO G 189 6.94 -24.52 39.99
N SER G 190 6.29 -25.07 38.96
CA SER G 190 4.86 -25.33 39.10
C SER G 190 4.59 -26.40 40.16
N ASN G 191 5.49 -27.38 40.27
CA ASN G 191 5.29 -28.42 41.25
C ASN G 191 5.39 -27.86 42.66
N GLU G 192 6.22 -26.83 42.86
CA GLU G 192 6.30 -26.17 44.16
C GLU G 192 5.00 -25.46 44.48
N PHE G 193 4.48 -24.69 43.53
CA PHE G 193 3.21 -24.02 43.75
C PHE G 193 2.10 -25.01 44.03
N SER G 194 2.06 -26.10 43.26
CA SER G 194 1.01 -27.10 43.48
C SER G 194 1.10 -27.71 44.86
N ARG G 195 2.32 -28.04 45.30
CA ARG G 195 2.52 -28.59 46.64
C ARG G 195 2.04 -27.62 47.70
N ILE G 196 2.34 -26.34 47.54
CA ILE G 196 2.00 -25.33 48.54
C ILE G 196 0.49 -25.19 48.67
N CYS G 197 -0.23 -25.13 47.54
CA CYS G 197 -1.68 -25.04 47.60
C CYS G 197 -2.30 -26.28 48.24
N LYS G 198 -1.79 -27.47 47.89
CA LYS G 198 -2.32 -28.69 48.52
C LYS G 198 -2.03 -28.71 50.03
N ASP G 199 -0.79 -28.40 50.42
CA ASP G 199 -0.41 -28.43 51.83
C ASP G 199 -1.19 -27.39 52.64
N LEU G 200 -1.30 -26.16 52.13
CA LEU G 200 -2.04 -25.13 52.85
C LEU G 200 -3.53 -25.48 52.95
N SER G 201 -4.07 -26.07 51.89
CA SER G 201 -5.51 -26.32 51.90
C SER G 201 -5.87 -27.44 52.85
N SER G 202 -4.92 -28.25 53.28
CA SER G 202 -5.18 -29.25 54.31
C SER G 202 -5.17 -28.65 55.71
N ILE G 203 -4.78 -27.39 55.83
CA ILE G 203 -4.80 -26.65 57.09
C ILE G 203 -5.99 -25.70 57.17
N GLY G 204 -6.28 -24.97 56.09
CA GLY G 204 -7.31 -23.96 56.11
C GLY G 204 -7.89 -23.68 54.73
N ASP G 205 -8.82 -22.73 54.67
CA ASP G 205 -9.57 -22.42 53.45
C ASP G 205 -9.05 -21.22 52.68
N THR G 206 -8.38 -20.28 53.35
CA THR G 206 -7.96 -19.01 52.76
C THR G 206 -6.45 -18.86 52.84
N VAL G 207 -5.84 -18.48 51.73
CA VAL G 207 -4.40 -18.22 51.70
C VAL G 207 -4.18 -16.73 51.54
N VAL G 208 -3.31 -16.16 52.37
CA VAL G 208 -2.83 -14.80 52.18
C VAL G 208 -1.52 -14.89 51.40
N ILE G 209 -1.49 -14.28 50.22
CA ILE G 209 -0.25 -14.18 49.45
C ILE G 209 0.30 -12.77 49.64
N SER G 210 1.54 -12.67 50.08
CA SER G 210 2.17 -11.38 50.27
C SER G 210 3.58 -11.41 49.69
N VAL G 211 3.95 -10.32 49.01
CA VAL G 211 5.30 -10.11 48.52
C VAL G 211 5.87 -8.89 49.23
N THR G 212 7.09 -9.05 49.77
CA THR G 212 7.85 -7.98 50.38
C THR G 212 9.29 -8.11 49.92
N LYS G 213 10.14 -7.20 50.40
CA LYS G 213 11.57 -7.31 50.13
C LYS G 213 12.14 -8.64 50.59
N GLU G 214 11.46 -9.33 51.49
CA GLU G 214 11.92 -10.61 52.00
C GLU G 214 11.52 -11.81 51.13
N GLY G 215 10.64 -11.63 50.16
CA GLY G 215 10.22 -12.74 49.36
C GLY G 215 8.71 -12.82 49.31
N VAL G 216 8.20 -13.91 48.79
CA VAL G 216 6.76 -14.15 48.73
C VAL G 216 6.39 -15.10 49.86
N LYS G 217 5.33 -14.76 50.58
CA LYS G 217 4.86 -15.55 51.71
C LYS G 217 3.44 -16.01 51.46
N PHE G 218 3.17 -17.28 51.73
CA PHE G 218 1.83 -17.86 51.67
C PHE G 218 1.42 -18.26 53.09
N SER G 219 0.25 -17.81 53.55
CA SER G 219 -0.13 -18.02 54.95
C SER G 219 -1.59 -18.46 55.07
N THR G 220 -1.84 -19.38 56.01
CA THR G 220 -3.19 -19.87 56.25
C THR G 220 -3.33 -20.28 57.72
N ALA G 221 -4.56 -20.19 58.22
CA ALA G 221 -4.94 -20.56 59.58
C ALA G 221 -6.21 -21.39 59.54
N GLY G 222 -6.28 -22.40 60.39
CA GLY G 222 -7.43 -23.29 60.41
C GLY G 222 -7.62 -23.94 61.77
N ASP G 223 -8.44 -24.99 61.83
CA ASP G 223 -8.74 -25.63 63.11
C ASP G 223 -7.48 -26.17 63.76
N ILE G 224 -6.66 -26.89 62.99
CA ILE G 224 -5.55 -27.60 63.59
C ILE G 224 -4.32 -26.72 63.77
N GLY G 225 -4.27 -25.57 63.10
CA GLY G 225 -3.18 -24.66 63.39
C GLY G 225 -3.01 -23.66 62.27
N THR G 226 -1.85 -23.02 62.28
CA THR G 226 -1.46 -21.99 61.33
C THR G 226 -0.21 -22.44 60.59
N ALA G 227 0.02 -21.83 59.44
CA ALA G 227 1.09 -22.22 58.55
C ALA G 227 1.52 -21.03 57.71
N ASN G 228 2.83 -20.89 57.55
CA ASN G 228 3.45 -19.81 56.79
C ASN G 228 4.58 -20.41 55.98
N ILE G 229 4.57 -20.17 54.67
CA ILE G 229 5.64 -20.62 53.78
C ILE G 229 6.21 -19.41 53.07
N VAL G 230 7.51 -19.20 53.19
CA VAL G 230 8.20 -18.07 52.59
C VAL G 230 9.18 -18.60 51.56
N LEU G 231 9.08 -18.09 50.34
CA LEU G 231 10.03 -18.38 49.28
C LEU G 231 10.83 -17.13 48.96
N ARG G 232 12.14 -17.28 48.79
CA ARG G 232 13.04 -16.19 48.47
C ARG G 232 13.55 -16.34 47.03
N GLN G 233 13.90 -15.21 46.41
CA GLN G 233 14.41 -15.25 45.05
C GLN G 233 15.60 -16.19 44.98
N ASN G 234 15.63 -17.05 43.95
CA ASN G 234 16.69 -18.06 43.86
C ASN G 234 17.01 -18.30 42.39
N THR G 235 18.05 -17.65 41.88
CA THR G 235 18.50 -17.93 40.53
C THR G 235 19.75 -18.79 40.50
N THR G 236 20.23 -19.25 41.65
CA THR G 236 21.48 -20.01 41.76
C THR G 236 21.28 -21.51 41.54
N VAL G 237 20.50 -21.88 40.54
CA VAL G 237 20.11 -23.28 40.34
C VAL G 237 20.79 -23.96 39.17
N LYS G 239 19.53 -26.09 36.56
CA LYS G 239 18.16 -26.33 36.11
C LYS G 239 17.28 -25.08 36.23
N PRO G 240 17.09 -24.36 35.11
CA PRO G 240 16.42 -23.04 35.21
C PRO G 240 14.95 -23.12 35.57
N GLU G 241 14.25 -24.21 35.27
CA GLU G 241 12.85 -24.32 35.66
C GLU G 241 12.67 -24.38 37.18
N ASP G 242 13.74 -24.52 37.94
CA ASP G 242 13.64 -24.55 39.39
C ASP G 242 13.98 -23.20 40.02
N ALA G 243 14.16 -22.17 39.21
CA ALA G 243 14.43 -20.85 39.77
C ALA G 243 13.19 -20.32 40.46
N ILE G 244 13.40 -19.39 41.38
CA ILE G 244 12.34 -18.53 41.87
C ILE G 244 12.75 -17.10 41.54
N VAL G 245 11.91 -16.40 40.79
CA VAL G 245 12.20 -15.04 40.35
C VAL G 245 11.06 -14.15 40.78
N ILE G 246 11.39 -13.04 41.44
CA ILE G 246 10.40 -12.18 42.06
C ILE G 246 10.72 -10.75 41.65
N GLU G 247 9.81 -10.11 40.91
CA GLU G 247 9.88 -8.68 40.69
C GLU G 247 8.90 -8.01 41.64
N MET G 248 9.41 -7.17 42.52
CA MET G 248 8.56 -6.45 43.46
C MET G 248 8.65 -4.96 43.15
N LYS G 249 7.62 -4.43 42.48
CA LYS G 249 7.50 -2.99 42.29
C LYS G 249 7.06 -2.31 43.59
N GLU G 250 6.01 -2.84 44.22
CA GLU G 250 5.52 -2.43 45.53
C GLU G 250 5.12 -3.66 46.30
N PRO G 251 5.22 -3.65 47.64
CA PRO G 251 4.67 -4.76 48.42
C PRO G 251 3.18 -4.89 48.19
N VAL G 252 2.71 -6.14 48.17
CA VAL G 252 1.30 -6.47 47.97
C VAL G 252 0.93 -7.62 48.88
N SER G 253 -0.28 -7.57 49.42
CA SER G 253 -0.81 -8.68 50.20
C SER G 253 -2.29 -8.82 49.89
N LEU G 254 -2.73 -10.04 49.54
CA LEU G 254 -4.13 -10.29 49.25
C LEU G 254 -4.51 -11.70 49.67
N SER G 255 -5.81 -11.90 49.97
CA SER G 255 -6.36 -13.18 50.39
C SER G 255 -7.18 -13.82 49.28
N PHE G 256 -7.10 -15.16 49.19
CA PHE G 256 -7.77 -15.91 48.13
C PHE G 256 -8.30 -17.22 48.69
N ALA G 257 -9.34 -17.75 48.04
CA ALA G 257 -9.87 -19.05 48.44
C ALA G 257 -9.02 -20.17 47.84
N LEU G 258 -8.51 -21.05 48.69
CA LEU G 258 -7.62 -22.11 48.20
C LEU G 258 -8.34 -23.09 47.30
N ARG G 259 -9.63 -23.29 47.53
CA ARG G 259 -10.44 -24.14 46.65
C ARG G 259 -10.18 -23.82 45.19
N TYR G 260 -10.13 -22.54 44.84
CA TYR G 260 -9.91 -22.16 43.44
C TYR G 260 -8.45 -22.31 43.04
N MET G 261 -7.52 -21.92 43.91
CA MET G 261 -6.10 -22.12 43.60
C MET G 261 -5.84 -23.59 43.27
N ASN G 262 -6.42 -24.49 44.07
CA ASN G 262 -6.20 -25.92 43.85
C ASN G 262 -6.76 -26.40 42.50
N SER G 263 -7.84 -25.80 42.00
CA SER G 263 -8.27 -26.17 40.64
C SER G 263 -7.28 -25.66 39.59
N PHE G 264 -6.70 -24.47 39.80
CA PHE G 264 -5.70 -23.93 38.87
C PHE G 264 -4.53 -24.90 38.69
N THR G 265 -4.08 -25.52 39.79
CA THR G 265 -2.91 -26.38 39.74
C THR G 265 -3.13 -27.66 38.96
N LYS G 266 -4.32 -27.86 38.39
CA LYS G 266 -4.50 -28.96 37.44
C LYS G 266 -3.79 -28.70 36.12
N ALA G 267 -3.34 -27.48 35.91
CA ALA G 267 -2.56 -27.18 34.72
C ALA G 267 -1.09 -27.53 34.88
N THR G 268 -0.67 -27.95 36.08
CA THR G 268 0.74 -28.24 36.36
C THR G 268 1.44 -29.09 35.30
N PRO G 269 0.88 -30.21 34.83
CA PRO G 269 1.60 -30.98 33.79
C PRO G 269 1.86 -30.20 32.49
N LEU G 270 1.24 -29.04 32.30
CA LEU G 270 1.50 -28.25 31.09
C LEU G 270 2.89 -27.63 31.13
N SER G 271 3.30 -27.09 32.27
CA SER G 271 4.49 -26.27 32.32
C SER G 271 5.30 -26.60 33.56
N ASP G 272 6.63 -26.66 33.42
CA ASP G 272 7.49 -26.81 34.59
C ASP G 272 7.47 -25.59 35.49
N THR G 273 6.94 -24.46 35.03
CA THR G 273 6.92 -23.23 35.78
C THR G 273 5.53 -22.62 35.74
N VAL G 274 5.28 -21.74 36.72
CA VAL G 274 4.05 -20.98 36.82
C VAL G 274 4.46 -19.57 37.22
N THR G 275 3.67 -18.59 36.80
CA THR G 275 3.87 -17.18 37.13
C THR G 275 2.65 -16.62 37.86
N ILE G 276 2.87 -15.89 38.94
CA ILE G 276 1.79 -15.32 39.74
C ILE G 276 1.95 -13.80 39.77
N SER G 277 0.96 -13.08 39.23
CA SER G 277 0.98 -11.62 39.14
C SER G 277 -0.08 -11.01 40.07
N LEU G 278 0.35 -10.06 40.91
CA LEU G 278 -0.46 -9.48 41.96
C LEU G 278 -0.47 -7.95 41.89
N SER G 279 -1.64 -7.37 42.06
CA SER G 279 -1.72 -5.94 42.34
C SER G 279 -2.87 -5.77 43.30
N SER G 280 -2.76 -4.77 44.17
CA SER G 280 -3.82 -4.59 45.16
C SER G 280 -5.17 -4.32 44.54
N GLU G 281 -5.21 -3.94 43.26
CA GLU G 281 -6.44 -3.48 42.65
C GLU G 281 -7.00 -4.46 41.62
N LEU G 282 -6.53 -5.71 41.63
CA LEU G 282 -6.87 -6.63 40.55
C LEU G 282 -7.00 -8.04 41.10
N PRO G 283 -7.70 -8.91 40.39
CA PRO G 283 -7.59 -10.35 40.69
C PRO G 283 -6.15 -10.78 40.56
N VAL G 284 -5.79 -11.85 41.29
CA VAL G 284 -4.48 -12.45 41.05
C VAL G 284 -4.54 -13.17 39.73
N VAL G 285 -3.39 -13.27 39.07
CA VAL G 285 -3.28 -13.91 37.78
C VAL G 285 -2.27 -15.05 37.90
N VAL G 286 -2.69 -16.25 37.55
CA VAL G 286 -1.85 -17.43 37.63
C VAL G 286 -1.72 -17.98 36.21
N GLU G 287 -0.49 -18.06 35.71
CA GLU G 287 -0.25 -18.35 34.30
C GLU G 287 0.64 -19.58 34.13
N TYR G 288 0.20 -20.49 33.27
CA TYR G 288 1.00 -21.63 32.83
C TYR G 288 1.20 -21.51 31.32
N LYS G 289 2.43 -21.71 30.87
CA LYS G 289 2.71 -21.64 29.44
C LYS G 289 2.32 -22.95 28.76
N VAL G 290 1.69 -22.84 27.58
CA VAL G 290 1.37 -24.02 26.77
C VAL G 290 2.53 -24.17 25.79
N ALA G 291 3.55 -24.92 26.22
CA ALA G 291 4.81 -25.10 25.48
C ALA G 291 5.31 -23.71 25.10
N GLU G 292 5.68 -23.47 23.85
CA GLU G 292 6.06 -22.16 23.38
C GLU G 292 5.00 -21.60 22.43
N MET G 293 3.74 -22.00 22.61
CA MET G 293 2.70 -21.66 21.66
C MET G 293 1.45 -21.08 22.32
N GLY G 294 1.54 -20.66 23.58
CA GLY G 294 0.43 -19.97 24.17
C GLY G 294 0.42 -20.13 25.68
N TYR G 295 -0.76 -20.00 26.28
CA TYR G 295 -0.83 -19.98 27.74
C TYR G 295 -2.23 -20.34 28.20
N ILE G 296 -2.33 -20.72 29.48
CA ILE G 296 -3.56 -20.62 30.24
C ILE G 296 -3.31 -19.63 31.36
N ARG G 297 -4.20 -18.65 31.51
CA ARG G 297 -4.14 -17.68 32.60
C ARG G 297 -5.40 -17.81 33.42
N TYR G 298 -5.25 -18.05 34.71
CA TYR G 298 -6.37 -18.05 35.64
C TYR G 298 -6.36 -16.75 36.43
N TYR G 299 -7.54 -16.13 36.52
CA TYR G 299 -7.76 -14.90 37.28
C TYR G 299 -8.67 -15.24 38.44
N LEU G 300 -8.34 -14.75 39.64
CA LEU G 300 -9.11 -15.08 40.83
C LEU G 300 -9.36 -13.82 41.62
N ALA G 301 -10.62 -13.52 41.85
CA ALA G 301 -10.97 -12.33 42.62
C ALA G 301 -10.60 -12.56 44.09
N PRO G 302 -10.06 -11.55 44.77
CA PRO G 302 -9.63 -11.74 46.16
C PRO G 302 -10.80 -11.68 47.14
N LYS G 303 -10.52 -12.13 48.36
CA LYS G 303 -11.37 -11.85 49.51
C LYS G 303 -10.74 -10.69 50.28
N ILE G 304 -11.57 -9.73 50.64
CA ILE G 304 -11.09 -8.46 51.18
C ILE G 304 -11.83 -8.16 52.47
N GLU G 305 -11.31 -7.19 53.21
CA GLU G 305 -11.95 -6.77 54.45
C GLU G 305 -13.24 -6.01 54.15
N GLU G 306 -14.27 -6.29 54.92
CA GLU G 306 -15.50 -5.51 54.82
C GLU G 306 -15.22 -4.03 55.07
N GLU G 307 -15.91 -3.17 54.33
CA GLU G 307 -15.65 -1.74 54.37
C GLU G 307 -16.01 -1.08 55.71
N LEU H 3 -13.98 -12.11 55.99
CA LEU H 3 -13.50 -11.69 54.67
C LEU H 3 -14.55 -11.93 53.59
N VAL H 4 -14.64 -10.99 52.64
CA VAL H 4 -15.72 -10.95 51.67
C VAL H 4 -15.18 -11.30 50.29
N GLN H 5 -15.69 -12.38 49.72
CA GLN H 5 -15.28 -12.81 48.39
C GLN H 5 -15.78 -11.83 47.34
N THR H 6 -14.87 -11.19 46.60
CA THR H 6 -15.27 -10.32 45.51
C THR H 6 -15.48 -11.15 44.24
N LYS H 7 -15.99 -10.50 43.19
CA LYS H 7 -16.31 -11.17 41.94
C LYS H 7 -15.48 -10.59 40.80
N ILE H 8 -15.22 -11.43 39.80
CA ILE H 8 -14.47 -10.97 38.61
C ILE H 8 -15.11 -9.71 38.02
N ILE H 9 -16.45 -9.66 38.00
CA ILE H 9 -17.11 -8.52 37.36
C ILE H 9 -16.98 -7.24 38.17
N ASP H 10 -16.44 -7.30 39.38
CA ASP H 10 -16.07 -6.09 40.09
C ASP H 10 -14.79 -5.46 39.55
N PHE H 11 -14.07 -6.15 38.66
CA PHE H 11 -12.80 -5.67 38.13
C PHE H 11 -12.78 -5.53 36.62
N PHE H 12 -13.45 -6.42 35.89
CA PHE H 12 -13.44 -6.42 34.44
C PHE H 12 -14.85 -6.16 33.92
N ARG H 13 -14.96 -5.36 32.86
CA ARG H 13 -16.23 -5.06 32.22
C ARG H 13 -16.42 -5.91 30.97
N ILE H 14 -17.67 -6.01 30.53
CA ILE H 14 -17.98 -6.66 29.27
C ILE H 14 -17.38 -5.90 28.08
N LEU I 45 16.61 -0.60 3.37
CA LEU I 45 16.96 0.56 2.55
C LEU I 45 18.26 0.36 1.77
N TYR I 46 19.29 -0.17 2.46
CA TYR I 46 20.55 -0.56 1.85
C TYR I 46 20.65 -2.08 1.72
N PHE I 47 19.52 -2.75 1.53
CA PHE I 47 19.48 -4.20 1.56
C PHE I 47 19.80 -4.78 0.19
N GLN I 48 20.38 -5.98 0.21
CA GLN I 48 20.71 -6.68 -1.03
C GLN I 48 19.45 -7.23 -1.68
N GLY I 49 19.40 -7.12 -3.01
CA GLY I 49 18.19 -7.50 -3.72
C GLY I 49 17.85 -8.97 -3.53
N MET I 50 16.57 -9.26 -3.59
CA MET I 50 16.06 -10.59 -3.27
C MET I 50 14.87 -10.91 -4.16
N LEU I 51 14.84 -12.13 -4.66
CA LEU I 51 13.69 -12.64 -5.41
C LEU I 51 13.18 -13.88 -4.70
N GLU I 52 11.88 -13.90 -4.39
CA GLU I 52 11.21 -15.11 -3.94
C GLU I 52 9.84 -15.15 -4.61
N LEU I 53 9.59 -16.20 -5.37
CA LEU I 53 8.34 -16.39 -6.08
C LEU I 53 7.76 -17.74 -5.71
N ARG I 54 6.46 -17.76 -5.41
CA ARG I 54 5.76 -19.00 -5.12
C ARG I 54 4.64 -19.17 -6.14
N LEU I 55 4.71 -20.23 -6.91
CA LEU I 55 3.73 -20.51 -7.96
C LEU I 55 3.05 -21.82 -7.61
N VAL I 56 1.73 -21.76 -7.37
CA VAL I 56 1.00 -22.97 -7.00
C VAL I 56 0.94 -23.95 -8.17
N GLN I 57 0.67 -23.45 -9.37
CA GLN I 57 0.65 -24.27 -10.59
C GLN I 57 2.07 -24.41 -11.14
N GLY I 58 2.89 -25.20 -10.43
CA GLY I 58 4.28 -25.37 -10.82
C GLY I 58 4.47 -25.85 -12.24
N SER I 59 3.54 -26.68 -12.74
CA SER I 59 3.69 -27.23 -14.08
C SER I 59 3.76 -26.15 -15.15
N LEU I 60 3.13 -25.00 -14.92
CA LEU I 60 3.24 -23.92 -15.90
C LEU I 60 4.69 -23.57 -16.14
N LEU I 61 5.48 -23.52 -15.06
CA LEU I 61 6.89 -23.19 -15.18
C LEU I 61 7.64 -24.26 -15.96
N LYS I 62 7.32 -25.54 -15.72
CA LYS I 62 7.90 -26.61 -16.53
C LYS I 62 7.57 -26.39 -18.01
N LYS I 63 6.30 -26.18 -18.33
CA LYS I 63 5.90 -25.98 -19.72
C LYS I 63 6.57 -24.76 -20.35
N VAL I 64 6.74 -23.69 -19.57
CA VAL I 64 7.43 -22.50 -20.08
C VAL I 64 8.86 -22.82 -20.48
N LEU I 65 9.57 -23.56 -19.63
CA LEU I 65 10.97 -23.87 -19.93
C LEU I 65 11.07 -24.75 -21.16
N GLU I 66 10.16 -25.71 -21.30
CA GLU I 66 10.14 -26.54 -22.50
C GLU I 66 9.88 -25.71 -23.75
N SER I 67 9.10 -24.62 -23.63
CA SER I 67 8.74 -23.77 -24.76
C SER I 67 9.93 -23.01 -25.34
N ILE I 68 10.99 -22.82 -24.56
CA ILE I 68 12.03 -21.88 -24.96
C ILE I 68 13.42 -22.46 -24.91
N LYS I 69 13.66 -23.59 -24.25
CA LYS I 69 15.04 -23.97 -24.00
C LYS I 69 15.77 -24.41 -25.27
N ASP I 70 15.04 -24.89 -26.28
CA ASP I 70 15.66 -25.31 -27.53
C ASP I 70 15.84 -24.16 -28.50
N LEU I 71 15.11 -23.07 -28.30
CA LEU I 71 15.28 -21.87 -29.12
C LEU I 71 16.47 -21.05 -28.62
N VAL I 72 16.50 -20.78 -27.33
CA VAL I 72 17.56 -20.01 -26.70
C VAL I 72 18.37 -20.93 -25.81
N ASN I 73 19.70 -20.79 -25.83
CA ASN I 73 20.52 -21.63 -24.97
C ASN I 73 20.59 -21.08 -23.55
N ASP I 74 20.87 -19.78 -23.39
CA ASP I 74 20.96 -19.15 -22.09
C ASP I 74 20.30 -17.78 -22.12
N ALA I 75 19.69 -17.39 -21.03
CA ALA I 75 19.07 -16.07 -21.00
C ALA I 75 18.94 -15.59 -19.57
N ASN I 76 18.71 -14.30 -19.42
CA ASN I 76 18.38 -13.72 -18.14
C ASN I 76 16.88 -13.82 -17.91
N PHE I 77 16.50 -14.13 -16.68
CA PHE I 77 15.14 -13.96 -16.22
C PHE I 77 15.07 -12.65 -15.45
N ASP I 78 14.26 -11.71 -15.92
CA ASP I 78 14.20 -10.39 -15.34
C ASP I 78 13.03 -10.30 -14.36
N CYS I 79 13.23 -9.51 -13.33
CA CYS I 79 12.33 -9.41 -12.20
C CYS I 79 11.86 -7.98 -12.10
N SER I 80 10.54 -7.78 -12.11
CA SER I 80 9.97 -6.46 -12.01
C SER I 80 8.64 -6.52 -11.27
N SER I 81 8.07 -5.34 -11.02
CA SER I 81 6.78 -5.26 -10.35
C SER I 81 5.66 -5.85 -11.21
N THR I 82 5.77 -5.69 -12.53
CA THR I 82 4.80 -6.34 -13.42
C THR I 82 4.87 -7.85 -13.29
N GLY I 83 6.07 -8.40 -13.17
CA GLY I 83 6.16 -9.83 -12.98
C GLY I 83 7.53 -10.36 -13.38
N PHE I 84 7.55 -11.66 -13.60
CA PHE I 84 8.74 -12.42 -13.94
C PHE I 84 8.81 -12.53 -15.47
N SER I 85 9.85 -11.95 -16.08
CA SER I 85 9.88 -11.91 -17.53
C SER I 85 11.22 -12.38 -18.09
N LEU I 86 11.25 -12.55 -19.41
CA LEU I 86 12.43 -12.95 -20.17
C LEU I 86 12.26 -12.48 -21.61
N GLN I 87 13.34 -11.98 -22.19
CA GLN I 87 13.41 -11.70 -23.62
C GLN I 87 14.75 -12.17 -24.14
N ALA I 88 14.74 -12.92 -25.23
CA ALA I 88 15.98 -13.41 -25.81
C ALA I 88 15.76 -13.76 -27.27
N MET I 89 16.86 -13.84 -28.00
CA MET I 89 16.87 -14.21 -29.40
C MET I 89 17.48 -15.59 -29.57
N ASP I 90 17.18 -16.23 -30.70
CA ASP I 90 17.92 -17.41 -31.09
C ASP I 90 19.29 -16.99 -31.60
N SER I 91 20.17 -17.97 -31.85
CA SER I 91 21.56 -17.65 -32.16
C SER I 91 21.71 -16.92 -33.49
N SER I 92 20.83 -17.18 -34.45
CA SER I 92 20.93 -16.51 -35.73
C SER I 92 20.18 -15.18 -35.75
N HIS I 93 19.55 -14.80 -34.65
CA HIS I 93 18.86 -13.50 -34.52
C HIS I 93 17.67 -13.37 -35.48
N VAL I 94 17.06 -14.50 -35.84
CA VAL I 94 15.88 -14.52 -36.70
C VAL I 94 14.57 -14.59 -35.89
N ALA I 95 14.62 -15.08 -34.66
CA ALA I 95 13.44 -15.25 -33.82
C ALA I 95 13.70 -14.65 -32.44
N LEU I 96 12.64 -14.14 -31.84
CA LEU I 96 12.72 -13.54 -30.51
C LEU I 96 11.59 -14.08 -29.67
N VAL I 97 11.88 -14.38 -28.42
CA VAL I 97 10.87 -14.83 -27.48
C VAL I 97 10.75 -13.77 -26.39
N SER I 98 9.53 -13.45 -26.03
CA SER I 98 9.22 -12.54 -24.95
C SER I 98 8.20 -13.25 -24.07
N LEU I 99 8.54 -13.44 -22.80
CA LEU I 99 7.71 -14.17 -21.86
C LEU I 99 7.39 -13.27 -20.69
N LEU I 100 6.16 -13.37 -20.17
CA LEU I 100 5.76 -12.65 -18.96
C LEU I 100 4.89 -13.55 -18.08
N LEU I 101 5.30 -13.73 -16.84
CA LEU I 101 4.46 -14.30 -15.78
C LEU I 101 4.11 -13.18 -14.82
N ARG I 102 2.86 -12.74 -14.85
CA ARG I 102 2.41 -11.60 -14.06
C ARG I 102 2.46 -11.89 -12.56
N SER I 103 2.67 -10.85 -11.78
CA SER I 103 2.81 -11.04 -10.33
C SER I 103 1.53 -11.56 -9.69
N GLU I 104 0.38 -11.23 -10.26
CA GLU I 104 -0.92 -11.63 -9.70
C GLU I 104 -1.10 -13.15 -9.68
N GLY I 105 -0.36 -13.88 -10.50
CA GLY I 105 -0.43 -15.33 -10.54
C GLY I 105 0.49 -16.06 -9.60
N PHE I 106 1.27 -15.37 -8.79
CA PHE I 106 2.10 -15.99 -7.77
C PHE I 106 1.47 -15.79 -6.41
N GLU I 107 1.32 -16.89 -5.65
CA GLU I 107 0.76 -16.79 -4.31
C GLU I 107 1.66 -15.94 -3.40
N HIS I 108 2.96 -16.02 -3.61
CA HIS I 108 3.90 -15.10 -3.01
C HIS I 108 4.74 -14.52 -4.12
N TYR I 109 4.95 -13.21 -4.10
CA TYR I 109 5.75 -12.54 -5.11
C TYR I 109 6.58 -11.47 -4.43
N ARG I 110 7.88 -11.72 -4.30
CA ARG I 110 8.81 -10.69 -3.85
C ARG I 110 9.86 -10.48 -4.92
N CYS I 111 10.17 -9.22 -5.17
CA CYS I 111 11.22 -8.86 -6.10
C CYS I 111 12.08 -7.72 -5.56
N ASN I 114 14.88 -4.63 -9.08
CA ASN I 114 15.07 -5.04 -10.48
C ASN I 114 16.21 -6.06 -10.63
N LEU I 115 15.95 -7.30 -10.25
CA LEU I 115 16.95 -8.37 -10.34
C LEU I 115 16.94 -9.01 -11.72
N SER I 116 18.10 -9.58 -12.08
CA SER I 116 18.23 -10.49 -13.22
C SER I 116 18.93 -11.77 -12.79
N MET I 117 18.50 -12.91 -13.34
CA MET I 117 19.14 -14.21 -13.13
C MET I 117 19.57 -14.77 -14.48
N GLY I 118 20.88 -14.82 -14.72
CA GLY I 118 21.39 -15.48 -15.90
C GLY I 118 21.31 -16.99 -15.76
N MET I 119 20.58 -17.64 -16.66
CA MET I 119 20.26 -19.05 -16.52
C MET I 119 20.67 -19.82 -17.76
N ASN I 120 21.37 -20.93 -17.56
CA ASN I 120 21.44 -21.96 -18.58
C ASN I 120 20.07 -22.63 -18.65
N LEU I 121 19.34 -22.46 -19.76
CA LEU I 121 17.94 -22.86 -19.76
C LEU I 121 17.78 -24.39 -19.71
N GLY I 122 18.66 -25.12 -20.36
CA GLY I 122 18.56 -26.58 -20.33
C GLY I 122 18.88 -27.13 -18.95
N ASN I 123 19.80 -26.49 -18.25
CA ASN I 123 20.04 -26.88 -16.87
C ASN I 123 18.81 -26.61 -15.99
N MET I 124 18.28 -25.39 -16.07
CA MET I 124 17.05 -25.09 -15.35
C MET I 124 15.96 -26.10 -15.70
N SER I 125 15.90 -26.52 -16.96
CA SER I 125 14.89 -27.51 -17.33
C SER I 125 15.19 -28.89 -16.74
N LYS I 126 16.48 -29.24 -16.61
CA LYS I 126 16.80 -30.51 -15.97
C LYS I 126 16.34 -30.50 -14.52
N MET I 127 16.45 -29.35 -13.85
CA MET I 127 16.00 -29.30 -12.47
C MET I 127 14.47 -29.26 -12.40
N LEU I 128 13.82 -28.45 -13.25
CA LEU I 128 12.36 -28.37 -13.21
C LEU I 128 11.69 -29.70 -13.56
N LYS I 129 12.32 -30.51 -14.43
CA LYS I 129 11.81 -31.82 -14.78
C LYS I 129 11.68 -32.74 -13.56
N CYS I 130 12.39 -32.44 -12.47
CA CYS I 130 12.30 -33.25 -11.27
C CYS I 130 11.14 -32.84 -10.38
N ALA I 131 10.39 -31.82 -10.78
CA ALA I 131 9.19 -31.42 -10.04
C ALA I 131 7.99 -32.21 -10.55
N GLY I 132 7.12 -32.61 -9.64
CA GLY I 132 5.88 -33.24 -10.05
C GLY I 132 4.93 -32.25 -10.69
N ASN I 133 4.02 -32.78 -11.50
CA ASN I 133 3.13 -31.92 -12.26
C ASN I 133 2.17 -31.14 -11.37
N ASP I 134 1.91 -31.61 -10.15
CA ASP I 134 1.02 -30.91 -9.25
C ASP I 134 1.77 -30.13 -8.18
N ASP I 135 3.10 -30.17 -8.20
CA ASP I 135 3.93 -29.54 -7.16
C ASP I 135 3.77 -28.02 -7.15
N ILE I 136 3.88 -27.46 -5.94
CA ILE I 136 4.11 -26.03 -5.78
C ILE I 136 5.61 -25.77 -5.93
N ILE I 137 5.97 -24.76 -6.72
CA ILE I 137 7.36 -24.46 -7.03
C ILE I 137 7.70 -23.07 -6.50
N THR I 138 8.79 -22.97 -5.73
CA THR I 138 9.32 -21.68 -5.30
C THR I 138 10.72 -21.47 -5.89
N ILE I 139 10.98 -20.24 -6.34
CA ILE I 139 12.29 -19.80 -6.82
C ILE I 139 12.81 -18.76 -5.84
N LYS I 140 14.09 -18.88 -5.43
CA LYS I 140 14.69 -17.90 -4.53
C LYS I 140 16.13 -17.60 -4.97
N ALA I 141 16.49 -16.31 -5.02
CA ALA I 141 17.83 -15.89 -5.42
C ALA I 141 18.16 -14.52 -4.84
N ASP I 142 19.47 -14.26 -4.73
CA ASP I 142 20.05 -12.97 -4.34
C ASP I 142 20.54 -12.23 -5.58
N ASP I 143 20.67 -10.91 -5.45
CA ASP I 143 21.00 -10.01 -6.56
C ASP I 143 22.27 -10.42 -7.31
N GLY I 144 23.42 -10.30 -6.68
CA GLY I 144 24.64 -10.75 -7.34
C GLY I 144 24.93 -12.18 -6.98
N GLY I 145 23.86 -12.95 -6.77
CA GLY I 145 23.99 -14.24 -6.12
C GLY I 145 24.68 -15.26 -6.99
N ASP I 146 25.29 -16.23 -6.33
CA ASP I 146 25.97 -17.29 -7.05
C ASP I 146 24.99 -18.34 -7.57
N THR I 147 23.88 -18.55 -6.86
CA THR I 147 23.02 -19.70 -7.12
C THR I 147 21.57 -19.27 -7.08
N VAL I 148 20.73 -20.13 -7.66
CA VAL I 148 19.28 -20.05 -7.52
C VAL I 148 18.81 -21.36 -6.91
N THR I 149 17.86 -21.27 -5.99
CA THR I 149 17.29 -22.45 -5.36
C THR I 149 15.85 -22.60 -5.82
N PHE I 150 15.51 -23.80 -6.28
CA PHE I 150 14.15 -24.18 -6.60
C PHE I 150 13.63 -25.10 -5.50
N MET I 151 12.49 -24.78 -4.95
CA MET I 151 11.81 -25.63 -3.99
C MET I 151 10.57 -26.21 -4.64
N PHE I 152 10.46 -27.53 -4.62
CA PHE I 152 9.29 -28.25 -5.10
C PHE I 152 8.60 -28.82 -3.88
N GLU I 153 7.34 -28.45 -3.71
CA GLU I 153 6.59 -28.76 -2.50
C GLU I 153 5.32 -29.48 -2.92
N SER I 154 5.11 -30.68 -2.36
CA SER I 154 3.89 -31.42 -2.63
C SER I 154 2.76 -30.91 -1.75
N PRO I 155 1.54 -30.83 -2.27
CA PRO I 155 0.37 -30.40 -1.49
C PRO I 155 -0.12 -31.48 -0.51
N ASP I 158 3.36 -34.10 1.66
CA ASP I 158 4.61 -34.41 2.34
C ASP I 158 5.81 -33.87 1.57
N LYS I 159 6.08 -34.49 0.42
CA LYS I 159 7.36 -34.33 -0.28
C LYS I 159 7.76 -32.88 -0.44
N ILE I 160 8.99 -32.57 -0.03
CA ILE I 160 9.60 -31.27 -0.25
C ILE I 160 11.00 -31.48 -0.80
N ALA I 161 11.30 -30.86 -1.93
CA ALA I 161 12.59 -30.99 -2.57
C ALA I 161 13.20 -29.61 -2.80
N ASP I 162 14.51 -29.49 -2.53
CA ASP I 162 15.26 -28.29 -2.83
C ASP I 162 16.32 -28.60 -3.88
N PHE I 163 16.30 -27.86 -4.97
CA PHE I 163 17.33 -27.96 -6.00
C PHE I 163 18.00 -26.61 -6.11
N GLU I 164 19.33 -26.62 -6.18
CA GLU I 164 20.12 -25.41 -6.26
C GLU I 164 21.14 -25.55 -7.38
N MET I 165 21.18 -24.56 -8.27
CA MET I 165 22.13 -24.55 -9.39
C MET I 165 22.77 -23.18 -9.52
N LYS I 166 23.93 -23.15 -10.20
CA LYS I 166 24.70 -21.92 -10.34
C LYS I 166 24.02 -20.97 -11.31
N LEU I 167 24.23 -19.68 -11.08
CA LEU I 167 23.72 -18.66 -11.98
C LEU I 167 24.81 -18.27 -12.97
N MET I 168 24.44 -17.41 -13.92
CA MET I 168 25.40 -16.79 -14.83
C MET I 168 25.23 -15.28 -14.78
N ASP I 169 26.23 -14.59 -15.32
CA ASP I 169 26.17 -13.16 -15.56
C ASP I 169 26.06 -12.98 -17.07
N ILE I 170 24.86 -12.66 -17.54
CA ILE I 170 24.64 -12.48 -18.97
C ILE I 170 24.35 -11.02 -19.30
N GLU I 173 21.22 -6.69 -22.76
CA GLU I 173 21.01 -5.98 -24.02
C GLU I 173 19.74 -6.44 -24.73
N HIS I 174 18.62 -5.77 -24.44
CA HIS I 174 17.33 -6.16 -24.95
C HIS I 174 16.93 -5.30 -26.15
N LEU I 175 15.96 -5.80 -26.92
CA LEU I 175 15.40 -5.03 -28.01
C LEU I 175 14.04 -4.47 -27.58
N GLY I 176 13.71 -3.31 -28.13
CA GLY I 176 12.43 -2.68 -27.83
C GLY I 176 11.37 -3.16 -28.82
N ILE I 177 10.26 -3.63 -28.28
CA ILE I 177 9.17 -4.17 -29.09
C ILE I 177 8.17 -3.02 -29.34
N PRO I 178 8.03 -2.57 -30.58
CA PRO I 178 7.12 -1.46 -30.83
C PRO I 178 5.67 -1.88 -30.57
N ASP I 179 4.89 -0.94 -30.05
CA ASP I 179 3.51 -1.21 -29.69
C ASP I 179 2.61 -1.07 -30.91
N ALA I 180 2.97 -1.74 -32.00
CA ALA I 180 2.39 -1.45 -33.31
C ALA I 180 1.05 -2.13 -33.51
N GLU I 181 0.29 -1.61 -34.47
CA GLU I 181 -0.96 -2.23 -34.93
C GLU I 181 -0.68 -3.14 -36.12
N TYR I 182 -1.40 -4.25 -36.18
CA TYR I 182 -1.16 -5.27 -37.21
C TYR I 182 -2.24 -5.23 -38.28
N HIS I 183 -1.89 -5.72 -39.47
CA HIS I 183 -2.81 -5.75 -40.60
C HIS I 183 -3.83 -6.88 -40.48
N SER I 184 -3.43 -8.01 -39.89
CA SER I 184 -4.34 -9.14 -39.76
C SER I 184 -3.96 -9.91 -38.51
N ILE I 185 -4.98 -10.40 -37.81
CA ILE I 185 -4.82 -11.21 -36.61
C ILE I 185 -5.68 -12.45 -36.76
N VAL I 186 -5.11 -13.62 -36.49
CA VAL I 186 -5.81 -14.89 -36.54
C VAL I 186 -5.72 -15.53 -35.17
N ARG I 187 -6.86 -15.91 -34.62
CA ARG I 187 -6.93 -16.74 -33.42
C ARG I 187 -7.43 -18.12 -33.84
N MET I 188 -6.75 -19.16 -33.41
CA MET I 188 -7.12 -20.50 -33.85
C MET I 188 -6.68 -21.50 -32.79
N PRO I 189 -7.18 -22.73 -32.85
CA PRO I 189 -6.72 -23.76 -31.90
C PRO I 189 -5.23 -24.01 -32.04
N SER I 190 -4.52 -23.98 -30.91
CA SER I 190 -3.08 -24.20 -30.98
C SER I 190 -2.75 -25.59 -31.48
N ASN I 191 -3.65 -26.55 -31.23
CA ASN I 191 -3.44 -27.90 -31.74
C ASN I 191 -3.47 -27.91 -33.27
N GLU I 192 -4.39 -27.15 -33.87
CA GLU I 192 -4.48 -27.13 -35.32
C GLU I 192 -3.32 -26.38 -35.94
N PHE I 193 -2.86 -25.30 -35.30
CA PHE I 193 -1.68 -24.62 -35.83
C PHE I 193 -0.46 -25.54 -35.76
N SER I 194 -0.29 -26.26 -34.65
CA SER I 194 0.85 -27.15 -34.53
C SER I 194 0.79 -28.23 -35.60
N ARG I 195 -0.39 -28.83 -35.79
CA ARG I 195 -0.58 -29.82 -36.85
C ARG I 195 -0.21 -29.27 -38.22
N ILE I 196 -0.64 -28.04 -38.55
CA ILE I 196 -0.35 -27.47 -39.86
C ILE I 196 1.16 -27.30 -40.06
N CYS I 197 1.83 -26.69 -39.08
CA CYS I 197 3.28 -26.46 -39.21
C CYS I 197 4.04 -27.76 -39.40
N LYS I 198 3.69 -28.80 -38.64
CA LYS I 198 4.37 -30.07 -38.76
C LYS I 198 4.12 -30.69 -40.14
N ASP I 199 2.86 -30.68 -40.59
CA ASP I 199 2.52 -31.24 -41.90
C ASP I 199 3.26 -30.53 -43.03
N LEU I 200 3.20 -29.20 -43.04
CA LEU I 200 3.85 -28.47 -44.12
C LEU I 200 5.35 -28.70 -44.11
N SER I 201 5.95 -28.76 -42.91
CA SER I 201 7.39 -28.94 -42.84
C SER I 201 7.84 -30.29 -43.36
N SER I 202 6.94 -31.26 -43.55
CA SER I 202 7.30 -32.50 -44.20
C SER I 202 7.26 -32.38 -45.72
N ILE I 203 6.81 -31.23 -46.23
CA ILE I 203 6.72 -30.96 -47.67
C ILE I 203 7.78 -29.95 -48.11
N GLY I 204 7.96 -28.87 -47.36
CA GLY I 204 8.95 -27.87 -47.72
C GLY I 204 9.51 -27.17 -46.49
N ASP I 205 10.37 -26.19 -46.74
CA ASP I 205 11.08 -25.49 -45.69
C ASP I 205 10.48 -24.13 -45.38
N THR I 206 9.62 -23.60 -46.25
CA THR I 206 9.14 -22.23 -46.17
C THR I 206 7.62 -22.21 -46.31
N VAL I 207 6.95 -21.52 -45.39
CA VAL I 207 5.50 -21.39 -45.44
C VAL I 207 5.14 -19.96 -45.81
N VAL I 208 4.19 -19.83 -46.74
CA VAL I 208 3.58 -18.55 -47.05
C VAL I 208 2.27 -18.47 -46.28
N ILE I 209 2.14 -17.47 -45.43
CA ILE I 209 0.89 -17.22 -44.70
C ILE I 209 0.23 -16.01 -45.35
N SER I 210 -0.97 -16.18 -45.86
CA SER I 210 -1.70 -15.05 -46.43
C SER I 210 -3.10 -14.96 -45.82
N VAL I 211 -3.54 -13.72 -45.60
CA VAL I 211 -4.86 -13.44 -45.06
C VAL I 211 -5.58 -12.54 -46.05
N THR I 212 -6.75 -12.96 -46.51
CA THR I 212 -7.52 -12.18 -47.46
C THR I 212 -8.98 -12.23 -47.02
N LYS I 213 -9.85 -11.70 -47.88
CA LYS I 213 -11.29 -11.81 -47.65
C LYS I 213 -11.72 -13.26 -47.55
N GLU I 214 -11.09 -14.13 -48.35
CA GLU I 214 -11.49 -15.54 -48.39
C GLU I 214 -11.18 -16.26 -47.08
N GLY I 215 -9.96 -16.09 -46.57
CA GLY I 215 -9.62 -16.65 -45.28
C GLY I 215 -8.13 -16.50 -45.00
N VAL I 216 -7.59 -17.47 -44.27
CA VAL I 216 -6.14 -17.54 -44.03
C VAL I 216 -5.62 -18.78 -44.71
N LYS I 217 -4.54 -18.62 -45.46
CA LYS I 217 -3.94 -19.74 -46.18
C LYS I 217 -2.50 -19.94 -45.72
N PHE I 218 -2.11 -21.20 -45.59
CA PHE I 218 -0.72 -21.61 -45.39
C PHE I 218 -0.29 -22.42 -46.60
N SER I 219 0.83 -22.05 -47.21
CA SER I 219 1.29 -22.69 -48.44
C SER I 219 2.76 -23.07 -48.34
N THR I 220 3.10 -24.22 -48.94
CA THR I 220 4.48 -24.65 -49.04
C THR I 220 4.67 -25.40 -50.35
N ALA I 221 5.88 -25.35 -50.88
CA ALA I 221 6.29 -26.17 -52.01
C ALA I 221 7.67 -26.76 -51.71
N GLY I 222 7.88 -27.99 -52.12
CA GLY I 222 9.15 -28.63 -51.88
C GLY I 222 9.48 -29.65 -52.95
N ASP I 223 10.42 -30.54 -52.68
CA ASP I 223 10.87 -31.46 -53.72
C ASP I 223 9.74 -32.37 -54.19
N ILE I 224 8.95 -32.92 -53.25
CA ILE I 224 7.92 -33.88 -53.63
C ILE I 224 6.62 -33.22 -54.07
N GLY I 225 6.45 -31.93 -53.87
CA GLY I 225 5.23 -31.33 -54.37
C GLY I 225 4.91 -30.04 -53.63
N THR I 226 3.62 -29.71 -53.62
CA THR I 226 3.12 -28.45 -53.11
C THR I 226 1.93 -28.72 -52.20
N ALA I 227 1.70 -27.81 -51.25
CA ALA I 227 0.63 -27.94 -50.29
C ALA I 227 0.07 -26.57 -49.98
N ASN I 228 -1.26 -26.46 -49.93
CA ASN I 228 -1.97 -25.25 -49.50
C ASN I 228 -3.07 -25.67 -48.54
N ILE I 229 -3.21 -24.94 -47.44
CA ILE I 229 -4.22 -25.20 -46.43
C ILE I 229 -4.98 -23.90 -46.22
N VAL I 230 -6.29 -23.93 -46.45
CA VAL I 230 -7.15 -22.76 -46.34
C VAL I 230 -8.14 -22.99 -45.21
N LEU I 231 -8.18 -22.05 -44.27
CA LEU I 231 -9.19 -22.03 -43.22
C LEU I 231 -10.05 -20.78 -43.38
N ARG I 232 -11.37 -20.97 -43.47
CA ARG I 232 -12.31 -19.86 -43.60
C ARG I 232 -12.87 -19.48 -42.23
N GLN I 233 -13.29 -18.24 -42.10
CA GLN I 233 -13.80 -17.73 -40.83
C GLN I 233 -15.15 -18.35 -40.47
N ALA I 243 -13.19 -21.60 -32.06
CA ALA I 243 -13.42 -21.06 -33.39
C ALA I 243 -12.11 -20.69 -34.07
N ILE I 244 -12.21 -20.25 -35.32
CA ILE I 244 -11.08 -19.70 -36.06
C ILE I 244 -11.48 -18.27 -36.41
N VAL I 245 -10.91 -17.30 -35.71
CA VAL I 245 -11.29 -15.90 -35.87
C VAL I 245 -10.24 -15.20 -36.70
N ILE I 246 -10.67 -14.42 -37.68
CA ILE I 246 -9.81 -13.62 -38.52
C ILE I 246 -10.27 -12.17 -38.40
N GLU I 247 -9.34 -11.28 -38.07
CA GLU I 247 -9.61 -9.84 -38.12
C GLU I 247 -8.60 -9.21 -39.05
N MET I 248 -9.08 -8.72 -40.20
CA MET I 248 -8.22 -8.28 -41.29
C MET I 248 -8.40 -6.78 -41.50
N LYS I 249 -7.45 -5.99 -41.00
CA LYS I 249 -7.39 -4.58 -41.37
C LYS I 249 -7.07 -4.43 -42.85
N GLU I 250 -6.01 -5.10 -43.30
CA GLU I 250 -5.61 -5.16 -44.70
C GLU I 250 -5.13 -6.58 -44.99
N PRO I 251 -5.35 -7.07 -46.21
CA PRO I 251 -4.76 -8.36 -46.59
C PRO I 251 -3.27 -8.34 -46.37
N VAL I 252 -2.71 -9.49 -46.00
CA VAL I 252 -1.29 -9.59 -45.73
C VAL I 252 -0.81 -10.97 -46.15
N SER I 253 0.41 -11.01 -46.68
CA SER I 253 1.01 -12.27 -47.12
C SER I 253 2.51 -12.19 -46.89
N LEU I 254 3.06 -13.20 -46.21
CA LEU I 254 4.45 -13.18 -45.78
C LEU I 254 4.99 -14.62 -45.76
N SER I 255 6.30 -14.76 -45.99
CA SER I 255 6.96 -16.06 -45.97
C SER I 255 7.80 -16.23 -44.71
N PHE I 256 7.80 -17.46 -44.18
CA PHE I 256 8.54 -17.72 -42.96
C PHE I 256 9.15 -19.13 -42.99
N ALA I 257 10.25 -19.28 -42.25
CA ALA I 257 10.91 -20.58 -42.11
C ALA I 257 10.11 -21.49 -41.19
N LEU I 258 9.70 -22.65 -41.72
CA LEU I 258 8.91 -23.58 -40.92
C LEU I 258 9.71 -24.14 -39.76
N ARG I 259 11.03 -24.17 -39.90
CA ARG I 259 11.87 -24.66 -38.81
C ARG I 259 11.59 -23.89 -37.52
N TYR I 260 11.42 -22.58 -37.62
CA TYR I 260 11.22 -21.80 -36.42
C TYR I 260 9.80 -21.89 -35.92
N MET I 261 8.83 -21.85 -36.85
CA MET I 261 7.44 -22.09 -36.47
C MET I 261 7.29 -23.39 -35.71
N ASN I 262 7.94 -24.46 -36.19
CA ASN I 262 7.84 -25.75 -35.50
C ASN I 262 8.34 -25.64 -34.07
N SER I 263 9.41 -24.88 -33.87
CA SER I 263 9.92 -24.65 -32.53
C SER I 263 8.91 -23.90 -31.66
N PHE I 264 8.15 -22.97 -32.25
CA PHE I 264 7.18 -22.19 -31.47
C PHE I 264 6.06 -23.05 -30.94
N THR I 265 5.69 -24.10 -31.69
CA THR I 265 4.60 -24.96 -31.28
C THR I 265 4.93 -25.83 -30.08
N LYS I 266 6.16 -25.78 -29.57
CA LYS I 266 6.41 -26.46 -28.30
C LYS I 266 5.75 -25.77 -27.12
N ALA I 267 5.14 -24.60 -27.33
CA ALA I 267 4.35 -23.94 -26.30
C ALA I 267 2.91 -24.44 -26.25
N THR I 268 2.52 -25.26 -27.22
CA THR I 268 1.12 -25.72 -27.35
C THR I 268 0.51 -26.24 -26.07
N PRO I 269 1.20 -27.03 -25.21
CA PRO I 269 0.54 -27.48 -23.98
C PRO I 269 0.25 -26.35 -23.00
N LEU I 270 0.67 -25.11 -23.29
CA LEU I 270 0.33 -23.99 -22.42
C LEU I 270 -1.07 -23.45 -22.68
N SER I 271 -1.58 -23.61 -23.91
CA SER I 271 -2.83 -22.97 -24.26
C SER I 271 -3.48 -23.70 -25.42
N ASP I 272 -4.80 -23.80 -25.37
CA ASP I 272 -5.61 -24.40 -26.42
C ASP I 272 -5.80 -23.48 -27.62
N THR I 273 -5.42 -22.20 -27.49
CA THR I 273 -5.60 -21.21 -28.54
C THR I 273 -4.29 -20.48 -28.80
N VAL I 274 -4.02 -20.16 -30.06
CA VAL I 274 -2.84 -19.41 -30.45
C VAL I 274 -3.26 -18.21 -31.32
N THR I 275 -2.48 -17.13 -31.23
CA THR I 275 -2.76 -15.87 -31.89
C THR I 275 -1.59 -15.47 -32.79
N ILE I 276 -1.90 -15.18 -34.04
CA ILE I 276 -0.89 -14.90 -35.05
C ILE I 276 -1.17 -13.52 -35.64
N SER I 277 -0.28 -12.57 -35.39
CA SER I 277 -0.44 -11.20 -35.84
C SER I 277 0.53 -10.93 -36.97
N LEU I 278 0.01 -10.36 -38.05
CA LEU I 278 0.79 -10.19 -39.26
C LEU I 278 0.73 -8.76 -39.73
N SER I 279 1.85 -8.27 -40.25
CA SER I 279 1.94 -6.98 -40.93
C SER I 279 3.02 -7.11 -41.98
N SER I 280 2.79 -6.52 -43.14
CA SER I 280 3.79 -6.57 -44.20
C SER I 280 5.12 -5.95 -43.76
N GLU I 281 5.13 -5.19 -42.68
CA GLU I 281 6.32 -4.46 -42.24
C GLU I 281 6.78 -4.89 -40.86
N LEU I 282 6.46 -6.11 -40.43
CA LEU I 282 6.88 -6.52 -39.11
C LEU I 282 7.13 -8.03 -39.10
N PRO I 283 8.00 -8.51 -38.21
CA PRO I 283 7.98 -9.94 -37.88
C PRO I 283 6.57 -10.40 -37.53
N VAL I 284 6.28 -11.67 -37.81
CA VAL I 284 5.05 -12.26 -37.32
C VAL I 284 5.16 -12.45 -35.81
N VAL I 285 4.02 -12.38 -35.12
CA VAL I 285 3.94 -12.60 -33.68
C VAL I 285 3.01 -13.78 -33.43
N VAL I 286 3.52 -14.79 -32.75
CA VAL I 286 2.79 -16.00 -32.40
C VAL I 286 2.74 -16.06 -30.87
N GLU I 287 1.54 -15.93 -30.30
CA GLU I 287 1.38 -15.73 -28.87
C GLU I 287 0.56 -16.86 -28.26
N TYR I 288 1.06 -17.42 -27.15
CA TYR I 288 0.33 -18.40 -26.35
C TYR I 288 0.10 -17.82 -24.96
N LYS I 289 -1.12 -17.94 -24.46
CA LYS I 289 -1.43 -17.47 -23.13
C LYS I 289 -0.96 -18.49 -22.09
N VAL I 290 -0.35 -17.98 -21.02
CA VAL I 290 0.19 -18.82 -19.95
C VAL I 290 -0.90 -18.90 -18.90
N ALA I 291 -1.77 -19.91 -19.04
CA ALA I 291 -2.98 -20.06 -18.24
C ALA I 291 -3.69 -18.70 -18.26
N GLU I 292 -4.04 -18.13 -17.12
CA GLU I 292 -4.67 -16.83 -17.06
C GLU I 292 -3.74 -15.80 -16.42
N MET I 293 -2.43 -16.04 -16.49
CA MET I 293 -1.47 -15.24 -15.73
C MET I 293 -0.30 -14.72 -16.56
N GLY I 294 -0.33 -14.85 -17.87
CA GLY I 294 0.73 -14.26 -18.67
C GLY I 294 0.71 -14.78 -20.09
N TYR I 295 1.88 -14.76 -20.73
CA TYR I 295 1.97 -15.07 -22.14
C TYR I 295 3.39 -15.46 -22.49
N ILE I 296 3.51 -16.18 -23.61
CA ILE I 296 4.75 -16.32 -24.36
C ILE I 296 4.47 -15.81 -25.76
N ARG I 297 5.27 -14.85 -26.23
CA ARG I 297 5.15 -14.31 -27.57
C ARG I 297 6.39 -14.64 -28.35
N TYR I 298 6.21 -15.24 -29.52
CA TYR I 298 7.32 -15.51 -30.42
C TYR I 298 7.25 -14.56 -31.62
N TYR I 299 8.39 -13.97 -31.97
CA TYR I 299 8.48 -13.08 -33.13
C TYR I 299 9.42 -13.71 -34.13
N LEU I 300 8.99 -13.79 -35.39
CA LEU I 300 9.82 -14.40 -36.42
C LEU I 300 9.99 -13.42 -37.57
N ALA I 301 11.24 -13.11 -37.91
CA ALA I 301 11.53 -12.22 -39.03
C ALA I 301 11.17 -12.91 -40.35
N PRO I 302 10.53 -12.20 -41.29
CA PRO I 302 10.07 -12.86 -42.51
C PRO I 302 11.21 -13.07 -43.51
N LYS I 303 10.93 -13.90 -44.51
CA LYS I 303 11.72 -14.02 -45.72
C LYS I 303 11.05 -13.15 -46.79
N ILE I 304 11.85 -12.28 -47.43
CA ILE I 304 11.31 -11.22 -48.29
C ILE I 304 11.95 -11.27 -49.67
N GLU I 305 11.39 -10.49 -50.60
CA GLU I 305 11.95 -10.30 -51.93
C GLU I 305 13.29 -9.56 -51.88
N PRO J 2 14.04 -15.37 -55.29
CA PRO J 2 15.08 -15.66 -54.28
C PRO J 2 14.83 -14.93 -52.97
N LEU J 3 14.08 -15.57 -52.07
CA LEU J 3 13.75 -14.93 -50.80
C LEU J 3 14.97 -14.86 -49.89
N VAL J 4 15.08 -13.77 -49.15
CA VAL J 4 16.18 -13.58 -48.21
C VAL J 4 15.62 -13.51 -46.79
N GLN J 5 16.25 -14.23 -45.88
CA GLN J 5 15.84 -14.27 -44.49
C GLN J 5 16.29 -12.99 -43.79
N THR J 6 15.34 -12.17 -43.34
CA THR J 6 15.71 -10.96 -42.62
C THR J 6 16.00 -11.29 -41.15
N LYS J 7 16.48 -10.30 -40.41
CA LYS J 7 16.82 -10.47 -39.01
C LYS J 7 15.90 -9.62 -38.14
N ILE J 8 15.71 -10.08 -36.90
CA ILE J 8 14.95 -9.33 -35.91
C ILE J 8 15.51 -7.93 -35.77
N ILE J 9 16.85 -7.80 -35.76
CA ILE J 9 17.49 -6.51 -35.59
C ILE J 9 17.25 -5.60 -36.77
N ASP J 10 16.79 -6.13 -37.90
CA ASP J 10 16.34 -5.27 -38.98
C ASP J 10 15.04 -4.55 -38.64
N PHE J 11 14.34 -4.96 -37.59
CA PHE J 11 13.04 -4.38 -37.26
C PHE J 11 12.98 -3.72 -35.89
N PHE J 12 13.62 -4.29 -34.87
CA PHE J 12 13.61 -3.74 -33.53
C PHE J 12 15.00 -3.20 -33.18
N ARG J 13 15.01 -2.10 -32.43
CA ARG J 13 16.25 -1.48 -31.97
C ARG J 13 16.51 -1.83 -30.51
N ILE J 14 17.67 -1.41 -30.01
CA ILE J 14 18.32 -1.99 -28.84
C ILE J 14 17.80 -1.39 -27.51
N GLN J 15 16.65 -0.72 -27.56
CA GLN J 15 16.06 -0.10 -26.37
C GLN J 15 17.05 0.81 -25.65
N LEU K 45 -12.63 9.79 6.34
CA LEU K 45 -12.86 8.80 7.39
C LEU K 45 -14.35 8.57 7.65
N TYR K 46 -15.11 9.66 7.79
CA TYR K 46 -16.56 9.60 7.94
C TYR K 46 -17.28 9.71 6.59
N PHE K 47 -16.66 9.22 5.54
CA PHE K 47 -17.17 9.47 4.20
C PHE K 47 -18.23 8.45 3.83
N GLN K 48 -19.14 8.86 2.95
CA GLN K 48 -20.16 7.97 2.43
C GLN K 48 -19.54 7.00 1.42
N GLY K 49 -19.95 5.73 1.47
CA GLY K 49 -19.34 4.73 0.61
C GLY K 49 -19.58 5.02 -0.86
N MET K 50 -18.66 4.55 -1.70
CA MET K 50 -18.73 4.79 -3.14
C MET K 50 -18.16 3.60 -3.88
N LEU K 51 -18.80 3.24 -4.98
CA LEU K 51 -18.32 2.21 -5.90
C LEU K 51 -18.06 2.87 -7.24
N GLU K 52 -16.90 2.58 -7.81
CA GLU K 52 -16.59 2.98 -9.19
C GLU K 52 -15.74 1.88 -9.79
N LEU K 53 -16.26 1.22 -10.81
CA LEU K 53 -15.56 0.12 -11.48
C LEU K 53 -15.46 0.45 -12.96
N ARG K 54 -14.26 0.30 -13.52
CA ARG K 54 -14.02 0.51 -14.93
C ARG K 54 -13.54 -0.81 -15.53
N LEU K 55 -14.28 -1.32 -16.51
CA LEU K 55 -14.02 -2.61 -17.10
C LEU K 55 -13.80 -2.39 -18.59
N VAL K 56 -12.59 -2.65 -19.06
CA VAL K 56 -12.28 -2.40 -20.46
C VAL K 56 -13.09 -3.33 -21.37
N GLN K 57 -13.15 -4.63 -21.04
CA GLN K 57 -13.93 -5.59 -21.83
C GLN K 57 -15.39 -5.57 -21.35
N GLY K 58 -16.07 -4.48 -21.68
CA GLY K 58 -17.45 -4.30 -21.25
C GLY K 58 -18.37 -5.45 -21.65
N SER K 59 -18.09 -6.12 -22.76
CA SER K 59 -18.95 -7.21 -23.20
C SER K 59 -19.07 -8.31 -22.16
N LEU K 60 -18.01 -8.53 -21.36
CA LEU K 60 -18.10 -9.52 -20.29
C LEU K 60 -19.29 -9.25 -19.40
N LEU K 61 -19.57 -7.97 -19.15
CA LEU K 61 -20.65 -7.63 -18.23
C LEU K 61 -22.01 -7.86 -18.88
N LYS K 62 -22.15 -7.54 -20.16
CA LYS K 62 -23.38 -7.90 -20.86
C LYS K 62 -23.63 -9.41 -20.77
N LYS K 63 -22.61 -10.20 -21.11
CA LYS K 63 -22.74 -11.66 -21.07
C LYS K 63 -23.09 -12.16 -19.67
N VAL K 64 -22.54 -11.53 -18.62
CA VAL K 64 -22.84 -11.96 -17.26
C VAL K 64 -24.33 -11.76 -16.94
N LEU K 65 -24.86 -10.58 -17.29
CA LEU K 65 -26.28 -10.32 -17.03
C LEU K 65 -27.16 -11.27 -17.82
N GLU K 66 -26.82 -11.54 -19.07
CA GLU K 66 -27.59 -12.52 -19.83
C GLU K 66 -27.50 -13.89 -19.17
N SER K 67 -26.42 -14.17 -18.46
CA SER K 67 -26.26 -15.48 -17.82
C SER K 67 -27.20 -15.66 -16.64
N ILE K 68 -27.63 -14.58 -15.99
CA ILE K 68 -28.29 -14.68 -14.70
C ILE K 68 -29.67 -14.04 -14.66
N LYS K 69 -30.03 -13.16 -15.60
CA LYS K 69 -31.22 -12.36 -15.39
C LYS K 69 -32.51 -13.16 -15.51
N ASP K 70 -32.50 -14.28 -16.25
CA ASP K 70 -33.68 -15.12 -16.34
C ASP K 70 -33.73 -16.16 -15.24
N LEU K 71 -32.61 -16.43 -14.58
CA LEU K 71 -32.62 -17.34 -13.45
C LEU K 71 -33.17 -16.66 -12.21
N VAL K 72 -32.73 -15.44 -11.93
CA VAL K 72 -33.15 -14.69 -10.76
C VAL K 72 -33.62 -13.31 -11.23
N ASN K 73 -34.67 -12.79 -10.59
CA ASN K 73 -35.31 -11.57 -11.07
C ASN K 73 -34.63 -10.30 -10.53
N ASP K 74 -34.35 -10.27 -9.23
CA ASP K 74 -33.68 -9.14 -8.60
C ASP K 74 -32.61 -9.69 -7.67
N ALA K 75 -31.51 -8.95 -7.53
CA ALA K 75 -30.45 -9.44 -6.65
C ALA K 75 -29.57 -8.27 -6.23
N ASN K 76 -28.82 -8.49 -5.15
CA ASN K 76 -27.80 -7.56 -4.75
C ASN K 76 -26.51 -7.88 -5.48
N PHE K 77 -25.85 -6.84 -5.97
CA PHE K 77 -24.46 -6.93 -6.39
C PHE K 77 -23.60 -6.46 -5.22
N ASP K 78 -22.77 -7.34 -4.70
CA ASP K 78 -21.96 -7.03 -3.54
C ASP K 78 -20.57 -6.59 -3.99
N CYS K 79 -19.97 -5.74 -3.18
CA CYS K 79 -18.74 -5.06 -3.53
C CYS K 79 -17.76 -5.24 -2.39
N SER K 80 -16.59 -5.83 -2.69
CA SER K 80 -15.68 -6.22 -1.63
C SER K 80 -14.24 -6.06 -2.09
N SER K 81 -13.31 -6.41 -1.19
CA SER K 81 -11.88 -6.40 -1.50
C SER K 81 -11.57 -7.28 -2.69
N THR K 82 -12.08 -8.51 -2.68
CA THR K 82 -11.73 -9.47 -3.73
C THR K 82 -12.31 -9.09 -5.07
N GLY K 83 -13.46 -8.45 -5.09
CA GLY K 83 -14.02 -7.99 -6.34
C GLY K 83 -15.51 -7.80 -6.25
N PHE K 84 -16.12 -7.74 -7.42
CA PHE K 84 -17.54 -7.45 -7.61
C PHE K 84 -18.28 -8.78 -7.71
N SER K 85 -19.17 -9.07 -6.76
CA SER K 85 -19.76 -10.40 -6.70
C SER K 85 -21.28 -10.32 -6.53
N LEU K 86 -21.90 -11.49 -6.67
CA LEU K 86 -23.34 -11.66 -6.51
C LEU K 86 -23.61 -13.11 -6.12
N GLN K 87 -24.57 -13.30 -5.22
CA GLN K 87 -25.11 -14.62 -4.93
C GLN K 87 -26.62 -14.51 -4.80
N ALA K 88 -27.34 -15.39 -5.50
CA ALA K 88 -28.79 -15.40 -5.41
C ALA K 88 -29.32 -16.77 -5.79
N MET K 89 -30.59 -16.98 -5.48
CA MET K 89 -31.31 -18.21 -5.78
C MET K 89 -32.44 -17.94 -6.74
N ASP K 90 -32.85 -18.97 -7.48
CA ASP K 90 -34.09 -18.87 -8.25
C ASP K 90 -35.28 -18.88 -7.30
N SER K 91 -36.46 -18.60 -7.84
CA SER K 91 -37.63 -18.41 -6.99
C SER K 91 -38.06 -19.69 -6.27
N SER K 92 -37.76 -20.85 -6.82
CA SER K 92 -38.12 -22.08 -6.14
C SER K 92 -37.02 -22.57 -5.19
N HIS K 93 -35.90 -21.86 -5.12
CA HIS K 93 -34.79 -22.20 -4.21
C HIS K 93 -34.15 -23.54 -4.58
N VAL K 94 -34.16 -23.87 -5.87
CA VAL K 94 -33.66 -25.14 -6.38
C VAL K 94 -32.26 -24.98 -6.93
N ALA K 95 -31.93 -23.75 -7.35
CA ALA K 95 -30.66 -23.40 -7.97
C ALA K 95 -30.11 -22.11 -7.36
N LEU K 96 -28.78 -22.01 -7.37
CA LEU K 96 -28.13 -20.83 -6.81
C LEU K 96 -27.03 -20.42 -7.76
N VAL K 97 -26.87 -19.11 -7.97
CA VAL K 97 -25.80 -18.58 -8.77
C VAL K 97 -24.85 -17.84 -7.84
N SER K 98 -23.57 -18.09 -8.01
CA SER K 98 -22.51 -17.36 -7.32
C SER K 98 -21.58 -16.82 -8.39
N LEU K 99 -21.45 -15.50 -8.46
CA LEU K 99 -20.64 -14.84 -9.48
C LEU K 99 -19.56 -14.00 -8.81
N LEU K 100 -18.39 -13.96 -9.45
CA LEU K 100 -17.28 -13.13 -8.99
C LEU K 100 -16.56 -12.53 -10.17
N LEU K 101 -16.40 -11.21 -10.16
CA LEU K 101 -15.52 -10.49 -11.07
C LEU K 101 -14.40 -9.88 -10.22
N ARG K 102 -13.21 -10.45 -10.31
CA ARG K 102 -12.14 -10.04 -9.41
C ARG K 102 -11.67 -8.62 -9.75
N SER K 103 -11.09 -7.98 -8.74
CA SER K 103 -10.66 -6.59 -8.89
C SER K 103 -9.53 -6.45 -9.90
N GLU K 104 -8.72 -7.49 -10.06
CA GLU K 104 -7.59 -7.43 -10.99
C GLU K 104 -8.03 -7.27 -12.43
N GLY K 105 -9.25 -7.66 -12.77
CA GLY K 105 -9.75 -7.49 -14.12
C GLY K 105 -10.30 -6.12 -14.44
N PHE K 106 -10.34 -5.20 -13.48
CA PHE K 106 -10.85 -3.85 -13.69
C PHE K 106 -9.69 -2.88 -13.84
N GLU K 107 -9.73 -2.06 -14.90
CA GLU K 107 -8.71 -1.02 -15.07
C GLU K 107 -8.73 -0.06 -13.88
N HIS K 108 -9.91 0.26 -13.38
CA HIS K 108 -10.06 1.04 -12.16
C HIS K 108 -11.05 0.32 -11.26
N TYR K 109 -10.70 0.19 -9.99
CA TYR K 109 -11.56 -0.52 -9.03
C TYR K 109 -11.54 0.25 -7.73
N ARG K 110 -12.58 1.02 -7.47
CA ARG K 110 -12.80 1.60 -6.16
C ARG K 110 -14.06 1.00 -5.57
N CYS K 111 -13.96 0.52 -4.35
CA CYS K 111 -15.09 0.01 -3.59
C CYS K 111 -14.88 0.49 -2.14
N ASP K 112 -15.43 1.67 -1.84
CA ASP K 112 -15.12 2.34 -0.58
C ASP K 112 -15.50 1.47 0.62
N ARG K 113 -16.78 1.10 0.72
CA ARG K 113 -17.25 0.28 1.83
C ARG K 113 -17.74 -1.07 1.29
N ASN K 114 -18.25 -1.91 2.19
CA ASN K 114 -18.94 -3.12 1.76
C ASN K 114 -20.27 -2.75 1.11
N LEU K 115 -20.20 -2.10 -0.05
CA LEU K 115 -21.39 -1.60 -0.71
C LEU K 115 -22.25 -2.75 -1.23
N SER K 116 -23.56 -2.52 -1.25
CA SER K 116 -24.51 -3.40 -1.91
C SER K 116 -25.43 -2.58 -2.80
N MET K 117 -25.61 -3.05 -4.04
CA MET K 117 -26.54 -2.44 -5.00
C MET K 117 -27.64 -3.44 -5.29
N GLY K 118 -28.85 -3.14 -4.81
CA GLY K 118 -30.01 -3.93 -5.21
C GLY K 118 -30.50 -3.61 -6.60
N MET K 119 -30.52 -4.60 -7.48
CA MET K 119 -30.80 -4.39 -8.89
C MET K 119 -31.93 -5.28 -9.36
N ASN K 120 -32.86 -4.71 -10.13
CA ASN K 120 -33.65 -5.56 -11.00
C ASN K 120 -32.76 -5.97 -12.16
N LEU K 121 -32.50 -7.27 -12.30
CA LEU K 121 -31.51 -7.68 -13.28
C LEU K 121 -31.98 -7.46 -14.72
N GLY K 122 -33.29 -7.52 -14.97
CA GLY K 122 -33.78 -7.33 -16.32
C GLY K 122 -33.64 -5.89 -16.79
N ASN K 123 -33.83 -4.94 -15.87
CA ASN K 123 -33.61 -3.54 -16.19
C ASN K 123 -32.13 -3.27 -16.43
N MET K 124 -31.28 -3.76 -15.53
CA MET K 124 -29.84 -3.63 -15.73
C MET K 124 -29.43 -4.19 -17.09
N SER K 125 -30.01 -5.31 -17.49
CA SER K 125 -29.68 -5.88 -18.78
C SER K 125 -30.22 -5.00 -19.91
N LYS K 126 -31.40 -4.41 -19.73
CA LYS K 126 -31.91 -3.50 -20.75
C LYS K 126 -30.97 -2.32 -20.95
N MET K 127 -30.36 -1.84 -19.86
CA MET K 127 -29.40 -0.75 -20.03
C MET K 127 -28.09 -1.25 -20.62
N LEU K 128 -27.59 -2.41 -20.15
CA LEU K 128 -26.32 -2.91 -20.63
C LEU K 128 -26.37 -3.26 -22.13
N LYS K 129 -27.53 -3.66 -22.64
CA LYS K 129 -27.63 -4.00 -24.05
C LYS K 129 -27.50 -2.79 -24.95
N CYS K 130 -27.60 -1.59 -24.39
CA CYS K 130 -27.32 -0.37 -25.15
C CYS K 130 -25.81 -0.11 -25.25
N ALA K 131 -24.98 -0.95 -24.64
CA ALA K 131 -23.54 -0.81 -24.77
C ALA K 131 -23.03 -1.60 -25.97
N GLY K 132 -22.09 -1.00 -26.70
CA GLY K 132 -21.42 -1.74 -27.75
C GLY K 132 -20.55 -2.84 -27.19
N ASN K 133 -20.32 -3.85 -28.03
CA ASN K 133 -19.54 -5.01 -27.58
C ASN K 133 -18.09 -4.67 -27.31
N ASP K 134 -17.60 -3.57 -27.87
CA ASP K 134 -16.24 -3.12 -27.61
C ASP K 134 -16.19 -1.95 -26.62
N ASP K 135 -17.35 -1.51 -26.12
CA ASP K 135 -17.39 -0.38 -25.21
C ASP K 135 -16.67 -0.67 -23.90
N ILE K 136 -16.04 0.36 -23.35
CA ILE K 136 -15.61 0.35 -21.96
C ILE K 136 -16.79 0.75 -21.10
N ILE K 137 -17.01 0.03 -20.02
CA ILE K 137 -18.19 0.22 -19.17
C ILE K 137 -17.74 0.61 -17.77
N THR K 138 -18.29 1.71 -17.25
CA THR K 138 -18.06 2.11 -15.87
C THR K 138 -19.36 2.03 -15.07
N ILE K 139 -19.27 1.53 -13.83
CA ILE K 139 -20.40 1.48 -12.90
C ILE K 139 -20.07 2.40 -11.72
N LYS K 140 -21.02 3.27 -11.36
CA LYS K 140 -20.83 4.25 -10.29
C LYS K 140 -22.07 4.30 -9.41
N ALA K 141 -21.88 4.24 -8.08
CA ALA K 141 -23.01 4.25 -7.15
C ALA K 141 -22.57 4.68 -5.77
N ASP K 142 -23.52 5.23 -5.01
CA ASP K 142 -23.37 5.61 -3.60
C ASP K 142 -23.96 4.53 -2.70
N ASP K 143 -23.43 4.45 -1.47
CA ASP K 143 -23.83 3.43 -0.50
C ASP K 143 -25.35 3.29 -0.38
N GLY K 144 -26.01 4.27 0.22
CA GLY K 144 -27.46 4.19 0.28
C GLY K 144 -28.10 4.99 -0.83
N GLY K 145 -27.44 5.04 -1.99
CA GLY K 145 -27.89 5.92 -3.05
C GLY K 145 -29.15 5.43 -3.72
N ASP K 146 -29.85 6.37 -4.36
CA ASP K 146 -31.08 5.99 -5.05
C ASP K 146 -30.82 5.37 -6.41
N THR K 147 -29.67 5.63 -7.02
CA THR K 147 -29.47 5.30 -8.42
C THR K 147 -28.06 4.76 -8.64
N VAL K 148 -27.91 4.01 -9.73
CA VAL K 148 -26.62 3.57 -10.25
C VAL K 148 -26.46 4.18 -11.64
N THR K 149 -25.24 4.56 -11.97
CA THR K 149 -24.92 5.13 -13.26
C THR K 149 -24.02 4.17 -14.03
N PHE K 150 -24.40 3.89 -15.27
CA PHE K 150 -23.56 3.13 -16.19
C PHE K 150 -23.04 4.07 -17.26
N MET K 151 -21.73 4.05 -17.47
CA MET K 151 -21.11 4.82 -18.54
C MET K 151 -20.49 3.86 -19.54
N PHE K 152 -20.94 3.94 -20.79
CA PHE K 152 -20.36 3.17 -21.88
C PHE K 152 -19.54 4.13 -22.72
N GLU K 153 -18.28 3.80 -22.93
CA GLU K 153 -17.37 4.69 -23.63
C GLU K 153 -16.71 3.91 -24.75
N SER K 154 -16.85 4.42 -25.98
CA SER K 154 -16.21 3.78 -27.12
C SER K 154 -14.70 4.02 -27.09
N PRO K 155 -13.89 3.09 -27.60
CA PRO K 155 -12.45 3.30 -27.68
C PRO K 155 -12.04 4.18 -28.86
N ASP K 158 -15.75 7.77 -31.06
CA ASP K 158 -15.81 8.75 -29.99
C ASP K 158 -17.24 8.99 -29.54
N LYS K 159 -17.88 7.91 -29.09
CA LYS K 159 -19.18 7.94 -28.45
C LYS K 159 -19.01 7.66 -26.97
N ILE K 160 -19.69 8.43 -26.13
CA ILE K 160 -19.73 8.16 -24.70
C ILE K 160 -21.16 8.32 -24.24
N ALA K 161 -21.69 7.30 -23.55
CA ALA K 161 -23.06 7.32 -23.07
C ALA K 161 -23.09 7.16 -21.56
N ASP K 162 -24.16 7.68 -20.95
CA ASP K 162 -24.38 7.49 -19.51
C ASP K 162 -25.85 7.15 -19.31
N PHE K 163 -26.07 6.01 -18.66
CA PHE K 163 -27.40 5.53 -18.31
C PHE K 163 -27.49 5.50 -16.79
N GLU K 164 -28.60 5.97 -16.27
CA GLU K 164 -28.85 6.04 -14.84
C GLU K 164 -30.13 5.29 -14.53
N MET K 165 -30.11 4.48 -13.48
CA MET K 165 -31.19 3.56 -13.16
C MET K 165 -31.38 3.54 -11.65
N LYS K 166 -32.62 3.38 -11.21
CA LYS K 166 -32.89 3.37 -9.77
C LYS K 166 -32.46 2.04 -9.16
N LEU K 167 -32.05 2.09 -7.91
CA LEU K 167 -31.64 0.91 -7.16
C LEU K 167 -32.79 0.43 -6.29
N MET K 168 -32.60 -0.76 -5.72
CA MET K 168 -33.58 -1.35 -4.81
C MET K 168 -32.91 -1.58 -3.46
N ASP K 169 -33.75 -1.93 -2.48
CA ASP K 169 -33.28 -2.38 -1.17
C ASP K 169 -33.68 -3.86 -1.05
N ILE K 170 -32.73 -4.74 -1.31
CA ILE K 170 -33.04 -6.18 -1.41
C ILE K 170 -32.87 -6.87 -0.06
N ASP K 171 -31.72 -6.71 0.59
CA ASP K 171 -31.49 -7.28 1.92
C ASP K 171 -31.51 -8.81 1.87
N GLU K 173 -30.17 -12.48 2.05
CA GLU K 173 -29.75 -13.26 3.22
C GLU K 173 -28.39 -13.92 3.01
N HIS K 174 -28.30 -14.75 1.98
CA HIS K 174 -27.08 -15.45 1.54
C HIS K 174 -26.78 -16.71 2.32
N LEU K 175 -26.41 -17.76 1.59
CA LEU K 175 -26.06 -19.06 2.14
C LEU K 175 -24.56 -19.25 2.07
N GLY K 176 -24.02 -20.02 3.01
CA GLY K 176 -22.60 -20.33 2.99
C GLY K 176 -22.36 -21.51 2.09
N ILE K 177 -21.38 -21.37 1.19
CA ILE K 177 -21.01 -22.44 0.27
C ILE K 177 -19.86 -23.23 0.92
N PRO K 178 -20.07 -24.48 1.29
CA PRO K 178 -18.99 -25.22 1.95
C PRO K 178 -17.85 -25.51 0.99
N ASP K 179 -16.65 -25.59 1.52
CA ASP K 179 -15.44 -25.74 0.70
C ASP K 179 -15.15 -27.21 0.42
N ALA K 180 -16.15 -27.94 -0.05
CA ALA K 180 -16.09 -29.39 -0.03
C ALA K 180 -15.30 -29.95 -1.20
N GLU K 181 -14.85 -31.20 -1.03
CA GLU K 181 -14.22 -31.99 -2.07
C GLU K 181 -15.29 -32.81 -2.79
N TYR K 182 -15.13 -32.96 -4.10
CA TYR K 182 -16.13 -33.63 -4.94
C TYR K 182 -15.63 -35.00 -5.37
N HIS K 183 -16.56 -35.93 -5.56
CA HIS K 183 -16.18 -37.27 -5.99
C HIS K 183 -15.76 -37.30 -7.45
N SER K 184 -16.36 -36.47 -8.29
CA SER K 184 -16.04 -36.49 -9.70
C SER K 184 -16.13 -35.09 -10.25
N ILE K 185 -15.13 -34.69 -11.04
CA ILE K 185 -15.09 -33.42 -11.73
C ILE K 185 -14.91 -33.70 -13.21
N VAL K 186 -15.67 -33.02 -14.04
CA VAL K 186 -15.61 -33.17 -15.49
C VAL K 186 -15.39 -31.80 -16.11
N ARG K 187 -14.37 -31.70 -16.96
CA ARG K 187 -14.13 -30.52 -17.78
C ARG K 187 -14.40 -30.92 -19.23
N MET K 188 -15.19 -30.12 -19.94
CA MET K 188 -15.57 -30.45 -21.30
C MET K 188 -15.89 -29.16 -22.04
N PRO K 189 -15.96 -29.21 -23.37
CA PRO K 189 -16.34 -28.00 -24.12
C PRO K 189 -17.73 -27.53 -23.73
N SER K 190 -17.84 -26.23 -23.43
CA SER K 190 -19.13 -25.69 -23.02
C SER K 190 -20.14 -25.78 -24.16
N ASN K 191 -19.66 -25.66 -25.39
CA ASN K 191 -20.51 -25.85 -26.54
C ASN K 191 -21.10 -27.25 -26.56
N GLU K 192 -20.27 -28.26 -26.25
CA GLU K 192 -20.79 -29.62 -26.25
C GLU K 192 -21.75 -29.86 -25.09
N PHE K 193 -21.44 -29.30 -23.92
CA PHE K 193 -22.38 -29.48 -22.82
C PHE K 193 -23.71 -28.79 -23.14
N SER K 194 -23.65 -27.63 -23.79
CA SER K 194 -24.89 -26.95 -24.14
C SER K 194 -25.71 -27.75 -25.14
N ARG K 195 -25.04 -28.33 -26.14
CA ARG K 195 -25.71 -29.22 -27.08
C ARG K 195 -26.40 -30.38 -26.35
N ILE K 196 -25.70 -31.04 -25.42
CA ILE K 196 -26.28 -32.22 -24.77
C ILE K 196 -27.53 -31.86 -23.98
N CYS K 197 -27.49 -30.77 -23.20
CA CYS K 197 -28.65 -30.40 -22.40
C CYS K 197 -29.84 -30.05 -23.28
N LYS K 198 -29.61 -29.37 -24.40
CA LYS K 198 -30.71 -29.05 -25.30
C LYS K 198 -31.28 -30.31 -25.92
N ASP K 199 -30.40 -31.18 -26.43
CA ASP K 199 -30.85 -32.41 -27.08
C ASP K 199 -31.64 -33.28 -26.13
N LEU K 200 -31.12 -33.49 -24.91
CA LEU K 200 -31.79 -34.37 -23.98
C LEU K 200 -33.11 -33.75 -23.51
N SER K 201 -33.14 -32.43 -23.34
CA SER K 201 -34.37 -31.79 -22.92
C SER K 201 -35.47 -31.87 -23.97
N SER K 202 -35.13 -32.21 -25.22
CA SER K 202 -36.18 -32.48 -26.19
C SER K 202 -36.74 -33.88 -26.05
N ILE K 203 -36.13 -34.72 -25.22
CA ILE K 203 -36.58 -36.09 -24.99
C ILE K 203 -37.28 -36.23 -23.65
N GLY K 204 -36.73 -35.65 -22.58
CA GLY K 204 -37.27 -35.80 -21.25
C GLY K 204 -37.02 -34.57 -20.41
N ASP K 205 -37.46 -34.63 -19.15
CA ASP K 205 -37.35 -33.53 -18.21
C ASP K 205 -36.23 -33.69 -17.20
N THR K 206 -35.69 -34.89 -17.05
CA THR K 206 -34.72 -35.20 -16.01
C THR K 206 -33.51 -35.86 -16.66
N VAL K 207 -32.32 -35.38 -16.33
CA VAL K 207 -31.08 -35.99 -16.83
C VAL K 207 -30.40 -36.70 -15.66
N VAL K 208 -29.98 -37.93 -15.89
CA VAL K 208 -29.13 -38.66 -14.96
C VAL K 208 -27.70 -38.46 -15.42
N ILE K 209 -26.86 -37.91 -14.55
CA ILE K 209 -25.43 -37.75 -14.84
C ILE K 209 -24.66 -38.75 -14.00
N SER K 210 -23.96 -39.67 -14.65
CA SER K 210 -23.18 -40.66 -13.92
C SER K 210 -21.75 -40.65 -14.40
N VAL K 211 -20.81 -40.79 -13.47
CA VAL K 211 -19.39 -40.85 -13.79
C VAL K 211 -18.84 -42.14 -13.21
N THR K 212 -18.20 -42.95 -14.06
CA THR K 212 -17.59 -44.21 -13.66
C THR K 212 -16.26 -44.34 -14.37
N LYS K 213 -15.60 -45.49 -14.16
CA LYS K 213 -14.38 -45.80 -14.90
C LYS K 213 -14.61 -45.71 -16.42
N GLU K 214 -15.80 -46.09 -16.88
CA GLU K 214 -16.09 -46.05 -18.31
C GLU K 214 -16.12 -44.63 -18.85
N GLY K 215 -16.71 -43.69 -18.11
CA GLY K 215 -16.69 -42.30 -18.52
C GLY K 215 -17.82 -41.53 -17.83
N VAL K 216 -18.29 -40.48 -18.50
CA VAL K 216 -19.43 -39.70 -18.02
C VAL K 216 -20.59 -39.96 -18.95
N LYS K 217 -21.75 -40.26 -18.37
CA LYS K 217 -22.95 -40.57 -19.14
C LYS K 217 -24.04 -39.55 -18.79
N PHE K 218 -24.75 -39.09 -19.81
CA PHE K 218 -25.95 -38.28 -19.62
C PHE K 218 -27.13 -39.07 -20.16
N SER K 219 -28.14 -39.27 -19.32
CA SER K 219 -29.28 -40.13 -19.64
C SER K 219 -30.59 -39.42 -19.37
N THR K 220 -31.56 -39.64 -20.25
CA THR K 220 -32.91 -39.15 -20.01
C THR K 220 -33.88 -40.13 -20.65
N ALA K 221 -35.10 -40.18 -20.11
CA ALA K 221 -36.20 -40.93 -20.72
C ALA K 221 -37.45 -40.07 -20.73
N GLY K 222 -38.30 -40.29 -21.73
CA GLY K 222 -39.49 -39.47 -21.84
C GLY K 222 -40.57 -40.14 -22.66
N ASP K 223 -41.58 -39.35 -23.02
CA ASP K 223 -42.73 -39.91 -23.71
C ASP K 223 -42.33 -40.49 -25.07
N ILE K 224 -41.33 -39.89 -25.72
CA ILE K 224 -40.93 -40.33 -27.06
C ILE K 224 -39.94 -41.50 -27.00
N GLY K 225 -39.19 -41.63 -25.91
CA GLY K 225 -38.21 -42.70 -25.80
C GLY K 225 -37.13 -42.32 -24.80
N THR K 226 -35.95 -42.91 -25.01
CA THR K 226 -34.83 -42.79 -24.08
C THR K 226 -33.57 -42.40 -24.84
N ALA K 227 -32.66 -41.72 -24.14
CA ALA K 227 -31.42 -41.25 -24.74
C ALA K 227 -30.30 -41.37 -23.72
N ASN K 228 -29.17 -41.93 -24.15
CA ASN K 228 -27.95 -42.02 -23.36
C ASN K 228 -26.80 -41.48 -24.18
N ILE K 229 -26.03 -40.56 -23.60
CA ILE K 229 -24.86 -39.98 -24.25
C ILE K 229 -23.67 -40.27 -23.36
N VAL K 230 -22.68 -40.98 -23.92
CA VAL K 230 -21.50 -41.41 -23.18
C VAL K 230 -20.29 -40.69 -23.74
N LEU K 231 -19.52 -40.05 -22.85
CA LEU K 231 -18.23 -39.45 -23.21
C LEU K 231 -17.13 -40.11 -22.40
N ARG K 232 -16.08 -40.57 -23.09
CA ARG K 232 -14.95 -41.24 -22.45
C ARG K 232 -13.73 -40.35 -22.45
N GLN K 233 -12.92 -40.47 -21.42
CA GLN K 233 -11.72 -39.64 -21.26
C GLN K 233 -10.72 -39.85 -22.40
N ALA K 243 -10.25 -31.13 -24.96
CA ALA K 243 -10.42 -32.50 -24.50
C ALA K 243 -11.60 -32.62 -23.52
N ILE K 244 -11.92 -33.86 -23.14
CA ILE K 244 -12.87 -34.14 -22.09
C ILE K 244 -12.08 -34.77 -20.96
N VAL K 245 -11.87 -34.03 -19.89
CA VAL K 245 -11.08 -34.47 -18.76
C VAL K 245 -12.02 -34.93 -17.67
N ILE K 246 -11.76 -36.11 -17.12
CA ILE K 246 -12.53 -36.66 -16.01
C ILE K 246 -11.57 -36.95 -14.87
N GLU K 247 -11.86 -36.41 -13.69
CA GLU K 247 -11.11 -36.72 -12.48
C GLU K 247 -12.10 -37.30 -11.48
N MET K 248 -12.01 -38.61 -11.26
CA MET K 248 -13.01 -39.35 -10.50
C MET K 248 -12.37 -39.85 -9.21
N LYS K 249 -12.70 -39.21 -8.08
CA LYS K 249 -12.29 -39.76 -6.79
C LYS K 249 -13.15 -40.97 -6.41
N GLU K 250 -14.45 -40.89 -6.67
CA GLU K 250 -15.37 -42.02 -6.54
C GLU K 250 -16.45 -41.86 -7.59
N PRO K 251 -16.98 -42.96 -8.13
CA PRO K 251 -18.12 -42.87 -9.04
C PRO K 251 -19.28 -42.13 -8.38
N VAL K 252 -20.02 -41.37 -9.18
CA VAL K 252 -21.22 -40.66 -8.76
C VAL K 252 -22.29 -40.81 -9.83
N SER K 253 -23.54 -40.70 -9.39
CA SER K 253 -24.69 -40.65 -10.28
C SER K 253 -25.79 -39.90 -9.57
N LEU K 254 -26.36 -38.91 -10.25
CA LEU K 254 -27.36 -38.02 -9.66
C LEU K 254 -28.32 -37.58 -10.75
N SER K 255 -29.56 -37.28 -10.35
CA SER K 255 -30.57 -36.80 -11.30
C SER K 255 -30.78 -35.29 -11.13
N PHE K 256 -31.03 -34.62 -12.24
CA PHE K 256 -31.23 -33.17 -12.23
C PHE K 256 -32.28 -32.76 -13.26
N ALA K 257 -32.98 -31.68 -12.94
CA ALA K 257 -33.96 -31.11 -13.86
C ALA K 257 -33.27 -30.42 -15.03
N LEU K 258 -33.62 -30.83 -16.25
CA LEU K 258 -33.01 -30.23 -17.42
C LEU K 258 -33.39 -28.76 -17.58
N ARG K 259 -34.57 -28.37 -17.09
CA ARG K 259 -34.97 -26.97 -17.20
C ARG K 259 -33.89 -26.06 -16.63
N TYR K 260 -33.27 -26.47 -15.53
CA TYR K 260 -32.30 -25.59 -14.88
C TYR K 260 -30.94 -25.66 -15.57
N MET K 261 -30.49 -26.86 -15.93
CA MET K 261 -29.28 -26.99 -16.72
C MET K 261 -29.34 -26.14 -17.98
N ASN K 262 -30.48 -26.16 -18.68
CA ASN K 262 -30.64 -25.35 -19.88
C ASN K 262 -30.47 -23.86 -19.59
N SER K 263 -30.91 -23.39 -18.42
CA SER K 263 -30.66 -21.99 -18.06
C SER K 263 -29.19 -21.73 -17.81
N PHE K 264 -28.45 -22.70 -17.28
CA PHE K 264 -27.04 -22.51 -16.98
C PHE K 264 -26.23 -22.33 -18.26
N THR K 265 -26.66 -22.96 -19.34
CA THR K 265 -25.94 -22.88 -20.60
C THR K 265 -26.09 -21.53 -21.28
N LYS K 266 -26.87 -20.61 -20.73
CA LYS K 266 -26.83 -19.24 -21.24
C LYS K 266 -25.53 -18.52 -20.89
N ALA K 267 -24.66 -19.15 -20.09
CA ALA K 267 -23.34 -18.62 -19.81
C ALA K 267 -22.31 -19.08 -20.83
N THR K 268 -22.68 -19.98 -21.73
CA THR K 268 -21.76 -20.54 -22.72
C THR K 268 -20.93 -19.51 -23.45
N PRO K 269 -21.46 -18.36 -23.88
CA PRO K 269 -20.59 -17.41 -24.60
C PRO K 269 -19.54 -16.76 -23.73
N LEU K 270 -19.49 -17.08 -22.42
CA LEU K 270 -18.41 -16.60 -21.57
C LEU K 270 -17.15 -17.45 -21.65
N SER K 271 -17.30 -18.73 -22.00
CA SER K 271 -16.21 -19.66 -21.78
C SER K 271 -16.34 -20.85 -22.72
N ASP K 272 -15.24 -21.21 -23.37
CA ASP K 272 -15.23 -22.38 -24.23
C ASP K 272 -15.23 -23.69 -23.44
N THR K 273 -14.92 -23.64 -22.14
CA THR K 273 -14.87 -24.80 -21.28
C THR K 273 -15.88 -24.64 -20.13
N VAL K 274 -16.48 -25.76 -19.72
CA VAL K 274 -17.33 -25.77 -18.54
C VAL K 274 -16.88 -26.91 -17.62
N THR K 275 -17.06 -26.71 -16.32
CA THR K 275 -16.60 -27.66 -15.31
C THR K 275 -17.80 -28.09 -14.45
N ILE K 276 -17.95 -29.40 -14.31
CA ILE K 276 -19.10 -29.98 -13.61
C ILE K 276 -18.58 -30.81 -12.46
N SER K 277 -18.84 -30.36 -11.23
CA SER K 277 -18.40 -31.08 -10.04
C SER K 277 -19.59 -31.76 -9.41
N LEU K 278 -19.41 -33.05 -9.10
CA LEU K 278 -20.48 -33.93 -8.65
C LEU K 278 -20.09 -34.58 -7.35
N SER K 279 -21.08 -34.75 -6.47
CA SER K 279 -20.93 -35.45 -5.21
C SER K 279 -22.29 -36.03 -4.86
N SER K 280 -22.31 -37.25 -4.36
CA SER K 280 -23.56 -37.82 -3.91
C SER K 280 -24.18 -37.01 -2.77
N GLU K 281 -23.40 -36.13 -2.15
CA GLU K 281 -23.83 -35.39 -0.97
C GLU K 281 -23.96 -33.89 -1.22
N LEU K 282 -24.08 -33.45 -2.47
CA LEU K 282 -24.08 -32.01 -2.71
C LEU K 282 -24.87 -31.70 -3.97
N PRO K 283 -25.37 -30.47 -4.10
CA PRO K 283 -25.74 -29.98 -5.43
C PRO K 283 -24.57 -30.13 -6.40
N VAL K 284 -24.90 -30.32 -7.68
CA VAL K 284 -23.89 -30.22 -8.73
C VAL K 284 -23.44 -28.78 -8.84
N VAL K 285 -22.17 -28.57 -9.21
CA VAL K 285 -21.63 -27.25 -9.51
C VAL K 285 -21.23 -27.21 -10.98
N VAL K 286 -21.81 -26.26 -11.71
CA VAL K 286 -21.52 -26.03 -13.12
C VAL K 286 -20.89 -24.65 -13.21
N GLU K 287 -19.59 -24.60 -13.54
CA GLU K 287 -18.79 -23.38 -13.47
C GLU K 287 -18.33 -22.96 -14.86
N TYR K 288 -18.52 -21.66 -15.18
CA TYR K 288 -17.97 -21.03 -16.37
C TYR K 288 -17.00 -19.93 -15.96
N LYS K 289 -15.84 -19.89 -16.59
CA LYS K 289 -14.86 -18.88 -16.24
C LYS K 289 -15.16 -17.59 -17.00
N VAL K 290 -14.95 -16.46 -16.34
CA VAL K 290 -15.26 -15.14 -16.90
C VAL K 290 -13.95 -14.59 -17.43
N ALA K 291 -13.69 -14.83 -18.72
CA ALA K 291 -12.40 -14.57 -19.32
C ALA K 291 -11.31 -15.11 -18.39
N GLU K 292 -10.44 -14.22 -17.93
CA GLU K 292 -9.39 -14.58 -16.99
C GLU K 292 -9.55 -13.84 -15.67
N MET K 293 -10.76 -13.39 -15.35
CA MET K 293 -10.95 -12.49 -14.21
C MET K 293 -12.08 -12.92 -13.26
N GLY K 294 -12.65 -14.11 -13.44
CA GLY K 294 -13.57 -14.60 -12.42
C GLY K 294 -14.36 -15.80 -12.90
N TYR K 295 -15.56 -15.94 -12.37
CA TYR K 295 -16.37 -17.11 -12.68
C TYR K 295 -17.83 -16.79 -12.48
N ILE K 296 -18.66 -17.61 -13.11
CA ILE K 296 -20.05 -17.82 -12.73
C ILE K 296 -20.16 -19.28 -12.31
N ARG K 297 -20.64 -19.53 -11.10
CA ARG K 297 -20.87 -20.87 -10.61
C ARG K 297 -22.35 -21.08 -10.38
N TYR K 298 -22.89 -22.15 -10.94
CA TYR K 298 -24.29 -22.54 -10.74
C TYR K 298 -24.34 -23.80 -9.88
N TYR K 299 -25.22 -23.79 -8.88
CA TYR K 299 -25.46 -24.94 -8.00
C TYR K 299 -26.89 -25.40 -8.21
N LEU K 300 -27.09 -26.71 -8.43
CA LEU K 300 -28.41 -27.26 -8.66
C LEU K 300 -28.67 -28.42 -7.70
N ALA K 301 -29.72 -28.29 -6.89
CA ALA K 301 -30.10 -29.34 -5.96
C ALA K 301 -30.57 -30.58 -6.74
N PRO K 302 -30.12 -31.77 -6.35
CA PRO K 302 -30.48 -32.97 -7.11
C PRO K 302 -31.92 -33.40 -6.85
N LYS K 303 -32.42 -34.26 -7.72
CA LYS K 303 -33.64 -35.03 -7.50
C LYS K 303 -33.25 -36.41 -6.96
N ILE K 304 -33.87 -36.82 -5.85
CA ILE K 304 -33.46 -38.02 -5.14
C ILE K 304 -34.67 -38.94 -4.89
N GLU K 305 -34.36 -40.16 -4.47
CA GLU K 305 -35.38 -41.13 -4.06
C GLU K 305 -36.22 -40.61 -2.90
N PRO L 2 -34.85 -40.79 -8.56
CA PRO L 2 -35.25 -39.53 -9.17
C PRO L 2 -36.75 -39.28 -9.04
N LEU L 3 -37.21 -39.04 -7.82
CA LEU L 3 -38.62 -38.77 -7.56
C LEU L 3 -38.87 -37.42 -6.93
N VAL L 4 -38.00 -36.95 -6.02
CA VAL L 4 -38.26 -35.75 -5.23
C VAL L 4 -37.17 -34.72 -5.46
N GLN L 5 -37.55 -33.54 -5.93
CA GLN L 5 -36.63 -32.41 -6.09
C GLN L 5 -36.27 -31.83 -4.73
N THR L 6 -34.98 -31.84 -4.40
CA THR L 6 -34.54 -31.22 -3.17
C THR L 6 -34.33 -29.73 -3.40
N LYS L 7 -34.10 -29.01 -2.32
CA LYS L 7 -33.87 -27.57 -2.36
C LYS L 7 -32.45 -27.28 -1.93
N ILE L 8 -31.95 -26.14 -2.41
CA ILE L 8 -30.63 -25.67 -2.03
C ILE L 8 -30.52 -25.56 -0.52
N ILE L 9 -31.58 -25.03 0.13
CA ILE L 9 -31.54 -24.82 1.57
C ILE L 9 -31.57 -26.12 2.35
N ASP L 10 -31.82 -27.25 1.68
CA ASP L 10 -31.53 -28.54 2.30
C ASP L 10 -30.03 -28.78 2.44
N PHE L 11 -29.18 -28.00 1.78
CA PHE L 11 -27.75 -28.32 1.74
C PHE L 11 -26.86 -27.23 2.31
N PHE L 12 -27.13 -25.97 2.00
CA PHE L 12 -26.35 -24.88 2.56
C PHE L 12 -27.19 -24.14 3.60
N ARG L 13 -26.53 -23.62 4.63
CA ARG L 13 -27.21 -22.83 5.64
C ARG L 13 -26.79 -21.37 5.53
N ILE L 14 -27.52 -20.51 6.23
CA ILE L 14 -27.26 -19.09 6.17
C ILE L 14 -26.01 -18.70 6.94
#